data_4G4X
# 
_entry.id   4G4X 
# 
_audit_conform.dict_name       mmcif_pdbx.dic 
_audit_conform.dict_version    5.388 
_audit_conform.dict_location   http://mmcif.pdb.org/dictionaries/ascii/mmcif_pdbx.dic 
# 
loop_
_database_2.database_id 
_database_2.database_code 
_database_2.pdbx_database_accession 
_database_2.pdbx_DOI 
PDB   4G4X         pdb_00004g4x 10.2210/pdb4g4x/pdb 
RCSB  RCSB073742   ?            ?                   
WWPDB D_1000073742 ?            ?                   
# 
loop_
_pdbx_audit_revision_history.ordinal 
_pdbx_audit_revision_history.data_content_type 
_pdbx_audit_revision_history.major_revision 
_pdbx_audit_revision_history.minor_revision 
_pdbx_audit_revision_history.revision_date 
1 'Structure model' 1 0 2013-07-24 
2 'Structure model' 1 1 2024-03-20 
# 
_pdbx_audit_revision_details.ordinal             1 
_pdbx_audit_revision_details.revision_ordinal    1 
_pdbx_audit_revision_details.data_content_type   'Structure model' 
_pdbx_audit_revision_details.provider            repository 
_pdbx_audit_revision_details.type                'Initial release' 
_pdbx_audit_revision_details.description         ? 
_pdbx_audit_revision_details.details             ? 
# 
loop_
_pdbx_audit_revision_group.ordinal 
_pdbx_audit_revision_group.revision_ordinal 
_pdbx_audit_revision_group.data_content_type 
_pdbx_audit_revision_group.group 
1 2 'Structure model' 'Data collection'      
2 2 'Structure model' 'Database references'  
3 2 'Structure model' 'Derived calculations' 
# 
loop_
_pdbx_audit_revision_category.ordinal 
_pdbx_audit_revision_category.revision_ordinal 
_pdbx_audit_revision_category.data_content_type 
_pdbx_audit_revision_category.category 
1 2 'Structure model' chem_comp_atom     
2 2 'Structure model' chem_comp_bond     
3 2 'Structure model' database_2         
4 2 'Structure model' struct_ref_seq_dif 
5 2 'Structure model' struct_site        
# 
loop_
_pdbx_audit_revision_item.ordinal 
_pdbx_audit_revision_item.revision_ordinal 
_pdbx_audit_revision_item.data_content_type 
_pdbx_audit_revision_item.item 
1 2 'Structure model' '_database_2.pdbx_DOI'                
2 2 'Structure model' '_database_2.pdbx_database_accession' 
3 2 'Structure model' '_struct_ref_seq_dif.details'         
4 2 'Structure model' '_struct_site.pdbx_auth_asym_id'      
5 2 'Structure model' '_struct_site.pdbx_auth_comp_id'      
6 2 'Structure model' '_struct_site.pdbx_auth_seq_id'       
# 
_pdbx_database_status.entry_id                        4G4X 
_pdbx_database_status.status_code                     REL 
_pdbx_database_status.methods_development_category    ? 
_pdbx_database_status.deposit_site                    RCSB 
_pdbx_database_status.process_site                    PDBJ 
_pdbx_database_status.recvd_initial_deposition_date   2012-07-16 
_pdbx_database_status.status_code_sf                  REL 
_pdbx_database_status.status_code_mr                  ? 
_pdbx_database_status.SG_entry                        ? 
_pdbx_database_status.status_code_cs                  ? 
_pdbx_database_status.pdb_format_compatible           Y 
_pdbx_database_status.status_code_nmr_data            ? 
# 
loop_
_pdbx_database_related.db_name 
_pdbx_database_related.db_id 
_pdbx_database_related.details 
_pdbx_database_related.content_type 
PDB 4G4V . unspecified 
PDB 4G4W . unspecified 
PDB 4G4Y . unspecified 
PDB 4G4Z . unspecified 
PDB 4G88 . unspecified 
# 
loop_
_audit_author.name 
_audit_author.pdbx_ordinal 
'Lee, W.C.'  1 
'Song, J.H.' 2 
'Park, J.S.' 3 
'Kim, H.Y.'  4 
# 
_citation.id                        primary 
_citation.title                     
;Enantiomer-dependent amino acid binding affinity of OmpA-like domains from Acinetobacter baumannii peptidoglycan-associated lipoprotein and OmpA
;
_citation.journal_abbrev            'To be Published' 
_citation.journal_volume            ? 
_citation.page_first                ? 
_citation.page_last                 ? 
_citation.year                      ? 
_citation.journal_id_ASTM           ? 
_citation.country                   ? 
_citation.journal_id_ISSN           ? 
_citation.journal_id_CSD            0353 
_citation.book_publisher            ? 
_citation.pdbx_database_id_PubMed   ? 
_citation.pdbx_database_id_DOI      ? 
# 
loop_
_citation_author.citation_id 
_citation_author.name 
_citation_author.ordinal 
_citation_author.identifier_ORCID 
primary 'Lee, W.C.'  1 ? 
primary 'Park, J.S.' 2 ? 
primary 'Song, J.H.' 3 ? 
primary 'Kim, S.I.'  4 ? 
primary 'Lee, J.C.'  5 ? 
primary 'Cheong, J.' 6 ? 
primary 'Kim, H.Y.'  7 ? 
# 
loop_
_entity.id 
_entity.type 
_entity.src_method 
_entity.pdbx_description 
_entity.formula_weight 
_entity.pdbx_number_of_molecules 
_entity.pdbx_ec 
_entity.pdbx_mutation 
_entity.pdbx_fragment 
_entity.details 
1 polymer     man 'Peptidoglycan-associated lipoprotein' 12814.040 1   ? ? 'UNP residues 75-184' ? 
2 non-polymer syn D-ALANINE                              89.093    1   ? ? ?                     ? 
3 non-polymer syn GLYCEROL                               92.094    2   ? ? ?                     ? 
4 non-polymer syn 'SULFATE ION'                          96.063    1   ? ? ?                     ? 
5 water       nat water                                  18.015    111 ? ? ?                     ? 
# 
_entity_poly.entity_id                      1 
_entity_poly.type                           'polypeptide(L)' 
_entity_poly.nstd_linkage                   no 
_entity_poly.nstd_monomer                   no 
_entity_poly.pdbx_seq_one_letter_code       
;GSHMALAKRVVHFDYDSSDLSTEDYQTLQAHAQFLMANANSKVALTGHTDERGTREYNMALGERRAKAVQNYLITSGVNP
QQLEAVSYGKEAPVNPGHDESAWKENRRVEINYE
;
_entity_poly.pdbx_seq_one_letter_code_can   
;GSHMALAKRVVHFDYDSSDLSTEDYQTLQAHAQFLMANANSKVALTGHTDERGTREYNMALGERRAKAVQNYLITSGVNP
QQLEAVSYGKEAPVNPGHDESAWKENRRVEINYE
;
_entity_poly.pdbx_strand_id                 A 
_entity_poly.pdbx_target_identifier         ? 
# 
loop_
_pdbx_entity_nonpoly.entity_id 
_pdbx_entity_nonpoly.name 
_pdbx_entity_nonpoly.comp_id 
2 D-ALANINE     DAL 
3 GLYCEROL      GOL 
4 'SULFATE ION' SO4 
5 water         HOH 
# 
loop_
_entity_poly_seq.entity_id 
_entity_poly_seq.num 
_entity_poly_seq.mon_id 
_entity_poly_seq.hetero 
1 1   GLY n 
1 2   SER n 
1 3   HIS n 
1 4   MET n 
1 5   ALA n 
1 6   LEU n 
1 7   ALA n 
1 8   LYS n 
1 9   ARG n 
1 10  VAL n 
1 11  VAL n 
1 12  HIS n 
1 13  PHE n 
1 14  ASP n 
1 15  TYR n 
1 16  ASP n 
1 17  SER n 
1 18  SER n 
1 19  ASP n 
1 20  LEU n 
1 21  SER n 
1 22  THR n 
1 23  GLU n 
1 24  ASP n 
1 25  TYR n 
1 26  GLN n 
1 27  THR n 
1 28  LEU n 
1 29  GLN n 
1 30  ALA n 
1 31  HIS n 
1 32  ALA n 
1 33  GLN n 
1 34  PHE n 
1 35  LEU n 
1 36  MET n 
1 37  ALA n 
1 38  ASN n 
1 39  ALA n 
1 40  ASN n 
1 41  SER n 
1 42  LYS n 
1 43  VAL n 
1 44  ALA n 
1 45  LEU n 
1 46  THR n 
1 47  GLY n 
1 48  HIS n 
1 49  THR n 
1 50  ASP n 
1 51  GLU n 
1 52  ARG n 
1 53  GLY n 
1 54  THR n 
1 55  ARG n 
1 56  GLU n 
1 57  TYR n 
1 58  ASN n 
1 59  MET n 
1 60  ALA n 
1 61  LEU n 
1 62  GLY n 
1 63  GLU n 
1 64  ARG n 
1 65  ARG n 
1 66  ALA n 
1 67  LYS n 
1 68  ALA n 
1 69  VAL n 
1 70  GLN n 
1 71  ASN n 
1 72  TYR n 
1 73  LEU n 
1 74  ILE n 
1 75  THR n 
1 76  SER n 
1 77  GLY n 
1 78  VAL n 
1 79  ASN n 
1 80  PRO n 
1 81  GLN n 
1 82  GLN n 
1 83  LEU n 
1 84  GLU n 
1 85  ALA n 
1 86  VAL n 
1 87  SER n 
1 88  TYR n 
1 89  GLY n 
1 90  LYS n 
1 91  GLU n 
1 92  ALA n 
1 93  PRO n 
1 94  VAL n 
1 95  ASN n 
1 96  PRO n 
1 97  GLY n 
1 98  HIS n 
1 99  ASP n 
1 100 GLU n 
1 101 SER n 
1 102 ALA n 
1 103 TRP n 
1 104 LYS n 
1 105 GLU n 
1 106 ASN n 
1 107 ARG n 
1 108 ARG n 
1 109 VAL n 
1 110 GLU n 
1 111 ILE n 
1 112 ASN n 
1 113 TYR n 
1 114 GLU n 
# 
_entity_src_gen.entity_id                          1 
_entity_src_gen.pdbx_src_id                        1 
_entity_src_gen.pdbx_alt_source_flag               sample 
_entity_src_gen.pdbx_seq_type                      ? 
_entity_src_gen.pdbx_beg_seq_num                   ? 
_entity_src_gen.pdbx_end_seq_num                   ? 
_entity_src_gen.gene_src_common_name               ? 
_entity_src_gen.gene_src_genus                     ? 
_entity_src_gen.pdbx_gene_src_gene                 pal 
_entity_src_gen.gene_src_species                   ? 
_entity_src_gen.gene_src_strain                    TCDC-AB0715 
_entity_src_gen.gene_src_tissue                    ? 
_entity_src_gen.gene_src_tissue_fraction           ? 
_entity_src_gen.gene_src_details                   ? 
_entity_src_gen.pdbx_gene_src_fragment             ? 
_entity_src_gen.pdbx_gene_src_scientific_name      'Acinetobacter baumannii' 
_entity_src_gen.pdbx_gene_src_ncbi_taxonomy_id     980514 
_entity_src_gen.pdbx_gene_src_variant              ? 
_entity_src_gen.pdbx_gene_src_cell_line            ? 
_entity_src_gen.pdbx_gene_src_atcc                 ? 
_entity_src_gen.pdbx_gene_src_organ                ? 
_entity_src_gen.pdbx_gene_src_organelle            ? 
_entity_src_gen.pdbx_gene_src_cell                 ? 
_entity_src_gen.pdbx_gene_src_cellular_location    ? 
_entity_src_gen.host_org_common_name               ? 
_entity_src_gen.pdbx_host_org_scientific_name      'Escherichia coli' 
_entity_src_gen.pdbx_host_org_ncbi_taxonomy_id     562 
_entity_src_gen.host_org_genus                     ? 
_entity_src_gen.pdbx_host_org_gene                 ? 
_entity_src_gen.pdbx_host_org_organ                ? 
_entity_src_gen.host_org_species                   ? 
_entity_src_gen.pdbx_host_org_tissue               ? 
_entity_src_gen.pdbx_host_org_tissue_fraction      ? 
_entity_src_gen.pdbx_host_org_strain               'BL21(DE3)' 
_entity_src_gen.pdbx_host_org_variant              ? 
_entity_src_gen.pdbx_host_org_cell_line            ? 
_entity_src_gen.pdbx_host_org_atcc                 ? 
_entity_src_gen.pdbx_host_org_culture_collection   ? 
_entity_src_gen.pdbx_host_org_cell                 ? 
_entity_src_gen.pdbx_host_org_organelle            ? 
_entity_src_gen.pdbx_host_org_cellular_location    ? 
_entity_src_gen.pdbx_host_org_vector_type          plasmid 
_entity_src_gen.pdbx_host_org_vector               ? 
_entity_src_gen.host_org_details                   ? 
_entity_src_gen.expression_system_id               ? 
_entity_src_gen.plasmid_name                       pET28a 
_entity_src_gen.plasmid_details                    ? 
_entity_src_gen.pdbx_description                   ? 
# 
loop_
_chem_comp.id 
_chem_comp.type 
_chem_comp.mon_nstd_flag 
_chem_comp.name 
_chem_comp.pdbx_synonyms 
_chem_comp.formula 
_chem_comp.formula_weight 
ALA 'L-peptide linking' y ALANINE         ?                               'C3 H7 N O2'     89.093  
ARG 'L-peptide linking' y ARGININE        ?                               'C6 H15 N4 O2 1' 175.209 
ASN 'L-peptide linking' y ASPARAGINE      ?                               'C4 H8 N2 O3'    132.118 
ASP 'L-peptide linking' y 'ASPARTIC ACID' ?                               'C4 H7 N O4'     133.103 
DAL 'D-peptide linking' . D-ALANINE       ?                               'C3 H7 N O2'     89.093  
GLN 'L-peptide linking' y GLUTAMINE       ?                               'C5 H10 N2 O3'   146.144 
GLU 'L-peptide linking' y 'GLUTAMIC ACID' ?                               'C5 H9 N O4'     147.129 
GLY 'peptide linking'   y GLYCINE         ?                               'C2 H5 N O2'     75.067  
GOL non-polymer         . GLYCEROL        'GLYCERIN; PROPANE-1,2,3-TRIOL' 'C3 H8 O3'       92.094  
HIS 'L-peptide linking' y HISTIDINE       ?                               'C6 H10 N3 O2 1' 156.162 
HOH non-polymer         . WATER           ?                               'H2 O'           18.015  
ILE 'L-peptide linking' y ISOLEUCINE      ?                               'C6 H13 N O2'    131.173 
LEU 'L-peptide linking' y LEUCINE         ?                               'C6 H13 N O2'    131.173 
LYS 'L-peptide linking' y LYSINE          ?                               'C6 H15 N2 O2 1' 147.195 
MET 'L-peptide linking' y METHIONINE      ?                               'C5 H11 N O2 S'  149.211 
PHE 'L-peptide linking' y PHENYLALANINE   ?                               'C9 H11 N O2'    165.189 
PRO 'L-peptide linking' y PROLINE         ?                               'C5 H9 N O2'     115.130 
SER 'L-peptide linking' y SERINE          ?                               'C3 H7 N O3'     105.093 
SO4 non-polymer         . 'SULFATE ION'   ?                               'O4 S -2'        96.063  
THR 'L-peptide linking' y THREONINE       ?                               'C4 H9 N O3'     119.119 
TRP 'L-peptide linking' y TRYPTOPHAN      ?                               'C11 H12 N2 O2'  204.225 
TYR 'L-peptide linking' y TYROSINE        ?                               'C9 H11 N O3'    181.189 
VAL 'L-peptide linking' y VALINE          ?                               'C5 H11 N O2'    117.146 
# 
loop_
_pdbx_poly_seq_scheme.asym_id 
_pdbx_poly_seq_scheme.entity_id 
_pdbx_poly_seq_scheme.seq_id 
_pdbx_poly_seq_scheme.mon_id 
_pdbx_poly_seq_scheme.ndb_seq_num 
_pdbx_poly_seq_scheme.pdb_seq_num 
_pdbx_poly_seq_scheme.auth_seq_num 
_pdbx_poly_seq_scheme.pdb_mon_id 
_pdbx_poly_seq_scheme.auth_mon_id 
_pdbx_poly_seq_scheme.pdb_strand_id 
_pdbx_poly_seq_scheme.pdb_ins_code 
_pdbx_poly_seq_scheme.hetero 
A 1 1   GLY 1   71  ?   ?   ?   A . n 
A 1 2   SER 2   72  ?   ?   ?   A . n 
A 1 3   HIS 3   73  ?   ?   ?   A . n 
A 1 4   MET 4   74  ?   ?   ?   A . n 
A 1 5   ALA 5   75  ?   ?   ?   A . n 
A 1 6   LEU 6   76  ?   ?   ?   A . n 
A 1 7   ALA 7   77  77  ALA ALA A . n 
A 1 8   LYS 8   78  78  LYS LYS A . n 
A 1 9   ARG 9   79  79  ARG ARG A . n 
A 1 10  VAL 10  80  80  VAL VAL A . n 
A 1 11  VAL 11  81  81  VAL VAL A . n 
A 1 12  HIS 12  82  82  HIS HIS A . n 
A 1 13  PHE 13  83  83  PHE PHE A . n 
A 1 14  ASP 14  84  84  ASP ASP A . n 
A 1 15  TYR 15  85  85  TYR TYR A . n 
A 1 16  ASP 16  86  86  ASP ASP A . n 
A 1 17  SER 17  87  87  SER SER A . n 
A 1 18  SER 18  88  88  SER SER A . n 
A 1 19  ASP 19  89  89  ASP ASP A . n 
A 1 20  LEU 20  90  90  LEU LEU A . n 
A 1 21  SER 21  91  91  SER SER A . n 
A 1 22  THR 22  92  92  THR THR A . n 
A 1 23  GLU 23  93  93  GLU GLU A . n 
A 1 24  ASP 24  94  94  ASP ASP A . n 
A 1 25  TYR 25  95  95  TYR TYR A . n 
A 1 26  GLN 26  96  96  GLN GLN A . n 
A 1 27  THR 27  97  97  THR THR A . n 
A 1 28  LEU 28  98  98  LEU LEU A . n 
A 1 29  GLN 29  99  99  GLN GLN A . n 
A 1 30  ALA 30  100 100 ALA ALA A . n 
A 1 31  HIS 31  101 101 HIS HIS A . n 
A 1 32  ALA 32  102 102 ALA ALA A . n 
A 1 33  GLN 33  103 103 GLN GLN A . n 
A 1 34  PHE 34  104 104 PHE PHE A . n 
A 1 35  LEU 35  105 105 LEU LEU A . n 
A 1 36  MET 36  106 106 MET MET A . n 
A 1 37  ALA 37  107 107 ALA ALA A . n 
A 1 38  ASN 38  108 108 ASN ASN A . n 
A 1 39  ALA 39  109 109 ALA ALA A . n 
A 1 40  ASN 40  110 110 ASN ASN A . n 
A 1 41  SER 41  111 111 SER SER A . n 
A 1 42  LYS 42  112 112 LYS LYS A . n 
A 1 43  VAL 43  113 113 VAL VAL A . n 
A 1 44  ALA 44  114 114 ALA ALA A . n 
A 1 45  LEU 45  115 115 LEU LEU A . n 
A 1 46  THR 46  116 116 THR THR A . n 
A 1 47  GLY 47  117 117 GLY GLY A . n 
A 1 48  HIS 48  118 118 HIS HIS A . n 
A 1 49  THR 49  119 119 THR THR A . n 
A 1 50  ASP 50  120 120 ASP ASP A . n 
A 1 51  GLU 51  121 121 GLU GLU A . n 
A 1 52  ARG 52  122 122 ARG ARG A . n 
A 1 53  GLY 53  123 123 GLY GLY A . n 
A 1 54  THR 54  124 124 THR THR A . n 
A 1 55  ARG 55  125 125 ARG ARG A . n 
A 1 56  GLU 56  126 126 GLU GLU A . n 
A 1 57  TYR 57  127 127 TYR TYR A . n 
A 1 58  ASN 58  128 128 ASN ASN A . n 
A 1 59  MET 59  129 129 MET MET A . n 
A 1 60  ALA 60  130 130 ALA ALA A . n 
A 1 61  LEU 61  131 131 LEU LEU A . n 
A 1 62  GLY 62  132 132 GLY GLY A . n 
A 1 63  GLU 63  133 133 GLU GLU A . n 
A 1 64  ARG 64  134 134 ARG ARG A . n 
A 1 65  ARG 65  135 135 ARG ARG A . n 
A 1 66  ALA 66  136 136 ALA ALA A . n 
A 1 67  LYS 67  137 137 LYS LYS A . n 
A 1 68  ALA 68  138 138 ALA ALA A . n 
A 1 69  VAL 69  139 139 VAL VAL A . n 
A 1 70  GLN 70  140 140 GLN GLN A . n 
A 1 71  ASN 71  141 141 ASN ASN A . n 
A 1 72  TYR 72  142 142 TYR TYR A . n 
A 1 73  LEU 73  143 143 LEU LEU A . n 
A 1 74  ILE 74  144 144 ILE ILE A . n 
A 1 75  THR 75  145 145 THR THR A . n 
A 1 76  SER 76  146 146 SER SER A . n 
A 1 77  GLY 77  147 147 GLY GLY A . n 
A 1 78  VAL 78  148 148 VAL VAL A . n 
A 1 79  ASN 79  149 149 ASN ASN A . n 
A 1 80  PRO 80  150 150 PRO PRO A . n 
A 1 81  GLN 81  151 151 GLN GLN A . n 
A 1 82  GLN 82  152 152 GLN GLN A . n 
A 1 83  LEU 83  153 153 LEU LEU A . n 
A 1 84  GLU 84  154 154 GLU GLU A . n 
A 1 85  ALA 85  155 155 ALA ALA A . n 
A 1 86  VAL 86  156 156 VAL VAL A . n 
A 1 87  SER 87  157 157 SER SER A . n 
A 1 88  TYR 88  158 158 TYR TYR A . n 
A 1 89  GLY 89  159 159 GLY GLY A . n 
A 1 90  LYS 90  160 160 LYS LYS A . n 
A 1 91  GLU 91  161 161 GLU GLU A . n 
A 1 92  ALA 92  162 162 ALA ALA A . n 
A 1 93  PRO 93  163 163 PRO PRO A . n 
A 1 94  VAL 94  164 164 VAL VAL A . n 
A 1 95  ASN 95  165 165 ASN ASN A . n 
A 1 96  PRO 96  166 166 PRO PRO A . n 
A 1 97  GLY 97  167 167 GLY GLY A . n 
A 1 98  HIS 98  168 168 HIS HIS A . n 
A 1 99  ASP 99  169 169 ASP ASP A . n 
A 1 100 GLU 100 170 170 GLU GLU A . n 
A 1 101 SER 101 171 171 SER SER A . n 
A 1 102 ALA 102 172 172 ALA ALA A . n 
A 1 103 TRP 103 173 173 TRP TRP A . n 
A 1 104 LYS 104 174 174 LYS LYS A . n 
A 1 105 GLU 105 175 175 GLU GLU A . n 
A 1 106 ASN 106 176 176 ASN ASN A . n 
A 1 107 ARG 107 177 177 ARG ARG A . n 
A 1 108 ARG 108 178 178 ARG ARG A . n 
A 1 109 VAL 109 179 179 VAL VAL A . n 
A 1 110 GLU 110 180 180 GLU GLU A . n 
A 1 111 ILE 111 181 181 ILE ILE A . n 
A 1 112 ASN 112 182 182 ASN ASN A . n 
A 1 113 TYR 113 183 183 TYR TYR A . n 
A 1 114 GLU 114 184 184 GLU GLY A . n 
# 
loop_
_pdbx_nonpoly_scheme.asym_id 
_pdbx_nonpoly_scheme.entity_id 
_pdbx_nonpoly_scheme.mon_id 
_pdbx_nonpoly_scheme.ndb_seq_num 
_pdbx_nonpoly_scheme.pdb_seq_num 
_pdbx_nonpoly_scheme.auth_seq_num 
_pdbx_nonpoly_scheme.pdb_mon_id 
_pdbx_nonpoly_scheme.auth_mon_id 
_pdbx_nonpoly_scheme.pdb_strand_id 
_pdbx_nonpoly_scheme.pdb_ins_code 
B 2 DAL 1   201 201 DAL DAL A . 
C 3 GOL 1   202 301 GOL GOL A . 
D 3 GOL 1   203 302 GOL GOL A . 
E 4 SO4 1   204 303 SO4 SO4 A . 
F 5 HOH 1   301 2   HOH HOH A . 
F 5 HOH 2   302 4   HOH HOH A . 
F 5 HOH 3   303 5   HOH HOH A . 
F 5 HOH 4   304 6   HOH HOH A . 
F 5 HOH 5   305 7   HOH HOH A . 
F 5 HOH 6   306 8   HOH HOH A . 
F 5 HOH 7   307 9   HOH HOH A . 
F 5 HOH 8   308 11  HOH HOH A . 
F 5 HOH 9   309 12  HOH HOH A . 
F 5 HOH 10  310 13  HOH HOH A . 
F 5 HOH 11  311 14  HOH HOH A . 
F 5 HOH 12  312 15  HOH HOH A . 
F 5 HOH 13  313 17  HOH HOH A . 
F 5 HOH 14  314 19  HOH HOH A . 
F 5 HOH 15  315 20  HOH HOH A . 
F 5 HOH 16  316 22  HOH HOH A . 
F 5 HOH 17  317 24  HOH HOH A . 
F 5 HOH 18  318 25  HOH HOH A . 
F 5 HOH 19  319 26  HOH HOH A . 
F 5 HOH 20  320 29  HOH HOH A . 
F 5 HOH 21  321 30  HOH HOH A . 
F 5 HOH 22  322 31  HOH HOH A . 
F 5 HOH 23  323 32  HOH HOH A . 
F 5 HOH 24  324 33  HOH HOH A . 
F 5 HOH 25  325 34  HOH HOH A . 
F 5 HOH 26  326 35  HOH HOH A . 
F 5 HOH 27  327 36  HOH HOH A . 
F 5 HOH 28  328 37  HOH HOH A . 
F 5 HOH 29  329 38  HOH HOH A . 
F 5 HOH 30  330 39  HOH HOH A . 
F 5 HOH 31  331 40  HOH HOH A . 
F 5 HOH 32  332 41  HOH HOH A . 
F 5 HOH 33  333 42  HOH HOH A . 
F 5 HOH 34  334 43  HOH HOH A . 
F 5 HOH 35  335 44  HOH HOH A . 
F 5 HOH 36  336 45  HOH HOH A . 
F 5 HOH 37  337 46  HOH HOH A . 
F 5 HOH 38  338 48  HOH HOH A . 
F 5 HOH 39  339 49  HOH HOH A . 
F 5 HOH 40  340 50  HOH HOH A . 
F 5 HOH 41  341 51  HOH HOH A . 
F 5 HOH 42  342 53  HOH HOH A . 
F 5 HOH 43  343 54  HOH HOH A . 
F 5 HOH 44  344 55  HOH HOH A . 
F 5 HOH 45  345 56  HOH HOH A . 
F 5 HOH 46  346 57  HOH HOH A . 
F 5 HOH 47  347 58  HOH HOH A . 
F 5 HOH 48  348 59  HOH HOH A . 
F 5 HOH 49  349 60  HOH HOH A . 
F 5 HOH 50  350 61  HOH HOH A . 
F 5 HOH 51  351 62  HOH HOH A . 
F 5 HOH 52  352 63  HOH HOH A . 
F 5 HOH 53  353 64  HOH HOH A . 
F 5 HOH 54  354 65  HOH HOH A . 
F 5 HOH 55  355 66  HOH HOH A . 
F 5 HOH 56  356 67  HOH HOH A . 
F 5 HOH 57  357 68  HOH HOH A . 
F 5 HOH 58  358 69  HOH HOH A . 
F 5 HOH 59  359 70  HOH HOH A . 
F 5 HOH 60  360 72  HOH HOH A . 
F 5 HOH 61  361 73  HOH HOH A . 
F 5 HOH 62  362 75  HOH HOH A . 
F 5 HOH 63  363 76  HOH HOH A . 
F 5 HOH 64  364 77  HOH HOH A . 
F 5 HOH 65  365 79  HOH HOH A . 
F 5 HOH 66  366 80  HOH HOH A . 
F 5 HOH 67  367 81  HOH HOH A . 
F 5 HOH 68  368 83  HOH HOH A . 
F 5 HOH 69  369 84  HOH HOH A . 
F 5 HOH 70  370 85  HOH HOH A . 
F 5 HOH 71  371 86  HOH HOH A . 
F 5 HOH 72  372 89  HOH HOH A . 
F 5 HOH 73  373 90  HOH HOH A . 
F 5 HOH 74  374 91  HOH HOH A . 
F 5 HOH 75  375 92  HOH HOH A . 
F 5 HOH 76  376 93  HOH HOH A . 
F 5 HOH 77  377 94  HOH HOH A . 
F 5 HOH 78  378 95  HOH HOH A . 
F 5 HOH 79  379 96  HOH HOH A . 
F 5 HOH 80  380 98  HOH HOH A . 
F 5 HOH 81  381 100 HOH HOH A . 
F 5 HOH 82  382 101 HOH HOH A . 
F 5 HOH 83  383 102 HOH HOH A . 
F 5 HOH 84  384 104 HOH HOH A . 
F 5 HOH 85  385 106 HOH HOH A . 
F 5 HOH 86  386 107 HOH HOH A . 
F 5 HOH 87  387 108 HOH HOH A . 
F 5 HOH 88  388 110 HOH HOH A . 
F 5 HOH 89  389 112 HOH HOH A . 
F 5 HOH 90  390 114 HOH HOH A . 
F 5 HOH 91  391 115 HOH HOH A . 
F 5 HOH 92  392 116 HOH HOH A . 
F 5 HOH 93  393 120 HOH HOH A . 
F 5 HOH 94  394 124 HOH HOH A . 
F 5 HOH 95  395 125 HOH HOH A . 
F 5 HOH 96  396 128 HOH HOH A . 
F 5 HOH 97  397 134 HOH HOH A . 
F 5 HOH 98  398 137 HOH HOH A . 
F 5 HOH 99  399 138 HOH HOH A . 
F 5 HOH 100 400 139 HOH HOH A . 
F 5 HOH 101 401 140 HOH HOH A . 
F 5 HOH 102 402 141 HOH HOH A . 
F 5 HOH 103 403 142 HOH HOH A . 
F 5 HOH 104 404 143 HOH HOH A . 
F 5 HOH 105 405 144 HOH HOH A . 
F 5 HOH 106 406 145 HOH HOH A . 
F 5 HOH 107 407 146 HOH HOH A . 
F 5 HOH 108 408 147 HOH HOH A . 
F 5 HOH 109 409 148 HOH HOH A . 
F 5 HOH 110 410 149 HOH HOH A . 
F 5 HOH 111 411 150 HOH HOH A . 
# 
loop_
_pdbx_unobs_or_zero_occ_atoms.id 
_pdbx_unobs_or_zero_occ_atoms.PDB_model_num 
_pdbx_unobs_or_zero_occ_atoms.polymer_flag 
_pdbx_unobs_or_zero_occ_atoms.occupancy_flag 
_pdbx_unobs_or_zero_occ_atoms.auth_asym_id 
_pdbx_unobs_or_zero_occ_atoms.auth_comp_id 
_pdbx_unobs_or_zero_occ_atoms.auth_seq_id 
_pdbx_unobs_or_zero_occ_atoms.PDB_ins_code 
_pdbx_unobs_or_zero_occ_atoms.auth_atom_id 
_pdbx_unobs_or_zero_occ_atoms.label_alt_id 
_pdbx_unobs_or_zero_occ_atoms.label_asym_id 
_pdbx_unobs_or_zero_occ_atoms.label_comp_id 
_pdbx_unobs_or_zero_occ_atoms.label_seq_id 
_pdbx_unobs_or_zero_occ_atoms.label_atom_id 
1 1 Y 1 A GLU 184 ? CB  ? A GLU 114 CB  
2 1 Y 1 A GLU 184 ? CG  ? A GLU 114 CG  
3 1 Y 1 A GLU 184 ? CD  ? A GLU 114 CD  
4 1 Y 1 A GLU 184 ? OE1 ? A GLU 114 OE1 
5 1 Y 1 A GLU 184 ? OE2 ? A GLU 114 OE2 
# 
loop_
_software.pdbx_ordinal 
_software.name 
_software.version 
_software.date 
_software.type 
_software.contact_author 
_software.contact_author_email 
_software.classification 
_software.location 
_software.language 
_software.citation_id 
1 CNS         .    ?                package 'Axel T. Brunger' axel.brunger@yale.edu    refinement        http://cns-online.org/ 
Fortran_77 ? 
2 PDB_EXTRACT 3.11 'April 22, 2011' package PDB               deposit@deposit.rcsb.org 'data extraction' 
http://sw-tools.pdb.org/apps/PDB_EXTRACT/ C++        ? 
# 
_cell.length_a           28.420 
_cell.length_b           53.840 
_cell.length_c           140.920 
_cell.angle_alpha        90.000 
_cell.angle_beta         90.000 
_cell.angle_gamma        90.000 
_cell.entry_id           4G4X 
_cell.pdbx_unique_axis   ? 
_cell.Z_PDB              8 
_cell.length_a_esd       ? 
_cell.length_b_esd       ? 
_cell.length_c_esd       ? 
_cell.angle_alpha_esd    ? 
_cell.angle_beta_esd     ? 
_cell.angle_gamma_esd    ? 
# 
_symmetry.space_group_name_H-M             'C 2 2 21' 
_symmetry.entry_id                         4G4X 
_symmetry.pdbx_full_space_group_name_H-M   ? 
_symmetry.Int_Tables_number                20 
_symmetry.cell_setting                     ? 
_symmetry.space_group_name_Hall            ? 
# 
_exptl.crystals_number   1 
_exptl.entry_id          4G4X 
_exptl.method            'X-RAY DIFFRACTION' 
# 
_exptl_crystal.id                    1 
_exptl_crystal.pdbx_mosaicity        ? 
_exptl_crystal.pdbx_mosaicity_esd    ? 
_exptl_crystal.density_Matthews      2.10 
_exptl_crystal.density_diffrn        ? 
_exptl_crystal.density_meas          ? 
_exptl_crystal.density_meas_temp     ? 
_exptl_crystal.density_percent_sol   41.52 
_exptl_crystal.size_max              ? 
_exptl_crystal.size_mid              ? 
_exptl_crystal.size_min              ? 
_exptl_crystal.size_rad              ? 
_exptl_crystal.description           ? 
_exptl_crystal.F_000                 ? 
_exptl_crystal.preparation           ? 
# 
_exptl_crystal_grow.crystal_id      1 
_exptl_crystal_grow.method          'VAPOR DIFFUSION' 
_exptl_crystal_grow.pH              7.5 
_exptl_crystal_grow.temp            293 
_exptl_crystal_grow.pdbx_details    '0.1M HEPES NaOH, 2% PEG 400, 2.0M (NH4)2SO4, pH 7.5, VAPOR DIFFUSION, temperature 293K' 
_exptl_crystal_grow.temp_details    ? 
_exptl_crystal_grow.pdbx_pH_range   . 
# 
_diffrn.id                     1 
_diffrn.ambient_temp           100 
_diffrn.ambient_temp_details   ? 
_diffrn.crystal_id             1 
# 
_diffrn_detector.diffrn_id              1 
_diffrn_detector.detector               CCD 
_diffrn_detector.type                   'ADSC QUANTUM 270' 
_diffrn_detector.pdbx_collection_date   2011-07-03 
_diffrn_detector.details                ? 
# 
_diffrn_radiation.diffrn_id                        1 
_diffrn_radiation.pdbx_diffrn_protocol             'SINGLE WAVELENGTH' 
_diffrn_radiation.monochromator                    ? 
_diffrn_radiation.wavelength_id                    1 
_diffrn_radiation.pdbx_monochromatic_or_laue_m_l   M 
_diffrn_radiation.pdbx_scattering_type             x-ray 
# 
_diffrn_radiation_wavelength.id           1 
_diffrn_radiation_wavelength.wavelength   1.0 
_diffrn_radiation_wavelength.wt           1.0 
# 
_diffrn_source.diffrn_id                   1 
_diffrn_source.source                      SYNCHROTRON 
_diffrn_source.type                        'PHOTON FACTORY BEAMLINE BL-17A' 
_diffrn_source.pdbx_wavelength_list        1.0 
_diffrn_source.pdbx_wavelength             ? 
_diffrn_source.pdbx_synchrotron_site       'Photon Factory' 
_diffrn_source.pdbx_synchrotron_beamline   BL-17A 
# 
_reflns.entry_id                     4G4X 
_reflns.observed_criterion_sigma_F   ? 
_reflns.observed_criterion_sigma_I   ? 
_reflns.d_resolution_high            1.5 
_reflns.d_resolution_low             50 
_reflns.number_all                   ? 
_reflns.number_obs                   32078 
_reflns.percent_possible_obs         ? 
_reflns.pdbx_Rmerge_I_obs            ? 
_reflns.pdbx_Rsym_value              ? 
_reflns.pdbx_netI_over_sigmaI        ? 
_reflns.B_iso_Wilson_estimate        ? 
_reflns.pdbx_redundancy              ? 
_reflns.R_free_details               ? 
_reflns.limit_h_max                  ? 
_reflns.limit_h_min                  ? 
_reflns.limit_k_max                  ? 
_reflns.limit_k_min                  ? 
_reflns.limit_l_max                  ? 
_reflns.limit_l_min                  ? 
_reflns.observed_criterion_F_max     ? 
_reflns.observed_criterion_F_min     ? 
_reflns.pdbx_chi_squared             ? 
_reflns.pdbx_scaling_rejects         ? 
_reflns.pdbx_ordinal                 1 
_reflns.pdbx_diffrn_id               1 
# 
_refine.entry_id                                 4G4X 
_refine.ls_d_res_high                            1.5000 
_refine.ls_d_res_low                             50.0000 
_refine.pdbx_ls_sigma_F                          0.000 
_refine.pdbx_data_cutoff_high_absF               ? 
_refine.pdbx_data_cutoff_low_absF                ? 
_refine.ls_percent_reflns_obs                    97.4000 
_refine.ls_number_reflns_obs                     17394 
_refine.ls_number_reflns_all                     ? 
_refine.pdbx_ls_cross_valid_method               ? 
_refine.pdbx_R_Free_selection_details            ? 
_refine.details                                  ? 
_refine.ls_R_factor_all                          ? 
_refine.ls_R_factor_obs                          ? 
_refine.ls_R_factor_R_work                       0.1969 
_refine.ls_wR_factor_R_work                      ? 
_refine.ls_R_factor_R_free                       0.2124 
_refine.ls_wR_factor_R_free                      ? 
_refine.ls_percent_reflns_R_free                 4.7000 
_refine.ls_number_reflns_R_free                  842 
_refine.ls_R_factor_R_free_error                 ? 
_refine.B_iso_mean                               13.6107 
_refine.solvent_model_param_bsol                 53.6947 
_refine.solvent_model_param_ksol                 ? 
_refine.pdbx_isotropic_thermal_model             ? 
_refine.aniso_B[1][1]                            -0.3190 
_refine.aniso_B[2][2]                            2.1550 
_refine.aniso_B[3][3]                            -1.8360 
_refine.aniso_B[1][2]                            0.0000 
_refine.aniso_B[1][3]                            0.0000 
_refine.aniso_B[2][3]                            0.0000 
_refine.correlation_coeff_Fo_to_Fc               ? 
_refine.correlation_coeff_Fo_to_Fc_free          ? 
_refine.overall_SU_R_Cruickshank_DPI             ? 
_refine.overall_SU_R_free                        ? 
_refine.pdbx_overall_ESU_R                       ? 
_refine.pdbx_overall_ESU_R_Free                  ? 
_refine.overall_SU_ML                            ? 
_refine.overall_SU_B                             ? 
_refine.solvent_model_details                    ? 
_refine.pdbx_solvent_vdw_probe_radii             ? 
_refine.pdbx_solvent_ion_probe_radii             ? 
_refine.pdbx_solvent_shrinkage_radii             ? 
_refine.ls_number_parameters                     ? 
_refine.ls_number_restraints                     ? 
_refine.pdbx_starting_model                      ? 
_refine.pdbx_method_to_determine_struct          'MOLECULAR REPLACEMENT' 
_refine.pdbx_stereochemistry_target_values       ? 
_refine.pdbx_stereochem_target_val_spec_case     ? 
_refine.overall_FOM_work_R_set                   ? 
_refine.B_iso_max                                44.360 
_refine.B_iso_min                                2.740 
_refine.pdbx_overall_phase_error                 ? 
_refine.occupancy_max                            1.000 
_refine.occupancy_min                            1.000 
_refine.pdbx_ls_sigma_I                          ? 
_refine.ls_redundancy_reflns_obs                 ? 
_refine.ls_R_factor_R_free_error_details         ? 
_refine.pdbx_data_cutoff_high_rms_absF           ? 
_refine.overall_FOM_free_R_set                   ? 
_refine.pdbx_diffrn_id                           1 
_refine.pdbx_refine_id                           'X-RAY DIFFRACTION' 
_refine.pdbx_TLS_residual_ADP_flag               ? 
_refine.pdbx_overall_SU_R_free_Cruickshank_DPI   ? 
_refine.pdbx_overall_SU_R_Blow_DPI               ? 
_refine.pdbx_overall_SU_R_free_Blow_DPI          ? 
# 
_refine_hist.pdbx_refine_id                   'X-RAY DIFFRACTION' 
_refine_hist.cycle_id                         LAST 
_refine_hist.pdbx_number_atoms_protein        855 
_refine_hist.pdbx_number_atoms_nucleic_acid   0 
_refine_hist.pdbx_number_atoms_ligand         23 
_refine_hist.number_atoms_solvent             111 
_refine_hist.number_atoms_total               989 
_refine_hist.d_res_high                       1.5000 
_refine_hist.d_res_low                        50.0000 
# 
loop_
_refine_ls_restr.type 
_refine_ls_restr.number 
_refine_ls_restr.dev_ideal 
_refine_ls_restr.dev_ideal_target 
_refine_ls_restr.weight 
_refine_ls_restr.pdbx_restraint_function 
_refine_ls_restr.pdbx_refine_id 
c_bond_d     ? 0.004 ?     ? ? 'X-RAY DIFFRACTION' 
c_angle_d    ? 1.220 ?     ? ? 'X-RAY DIFFRACTION' 
c_mcbond_it  ? 0.973 1.500 ? ? 'X-RAY DIFFRACTION' 
c_scbond_it  ? 2.099 2.000 ? ? 'X-RAY DIFFRACTION' 
c_mcangle_it ? 1.496 2.000 ? ? 'X-RAY DIFFRACTION' 
c_scangle_it ? 2.970 2.500 ? ? 'X-RAY DIFFRACTION' 
# 
loop_
_refine_ls_shell.d_res_high 
_refine_ls_shell.d_res_low 
_refine_ls_shell.pdbx_total_number_of_bins_used 
_refine_ls_shell.percent_reflns_obs 
_refine_ls_shell.number_reflns_R_work 
_refine_ls_shell.R_factor_all 
_refine_ls_shell.R_factor_R_work 
_refine_ls_shell.R_factor_R_free 
_refine_ls_shell.percent_reflns_R_free 
_refine_ls_shell.number_reflns_R_free 
_refine_ls_shell.R_factor_R_free_error 
_refine_ls_shell.number_reflns_all 
_refine_ls_shell.number_reflns_obs 
_refine_ls_shell.pdbx_refine_id 
_refine_ls_shell.redundancy_reflns_obs 
1.5000 1.5500  10 99.3000 1630 . 0.2300 0.2627 . 80 . 1710 . 'X-RAY DIFFRACTION' . 
1.5500 1.6200  10 99.9000 1703 . 0.2091 0.2266 . 79 . 1782 . 'X-RAY DIFFRACTION' . 
1.6200 1.6900  10 99.9000 1681 . 0.2035 0.2262 . 85 . 1766 . 'X-RAY DIFFRACTION' . 
1.6900 1.7800  10 99.8000 1690 . 0.1926 0.2171 . 71 . 1761 . 'X-RAY DIFFRACTION' . 
1.7800 1.8900  10 99.7000 1650 . 0.1923 0.2180 . 91 . 1741 . 'X-RAY DIFFRACTION' . 
1.8900 2.0400  10 98.8000 1671 . 0.2001 0.2097 . 92 . 1763 . 'X-RAY DIFFRACTION' . 
2.0400 2.2400  10 97.2000 1625 . 0.1967 0.2064 . 82 . 1707 . 'X-RAY DIFFRACTION' . 
2.2400 2.5600  10 96.1000 1652 . 0.1949 0.2169 . 81 . 1733 . 'X-RAY DIFFRACTION' . 
2.5600 3.2300  10 93.8000 1603 . 0.1857 0.2144 . 84 . 1687 . 'X-RAY DIFFRACTION' . 
3.2300 50.0000 10 90.7000 1647 . 0.1974 0.1976 . 97 . 1744 . 'X-RAY DIFFRACTION' . 
# 
loop_
_pdbx_xplor_file.pdbx_refine_id 
_pdbx_xplor_file.serial_no 
_pdbx_xplor_file.param_file 
_pdbx_xplor_file.topol_file 
'X-RAY DIFFRACTION' 1 protein_rep.param  protein.top      
'X-RAY DIFFRACTION' 2 dna-rna_rep.param  dna-rna.top      
'X-RAY DIFFRACTION' 3 water_rep.param    water.top        
'X-RAY DIFFRACTION' 4 ion.param          ion.top          
'X-RAY DIFFRACTION' 5 carbohydrate.param carbohydrate.top 
'X-RAY DIFFRACTION' 6 DAL.param          DAL.top          
'X-RAY DIFFRACTION' 7 GOL.param          GOL.top          
# 
_struct.entry_id                  4G4X 
_struct.title                     'Crystal structure of peptidoglycan-associated lipoprotein from Acinetobacter baumannii' 
_struct.pdbx_model_details        ? 
_struct.pdbx_CASP_flag            ? 
_struct.pdbx_model_type_details   ? 
# 
_struct_keywords.entry_id        4G4X 
_struct_keywords.text            'OmpA-like domain, MEMBRANE PROTEIN, PEPTIDE BINDING PROTEIN' 
_struct_keywords.pdbx_keywords   'PEPTIDE BINDING PROTEIN' 
# 
loop_
_struct_asym.id 
_struct_asym.pdbx_blank_PDB_chainid_flag 
_struct_asym.pdbx_modified 
_struct_asym.entity_id 
_struct_asym.details 
A N N 1 ? 
B N N 2 ? 
C N N 3 ? 
D N N 3 ? 
E N N 4 ? 
F N N 5 ? 
# 
_struct_ref.id                         1 
_struct_ref.db_name                    UNP 
_struct_ref.db_code                    F0QP95_ACIBD 
_struct_ref.pdbx_db_accession          F0QP95 
_struct_ref.entity_id                  1 
_struct_ref.pdbx_seq_one_letter_code   
;ALAKRVVHFDYDSSDLSTEDYQTLQAHAQFLMANANSKVALTGHTDERGTREYNMALGERRAKAVQNYLITSGVNPQQLE
AVSYGKEAPVNPGHDESAWKENRRVEINYEA
;
_struct_ref.pdbx_align_begin           75 
_struct_ref.pdbx_db_isoform            ? 
# 
_struct_ref_seq.align_id                      1 
_struct_ref_seq.ref_id                        1 
_struct_ref_seq.pdbx_PDB_id_code              4G4X 
_struct_ref_seq.pdbx_strand_id                A 
_struct_ref_seq.seq_align_beg                 5 
_struct_ref_seq.pdbx_seq_align_beg_ins_code   ? 
_struct_ref_seq.seq_align_end                 114 
_struct_ref_seq.pdbx_seq_align_end_ins_code   ? 
_struct_ref_seq.pdbx_db_accession             F0QP95 
_struct_ref_seq.db_align_beg                  75 
_struct_ref_seq.pdbx_db_align_beg_ins_code    ? 
_struct_ref_seq.db_align_end                  184 
_struct_ref_seq.pdbx_db_align_end_ins_code    ? 
_struct_ref_seq.pdbx_auth_seq_align_beg       75 
_struct_ref_seq.pdbx_auth_seq_align_end       184 
# 
loop_
_struct_ref_seq_dif.align_id 
_struct_ref_seq_dif.pdbx_pdb_id_code 
_struct_ref_seq_dif.mon_id 
_struct_ref_seq_dif.pdbx_pdb_strand_id 
_struct_ref_seq_dif.seq_num 
_struct_ref_seq_dif.pdbx_pdb_ins_code 
_struct_ref_seq_dif.pdbx_seq_db_name 
_struct_ref_seq_dif.pdbx_seq_db_accession_code 
_struct_ref_seq_dif.db_mon_id 
_struct_ref_seq_dif.pdbx_seq_db_seq_num 
_struct_ref_seq_dif.details 
_struct_ref_seq_dif.pdbx_auth_seq_num 
_struct_ref_seq_dif.pdbx_ordinal 
1 4G4X GLY A 1 ? UNP F0QP95 ? ? 'expression tag' 71 1 
1 4G4X SER A 2 ? UNP F0QP95 ? ? 'expression tag' 72 2 
1 4G4X HIS A 3 ? UNP F0QP95 ? ? 'expression tag' 73 3 
1 4G4X MET A 4 ? UNP F0QP95 ? ? 'expression tag' 74 4 
# 
_pdbx_struct_assembly.id                   1 
_pdbx_struct_assembly.details              author_and_software_defined_assembly 
_pdbx_struct_assembly.method_details       PISA 
_pdbx_struct_assembly.oligomeric_details   monomeric 
_pdbx_struct_assembly.oligomeric_count     1 
# 
_pdbx_struct_assembly_gen.assembly_id       1 
_pdbx_struct_assembly_gen.oper_expression   1 
_pdbx_struct_assembly_gen.asym_id_list      A,B,C,D,E,F 
# 
_pdbx_struct_oper_list.id                   1 
_pdbx_struct_oper_list.type                 'identity operation' 
_pdbx_struct_oper_list.name                 1_555 
_pdbx_struct_oper_list.symmetry_operation   x,y,z 
_pdbx_struct_oper_list.matrix[1][1]         1.0000000000 
_pdbx_struct_oper_list.matrix[1][2]         0.0000000000 
_pdbx_struct_oper_list.matrix[1][3]         0.0000000000 
_pdbx_struct_oper_list.vector[1]            0.0000000000 
_pdbx_struct_oper_list.matrix[2][1]         0.0000000000 
_pdbx_struct_oper_list.matrix[2][2]         1.0000000000 
_pdbx_struct_oper_list.matrix[2][3]         0.0000000000 
_pdbx_struct_oper_list.vector[2]            0.0000000000 
_pdbx_struct_oper_list.matrix[3][1]         0.0000000000 
_pdbx_struct_oper_list.matrix[3][2]         0.0000000000 
_pdbx_struct_oper_list.matrix[3][3]         1.0000000000 
_pdbx_struct_oper_list.vector[3]            0.0000000000 
# 
_struct_biol.id        1 
_struct_biol.details   ? 
# 
loop_
_struct_conf.conf_type_id 
_struct_conf.id 
_struct_conf.pdbx_PDB_helix_id 
_struct_conf.beg_label_comp_id 
_struct_conf.beg_label_asym_id 
_struct_conf.beg_label_seq_id 
_struct_conf.pdbx_beg_PDB_ins_code 
_struct_conf.end_label_comp_id 
_struct_conf.end_label_asym_id 
_struct_conf.end_label_seq_id 
_struct_conf.pdbx_end_PDB_ins_code 
_struct_conf.beg_auth_comp_id 
_struct_conf.beg_auth_asym_id 
_struct_conf.beg_auth_seq_id 
_struct_conf.end_auth_comp_id 
_struct_conf.end_auth_asym_id 
_struct_conf.end_auth_seq_id 
_struct_conf.pdbx_PDB_helix_class 
_struct_conf.details 
_struct_conf.pdbx_PDB_helix_length 
HELX_P HELX_P1 1 SER A 21 ? ASN A 38  ? SER A 91  ASN A 108 1 ? 18 
HELX_P HELX_P2 2 THR A 54 ? SER A 76  ? THR A 124 SER A 146 1 ? 23 
HELX_P HELX_P3 3 ASN A 79 ? GLN A 81  ? ASN A 149 GLN A 151 5 ? 3  
HELX_P HELX_P4 4 ASP A 99 ? ARG A 107 ? ASP A 169 ARG A 177 1 ? 9  
# 
_struct_conf_type.id          HELX_P 
_struct_conf_type.criteria    ? 
_struct_conf_type.reference   ? 
# 
_struct_sheet.id               A 
_struct_sheet.type             ? 
_struct_sheet.number_strands   4 
_struct_sheet.details          ? 
# 
loop_
_struct_sheet_order.sheet_id 
_struct_sheet_order.range_id_1 
_struct_sheet_order.range_id_2 
_struct_sheet_order.offset 
_struct_sheet_order.sense 
A 1 2 ? anti-parallel 
A 2 3 ? anti-parallel 
A 3 4 ? parallel      
# 
loop_
_struct_sheet_range.sheet_id 
_struct_sheet_range.id 
_struct_sheet_range.beg_label_comp_id 
_struct_sheet_range.beg_label_asym_id 
_struct_sheet_range.beg_label_seq_id 
_struct_sheet_range.pdbx_beg_PDB_ins_code 
_struct_sheet_range.end_label_comp_id 
_struct_sheet_range.end_label_asym_id 
_struct_sheet_range.end_label_seq_id 
_struct_sheet_range.pdbx_end_PDB_ins_code 
_struct_sheet_range.beg_auth_comp_id 
_struct_sheet_range.beg_auth_asym_id 
_struct_sheet_range.beg_auth_seq_id 
_struct_sheet_range.end_auth_comp_id 
_struct_sheet_range.end_auth_asym_id 
_struct_sheet_range.end_auth_seq_id 
A 1 VAL A 10  ? HIS A 12  ? VAL A 80  HIS A 82  
A 2 ARG A 108 ? TYR A 113 ? ARG A 178 TYR A 183 
A 3 VAL A 43  ? HIS A 48  ? VAL A 113 HIS A 118 
A 4 LEU A 83  ? GLY A 89  ? LEU A 153 GLY A 159 
# 
loop_
_pdbx_struct_sheet_hbond.sheet_id 
_pdbx_struct_sheet_hbond.range_id_1 
_pdbx_struct_sheet_hbond.range_id_2 
_pdbx_struct_sheet_hbond.range_1_label_atom_id 
_pdbx_struct_sheet_hbond.range_1_label_comp_id 
_pdbx_struct_sheet_hbond.range_1_label_asym_id 
_pdbx_struct_sheet_hbond.range_1_label_seq_id 
_pdbx_struct_sheet_hbond.range_1_PDB_ins_code 
_pdbx_struct_sheet_hbond.range_1_auth_atom_id 
_pdbx_struct_sheet_hbond.range_1_auth_comp_id 
_pdbx_struct_sheet_hbond.range_1_auth_asym_id 
_pdbx_struct_sheet_hbond.range_1_auth_seq_id 
_pdbx_struct_sheet_hbond.range_2_label_atom_id 
_pdbx_struct_sheet_hbond.range_2_label_comp_id 
_pdbx_struct_sheet_hbond.range_2_label_asym_id 
_pdbx_struct_sheet_hbond.range_2_label_seq_id 
_pdbx_struct_sheet_hbond.range_2_PDB_ins_code 
_pdbx_struct_sheet_hbond.range_2_auth_atom_id 
_pdbx_struct_sheet_hbond.range_2_auth_comp_id 
_pdbx_struct_sheet_hbond.range_2_auth_asym_id 
_pdbx_struct_sheet_hbond.range_2_auth_seq_id 
A 1 2 N VAL A 11  ? N VAL A 81  O VAL A 109 ? O VAL A 179 
A 2 3 O ARG A 108 ? O ARG A 178 N HIS A 48  ? N HIS A 118 
A 3 4 N LEU A 45  ? N LEU A 115 O GLU A 84  ? O GLU A 154 
# 
loop_
_struct_site.id 
_struct_site.pdbx_evidence_code 
_struct_site.pdbx_auth_asym_id 
_struct_site.pdbx_auth_comp_id 
_struct_site.pdbx_auth_seq_id 
_struct_site.pdbx_auth_ins_code 
_struct_site.pdbx_num_residues 
_struct_site.details 
AC1 Software A DAL 201 ? 9 'BINDING SITE FOR RESIDUE DAL A 201' 
AC2 Software A GOL 202 ? 6 'BINDING SITE FOR RESIDUE GOL A 202' 
AC3 Software A GOL 203 ? 7 'BINDING SITE FOR RESIDUE GOL A 203' 
AC4 Software A SO4 204 ? 9 'BINDING SITE FOR RESIDUE SO4 A 204' 
# 
loop_
_struct_site_gen.id 
_struct_site_gen.site_id 
_struct_site_gen.pdbx_num_res 
_struct_site_gen.label_comp_id 
_struct_site_gen.label_asym_id 
_struct_site_gen.label_seq_id 
_struct_site_gen.pdbx_auth_ins_code 
_struct_site_gen.auth_comp_id 
_struct_site_gen.auth_asym_id 
_struct_site_gen.auth_seq_id 
_struct_site_gen.label_atom_id 
_struct_site_gen.label_alt_id 
_struct_site_gen.symmetry 
_struct_site_gen.details 
1  AC1 9 TYR A 15  ? TYR A 85  . ? 1_555 ? 
2  AC1 9 ASP A 16  ? ASP A 86  . ? 1_555 ? 
3  AC1 9 THR A 49  ? THR A 119 . ? 1_555 ? 
4  AC1 9 ASP A 50  ? ASP A 120 . ? 1_555 ? 
5  AC1 9 ARG A 52  ? ARG A 122 . ? 1_555 ? 
6  AC1 9 ASN A 58  ? ASN A 128 . ? 1_555 ? 
7  AC1 9 LEU A 61  ? LEU A 131 . ? 1_555 ? 
8  AC1 9 ARG A 65  ? ARG A 135 . ? 1_555 ? 
9  AC1 9 ARG A 107 ? ARG A 177 . ? 1_555 ? 
10 AC2 6 SER A 17  ? SER A 87  . ? 1_555 ? 
11 AC2 6 SER A 18  ? SER A 88  . ? 1_555 ? 
12 AC2 6 ASP A 19  ? ASP A 89  . ? 1_555 ? 
13 AC2 6 LEU A 61  ? LEU A 131 . ? 1_555 ? 
14 AC2 6 ARG A 64  ? ARG A 134 . ? 1_555 ? 
15 AC2 6 HOH F .   ? HOH A 312 . ? 1_555 ? 
16 AC3 7 TYR A 15  ? TYR A 85  . ? 8_455 ? 
17 AC3 7 THR A 54  ? THR A 124 . ? 1_555 ? 
18 AC3 7 ARG A 55  ? ARG A 125 . ? 1_555 ? 
19 AC3 7 GLU A 56  ? GLU A 126 . ? 1_555 ? 
20 AC3 7 LYS A 104 ? LYS A 174 . ? 1_455 ? 
21 AC3 7 HOH F .   ? HOH A 338 . ? 1_455 ? 
22 AC3 7 HOH F .   ? HOH A 355 . ? 1_555 ? 
23 AC4 9 ARG A 52  ? ARG A 122 . ? 8_455 ? 
24 AC4 9 THR A 54  ? THR A 124 . ? 1_555 ? 
25 AC4 9 GLU A 56  ? GLU A 126 . ? 1_555 ? 
26 AC4 9 TYR A 57  ? TYR A 127 . ? 1_555 ? 
27 AC4 9 LYS A 104 ? LYS A 174 . ? 1_455 ? 
28 AC4 9 HOH F .   ? HOH A 350 . ? 1_555 ? 
29 AC4 9 HOH F .   ? HOH A 364 . ? 1_555 ? 
30 AC4 9 HOH F .   ? HOH A 407 . ? 1_555 ? 
31 AC4 9 HOH F .   ? HOH A 411 . ? 1_555 ? 
# 
loop_
_pdbx_unobs_or_zero_occ_residues.id 
_pdbx_unobs_or_zero_occ_residues.PDB_model_num 
_pdbx_unobs_or_zero_occ_residues.polymer_flag 
_pdbx_unobs_or_zero_occ_residues.occupancy_flag 
_pdbx_unobs_or_zero_occ_residues.auth_asym_id 
_pdbx_unobs_or_zero_occ_residues.auth_comp_id 
_pdbx_unobs_or_zero_occ_residues.auth_seq_id 
_pdbx_unobs_or_zero_occ_residues.PDB_ins_code 
_pdbx_unobs_or_zero_occ_residues.label_asym_id 
_pdbx_unobs_or_zero_occ_residues.label_comp_id 
_pdbx_unobs_or_zero_occ_residues.label_seq_id 
1 1 Y 1 A GLY 71 ? A GLY 1 
2 1 Y 1 A SER 72 ? A SER 2 
3 1 Y 1 A HIS 73 ? A HIS 3 
4 1 Y 1 A MET 74 ? A MET 4 
5 1 Y 1 A ALA 75 ? A ALA 5 
6 1 Y 1 A LEU 76 ? A LEU 6 
# 
loop_
_chem_comp_atom.comp_id 
_chem_comp_atom.atom_id 
_chem_comp_atom.type_symbol 
_chem_comp_atom.pdbx_aromatic_flag 
_chem_comp_atom.pdbx_stereo_config 
_chem_comp_atom.pdbx_ordinal 
ALA N    N N N 1   
ALA CA   C N S 2   
ALA C    C N N 3   
ALA O    O N N 4   
ALA CB   C N N 5   
ALA OXT  O N N 6   
ALA H    H N N 7   
ALA H2   H N N 8   
ALA HA   H N N 9   
ALA HB1  H N N 10  
ALA HB2  H N N 11  
ALA HB3  H N N 12  
ALA HXT  H N N 13  
ARG N    N N N 14  
ARG CA   C N S 15  
ARG C    C N N 16  
ARG O    O N N 17  
ARG CB   C N N 18  
ARG CG   C N N 19  
ARG CD   C N N 20  
ARG NE   N N N 21  
ARG CZ   C N N 22  
ARG NH1  N N N 23  
ARG NH2  N N N 24  
ARG OXT  O N N 25  
ARG H    H N N 26  
ARG H2   H N N 27  
ARG HA   H N N 28  
ARG HB2  H N N 29  
ARG HB3  H N N 30  
ARG HG2  H N N 31  
ARG HG3  H N N 32  
ARG HD2  H N N 33  
ARG HD3  H N N 34  
ARG HE   H N N 35  
ARG HH11 H N N 36  
ARG HH12 H N N 37  
ARG HH21 H N N 38  
ARG HH22 H N N 39  
ARG HXT  H N N 40  
ASN N    N N N 41  
ASN CA   C N S 42  
ASN C    C N N 43  
ASN O    O N N 44  
ASN CB   C N N 45  
ASN CG   C N N 46  
ASN OD1  O N N 47  
ASN ND2  N N N 48  
ASN OXT  O N N 49  
ASN H    H N N 50  
ASN H2   H N N 51  
ASN HA   H N N 52  
ASN HB2  H N N 53  
ASN HB3  H N N 54  
ASN HD21 H N N 55  
ASN HD22 H N N 56  
ASN HXT  H N N 57  
ASP N    N N N 58  
ASP CA   C N S 59  
ASP C    C N N 60  
ASP O    O N N 61  
ASP CB   C N N 62  
ASP CG   C N N 63  
ASP OD1  O N N 64  
ASP OD2  O N N 65  
ASP OXT  O N N 66  
ASP H    H N N 67  
ASP H2   H N N 68  
ASP HA   H N N 69  
ASP HB2  H N N 70  
ASP HB3  H N N 71  
ASP HD2  H N N 72  
ASP HXT  H N N 73  
DAL N    N N N 74  
DAL CA   C N R 75  
DAL CB   C N N 76  
DAL C    C N N 77  
DAL O    O N N 78  
DAL OXT  O N N 79  
DAL H    H N N 80  
DAL H2   H N N 81  
DAL HA   H N N 82  
DAL HB1  H N N 83  
DAL HB2  H N N 84  
DAL HB3  H N N 85  
DAL HXT  H N N 86  
GLN N    N N N 87  
GLN CA   C N S 88  
GLN C    C N N 89  
GLN O    O N N 90  
GLN CB   C N N 91  
GLN CG   C N N 92  
GLN CD   C N N 93  
GLN OE1  O N N 94  
GLN NE2  N N N 95  
GLN OXT  O N N 96  
GLN H    H N N 97  
GLN H2   H N N 98  
GLN HA   H N N 99  
GLN HB2  H N N 100 
GLN HB3  H N N 101 
GLN HG2  H N N 102 
GLN HG3  H N N 103 
GLN HE21 H N N 104 
GLN HE22 H N N 105 
GLN HXT  H N N 106 
GLU N    N N N 107 
GLU CA   C N S 108 
GLU C    C N N 109 
GLU O    O N N 110 
GLU CB   C N N 111 
GLU CG   C N N 112 
GLU CD   C N N 113 
GLU OE1  O N N 114 
GLU OE2  O N N 115 
GLU OXT  O N N 116 
GLU H    H N N 117 
GLU H2   H N N 118 
GLU HA   H N N 119 
GLU HB2  H N N 120 
GLU HB3  H N N 121 
GLU HG2  H N N 122 
GLU HG3  H N N 123 
GLU HE2  H N N 124 
GLU HXT  H N N 125 
GLY N    N N N 126 
GLY CA   C N N 127 
GLY C    C N N 128 
GLY O    O N N 129 
GLY OXT  O N N 130 
GLY H    H N N 131 
GLY H2   H N N 132 
GLY HA2  H N N 133 
GLY HA3  H N N 134 
GLY HXT  H N N 135 
GOL C1   C N N 136 
GOL O1   O N N 137 
GOL C2   C N N 138 
GOL O2   O N N 139 
GOL C3   C N N 140 
GOL O3   O N N 141 
GOL H11  H N N 142 
GOL H12  H N N 143 
GOL HO1  H N N 144 
GOL H2   H N N 145 
GOL HO2  H N N 146 
GOL H31  H N N 147 
GOL H32  H N N 148 
GOL HO3  H N N 149 
HIS N    N N N 150 
HIS CA   C N S 151 
HIS C    C N N 152 
HIS O    O N N 153 
HIS CB   C N N 154 
HIS CG   C Y N 155 
HIS ND1  N Y N 156 
HIS CD2  C Y N 157 
HIS CE1  C Y N 158 
HIS NE2  N Y N 159 
HIS OXT  O N N 160 
HIS H    H N N 161 
HIS H2   H N N 162 
HIS HA   H N N 163 
HIS HB2  H N N 164 
HIS HB3  H N N 165 
HIS HD1  H N N 166 
HIS HD2  H N N 167 
HIS HE1  H N N 168 
HIS HE2  H N N 169 
HIS HXT  H N N 170 
HOH O    O N N 171 
HOH H1   H N N 172 
HOH H2   H N N 173 
ILE N    N N N 174 
ILE CA   C N S 175 
ILE C    C N N 176 
ILE O    O N N 177 
ILE CB   C N S 178 
ILE CG1  C N N 179 
ILE CG2  C N N 180 
ILE CD1  C N N 181 
ILE OXT  O N N 182 
ILE H    H N N 183 
ILE H2   H N N 184 
ILE HA   H N N 185 
ILE HB   H N N 186 
ILE HG12 H N N 187 
ILE HG13 H N N 188 
ILE HG21 H N N 189 
ILE HG22 H N N 190 
ILE HG23 H N N 191 
ILE HD11 H N N 192 
ILE HD12 H N N 193 
ILE HD13 H N N 194 
ILE HXT  H N N 195 
LEU N    N N N 196 
LEU CA   C N S 197 
LEU C    C N N 198 
LEU O    O N N 199 
LEU CB   C N N 200 
LEU CG   C N N 201 
LEU CD1  C N N 202 
LEU CD2  C N N 203 
LEU OXT  O N N 204 
LEU H    H N N 205 
LEU H2   H N N 206 
LEU HA   H N N 207 
LEU HB2  H N N 208 
LEU HB3  H N N 209 
LEU HG   H N N 210 
LEU HD11 H N N 211 
LEU HD12 H N N 212 
LEU HD13 H N N 213 
LEU HD21 H N N 214 
LEU HD22 H N N 215 
LEU HD23 H N N 216 
LEU HXT  H N N 217 
LYS N    N N N 218 
LYS CA   C N S 219 
LYS C    C N N 220 
LYS O    O N N 221 
LYS CB   C N N 222 
LYS CG   C N N 223 
LYS CD   C N N 224 
LYS CE   C N N 225 
LYS NZ   N N N 226 
LYS OXT  O N N 227 
LYS H    H N N 228 
LYS H2   H N N 229 
LYS HA   H N N 230 
LYS HB2  H N N 231 
LYS HB3  H N N 232 
LYS HG2  H N N 233 
LYS HG3  H N N 234 
LYS HD2  H N N 235 
LYS HD3  H N N 236 
LYS HE2  H N N 237 
LYS HE3  H N N 238 
LYS HZ1  H N N 239 
LYS HZ2  H N N 240 
LYS HZ3  H N N 241 
LYS HXT  H N N 242 
MET N    N N N 243 
MET CA   C N S 244 
MET C    C N N 245 
MET O    O N N 246 
MET CB   C N N 247 
MET CG   C N N 248 
MET SD   S N N 249 
MET CE   C N N 250 
MET OXT  O N N 251 
MET H    H N N 252 
MET H2   H N N 253 
MET HA   H N N 254 
MET HB2  H N N 255 
MET HB3  H N N 256 
MET HG2  H N N 257 
MET HG3  H N N 258 
MET HE1  H N N 259 
MET HE2  H N N 260 
MET HE3  H N N 261 
MET HXT  H N N 262 
PHE N    N N N 263 
PHE CA   C N S 264 
PHE C    C N N 265 
PHE O    O N N 266 
PHE CB   C N N 267 
PHE CG   C Y N 268 
PHE CD1  C Y N 269 
PHE CD2  C Y N 270 
PHE CE1  C Y N 271 
PHE CE2  C Y N 272 
PHE CZ   C Y N 273 
PHE OXT  O N N 274 
PHE H    H N N 275 
PHE H2   H N N 276 
PHE HA   H N N 277 
PHE HB2  H N N 278 
PHE HB3  H N N 279 
PHE HD1  H N N 280 
PHE HD2  H N N 281 
PHE HE1  H N N 282 
PHE HE2  H N N 283 
PHE HZ   H N N 284 
PHE HXT  H N N 285 
PRO N    N N N 286 
PRO CA   C N S 287 
PRO C    C N N 288 
PRO O    O N N 289 
PRO CB   C N N 290 
PRO CG   C N N 291 
PRO CD   C N N 292 
PRO OXT  O N N 293 
PRO H    H N N 294 
PRO HA   H N N 295 
PRO HB2  H N N 296 
PRO HB3  H N N 297 
PRO HG2  H N N 298 
PRO HG3  H N N 299 
PRO HD2  H N N 300 
PRO HD3  H N N 301 
PRO HXT  H N N 302 
SER N    N N N 303 
SER CA   C N S 304 
SER C    C N N 305 
SER O    O N N 306 
SER CB   C N N 307 
SER OG   O N N 308 
SER OXT  O N N 309 
SER H    H N N 310 
SER H2   H N N 311 
SER HA   H N N 312 
SER HB2  H N N 313 
SER HB3  H N N 314 
SER HG   H N N 315 
SER HXT  H N N 316 
SO4 S    S N N 317 
SO4 O1   O N N 318 
SO4 O2   O N N 319 
SO4 O3   O N N 320 
SO4 O4   O N N 321 
THR N    N N N 322 
THR CA   C N S 323 
THR C    C N N 324 
THR O    O N N 325 
THR CB   C N R 326 
THR OG1  O N N 327 
THR CG2  C N N 328 
THR OXT  O N N 329 
THR H    H N N 330 
THR H2   H N N 331 
THR HA   H N N 332 
THR HB   H N N 333 
THR HG1  H N N 334 
THR HG21 H N N 335 
THR HG22 H N N 336 
THR HG23 H N N 337 
THR HXT  H N N 338 
TRP N    N N N 339 
TRP CA   C N S 340 
TRP C    C N N 341 
TRP O    O N N 342 
TRP CB   C N N 343 
TRP CG   C Y N 344 
TRP CD1  C Y N 345 
TRP CD2  C Y N 346 
TRP NE1  N Y N 347 
TRP CE2  C Y N 348 
TRP CE3  C Y N 349 
TRP CZ2  C Y N 350 
TRP CZ3  C Y N 351 
TRP CH2  C Y N 352 
TRP OXT  O N N 353 
TRP H    H N N 354 
TRP H2   H N N 355 
TRP HA   H N N 356 
TRP HB2  H N N 357 
TRP HB3  H N N 358 
TRP HD1  H N N 359 
TRP HE1  H N N 360 
TRP HE3  H N N 361 
TRP HZ2  H N N 362 
TRP HZ3  H N N 363 
TRP HH2  H N N 364 
TRP HXT  H N N 365 
TYR N    N N N 366 
TYR CA   C N S 367 
TYR C    C N N 368 
TYR O    O N N 369 
TYR CB   C N N 370 
TYR CG   C Y N 371 
TYR CD1  C Y N 372 
TYR CD2  C Y N 373 
TYR CE1  C Y N 374 
TYR CE2  C Y N 375 
TYR CZ   C Y N 376 
TYR OH   O N N 377 
TYR OXT  O N N 378 
TYR H    H N N 379 
TYR H2   H N N 380 
TYR HA   H N N 381 
TYR HB2  H N N 382 
TYR HB3  H N N 383 
TYR HD1  H N N 384 
TYR HD2  H N N 385 
TYR HE1  H N N 386 
TYR HE2  H N N 387 
TYR HH   H N N 388 
TYR HXT  H N N 389 
VAL N    N N N 390 
VAL CA   C N S 391 
VAL C    C N N 392 
VAL O    O N N 393 
VAL CB   C N N 394 
VAL CG1  C N N 395 
VAL CG2  C N N 396 
VAL OXT  O N N 397 
VAL H    H N N 398 
VAL H2   H N N 399 
VAL HA   H N N 400 
VAL HB   H N N 401 
VAL HG11 H N N 402 
VAL HG12 H N N 403 
VAL HG13 H N N 404 
VAL HG21 H N N 405 
VAL HG22 H N N 406 
VAL HG23 H N N 407 
VAL HXT  H N N 408 
# 
loop_
_chem_comp_bond.comp_id 
_chem_comp_bond.atom_id_1 
_chem_comp_bond.atom_id_2 
_chem_comp_bond.value_order 
_chem_comp_bond.pdbx_aromatic_flag 
_chem_comp_bond.pdbx_stereo_config 
_chem_comp_bond.pdbx_ordinal 
ALA N   CA   sing N N 1   
ALA N   H    sing N N 2   
ALA N   H2   sing N N 3   
ALA CA  C    sing N N 4   
ALA CA  CB   sing N N 5   
ALA CA  HA   sing N N 6   
ALA C   O    doub N N 7   
ALA C   OXT  sing N N 8   
ALA CB  HB1  sing N N 9   
ALA CB  HB2  sing N N 10  
ALA CB  HB3  sing N N 11  
ALA OXT HXT  sing N N 12  
ARG N   CA   sing N N 13  
ARG N   H    sing N N 14  
ARG N   H2   sing N N 15  
ARG CA  C    sing N N 16  
ARG CA  CB   sing N N 17  
ARG CA  HA   sing N N 18  
ARG C   O    doub N N 19  
ARG C   OXT  sing N N 20  
ARG CB  CG   sing N N 21  
ARG CB  HB2  sing N N 22  
ARG CB  HB3  sing N N 23  
ARG CG  CD   sing N N 24  
ARG CG  HG2  sing N N 25  
ARG CG  HG3  sing N N 26  
ARG CD  NE   sing N N 27  
ARG CD  HD2  sing N N 28  
ARG CD  HD3  sing N N 29  
ARG NE  CZ   sing N N 30  
ARG NE  HE   sing N N 31  
ARG CZ  NH1  sing N N 32  
ARG CZ  NH2  doub N N 33  
ARG NH1 HH11 sing N N 34  
ARG NH1 HH12 sing N N 35  
ARG NH2 HH21 sing N N 36  
ARG NH2 HH22 sing N N 37  
ARG OXT HXT  sing N N 38  
ASN N   CA   sing N N 39  
ASN N   H    sing N N 40  
ASN N   H2   sing N N 41  
ASN CA  C    sing N N 42  
ASN CA  CB   sing N N 43  
ASN CA  HA   sing N N 44  
ASN C   O    doub N N 45  
ASN C   OXT  sing N N 46  
ASN CB  CG   sing N N 47  
ASN CB  HB2  sing N N 48  
ASN CB  HB3  sing N N 49  
ASN CG  OD1  doub N N 50  
ASN CG  ND2  sing N N 51  
ASN ND2 HD21 sing N N 52  
ASN ND2 HD22 sing N N 53  
ASN OXT HXT  sing N N 54  
ASP N   CA   sing N N 55  
ASP N   H    sing N N 56  
ASP N   H2   sing N N 57  
ASP CA  C    sing N N 58  
ASP CA  CB   sing N N 59  
ASP CA  HA   sing N N 60  
ASP C   O    doub N N 61  
ASP C   OXT  sing N N 62  
ASP CB  CG   sing N N 63  
ASP CB  HB2  sing N N 64  
ASP CB  HB3  sing N N 65  
ASP CG  OD1  doub N N 66  
ASP CG  OD2  sing N N 67  
ASP OD2 HD2  sing N N 68  
ASP OXT HXT  sing N N 69  
DAL N   CA   sing N N 70  
DAL N   H    sing N N 71  
DAL N   H2   sing N N 72  
DAL CA  CB   sing N N 73  
DAL CA  C    sing N N 74  
DAL CA  HA   sing N N 75  
DAL CB  HB1  sing N N 76  
DAL CB  HB2  sing N N 77  
DAL CB  HB3  sing N N 78  
DAL C   O    doub N N 79  
DAL C   OXT  sing N N 80  
DAL OXT HXT  sing N N 81  
GLN N   CA   sing N N 82  
GLN N   H    sing N N 83  
GLN N   H2   sing N N 84  
GLN CA  C    sing N N 85  
GLN CA  CB   sing N N 86  
GLN CA  HA   sing N N 87  
GLN C   O    doub N N 88  
GLN C   OXT  sing N N 89  
GLN CB  CG   sing N N 90  
GLN CB  HB2  sing N N 91  
GLN CB  HB3  sing N N 92  
GLN CG  CD   sing N N 93  
GLN CG  HG2  sing N N 94  
GLN CG  HG3  sing N N 95  
GLN CD  OE1  doub N N 96  
GLN CD  NE2  sing N N 97  
GLN NE2 HE21 sing N N 98  
GLN NE2 HE22 sing N N 99  
GLN OXT HXT  sing N N 100 
GLU N   CA   sing N N 101 
GLU N   H    sing N N 102 
GLU N   H2   sing N N 103 
GLU CA  C    sing N N 104 
GLU CA  CB   sing N N 105 
GLU CA  HA   sing N N 106 
GLU C   O    doub N N 107 
GLU C   OXT  sing N N 108 
GLU CB  CG   sing N N 109 
GLU CB  HB2  sing N N 110 
GLU CB  HB3  sing N N 111 
GLU CG  CD   sing N N 112 
GLU CG  HG2  sing N N 113 
GLU CG  HG3  sing N N 114 
GLU CD  OE1  doub N N 115 
GLU CD  OE2  sing N N 116 
GLU OE2 HE2  sing N N 117 
GLU OXT HXT  sing N N 118 
GLY N   CA   sing N N 119 
GLY N   H    sing N N 120 
GLY N   H2   sing N N 121 
GLY CA  C    sing N N 122 
GLY CA  HA2  sing N N 123 
GLY CA  HA3  sing N N 124 
GLY C   O    doub N N 125 
GLY C   OXT  sing N N 126 
GLY OXT HXT  sing N N 127 
GOL C1  O1   sing N N 128 
GOL C1  C2   sing N N 129 
GOL C1  H11  sing N N 130 
GOL C1  H12  sing N N 131 
GOL O1  HO1  sing N N 132 
GOL C2  O2   sing N N 133 
GOL C2  C3   sing N N 134 
GOL C2  H2   sing N N 135 
GOL O2  HO2  sing N N 136 
GOL C3  O3   sing N N 137 
GOL C3  H31  sing N N 138 
GOL C3  H32  sing N N 139 
GOL O3  HO3  sing N N 140 
HIS N   CA   sing N N 141 
HIS N   H    sing N N 142 
HIS N   H2   sing N N 143 
HIS CA  C    sing N N 144 
HIS CA  CB   sing N N 145 
HIS CA  HA   sing N N 146 
HIS C   O    doub N N 147 
HIS C   OXT  sing N N 148 
HIS CB  CG   sing N N 149 
HIS CB  HB2  sing N N 150 
HIS CB  HB3  sing N N 151 
HIS CG  ND1  sing Y N 152 
HIS CG  CD2  doub Y N 153 
HIS ND1 CE1  doub Y N 154 
HIS ND1 HD1  sing N N 155 
HIS CD2 NE2  sing Y N 156 
HIS CD2 HD2  sing N N 157 
HIS CE1 NE2  sing Y N 158 
HIS CE1 HE1  sing N N 159 
HIS NE2 HE2  sing N N 160 
HIS OXT HXT  sing N N 161 
HOH O   H1   sing N N 162 
HOH O   H2   sing N N 163 
ILE N   CA   sing N N 164 
ILE N   H    sing N N 165 
ILE N   H2   sing N N 166 
ILE CA  C    sing N N 167 
ILE CA  CB   sing N N 168 
ILE CA  HA   sing N N 169 
ILE C   O    doub N N 170 
ILE C   OXT  sing N N 171 
ILE CB  CG1  sing N N 172 
ILE CB  CG2  sing N N 173 
ILE CB  HB   sing N N 174 
ILE CG1 CD1  sing N N 175 
ILE CG1 HG12 sing N N 176 
ILE CG1 HG13 sing N N 177 
ILE CG2 HG21 sing N N 178 
ILE CG2 HG22 sing N N 179 
ILE CG2 HG23 sing N N 180 
ILE CD1 HD11 sing N N 181 
ILE CD1 HD12 sing N N 182 
ILE CD1 HD13 sing N N 183 
ILE OXT HXT  sing N N 184 
LEU N   CA   sing N N 185 
LEU N   H    sing N N 186 
LEU N   H2   sing N N 187 
LEU CA  C    sing N N 188 
LEU CA  CB   sing N N 189 
LEU CA  HA   sing N N 190 
LEU C   O    doub N N 191 
LEU C   OXT  sing N N 192 
LEU CB  CG   sing N N 193 
LEU CB  HB2  sing N N 194 
LEU CB  HB3  sing N N 195 
LEU CG  CD1  sing N N 196 
LEU CG  CD2  sing N N 197 
LEU CG  HG   sing N N 198 
LEU CD1 HD11 sing N N 199 
LEU CD1 HD12 sing N N 200 
LEU CD1 HD13 sing N N 201 
LEU CD2 HD21 sing N N 202 
LEU CD2 HD22 sing N N 203 
LEU CD2 HD23 sing N N 204 
LEU OXT HXT  sing N N 205 
LYS N   CA   sing N N 206 
LYS N   H    sing N N 207 
LYS N   H2   sing N N 208 
LYS CA  C    sing N N 209 
LYS CA  CB   sing N N 210 
LYS CA  HA   sing N N 211 
LYS C   O    doub N N 212 
LYS C   OXT  sing N N 213 
LYS CB  CG   sing N N 214 
LYS CB  HB2  sing N N 215 
LYS CB  HB3  sing N N 216 
LYS CG  CD   sing N N 217 
LYS CG  HG2  sing N N 218 
LYS CG  HG3  sing N N 219 
LYS CD  CE   sing N N 220 
LYS CD  HD2  sing N N 221 
LYS CD  HD3  sing N N 222 
LYS CE  NZ   sing N N 223 
LYS CE  HE2  sing N N 224 
LYS CE  HE3  sing N N 225 
LYS NZ  HZ1  sing N N 226 
LYS NZ  HZ2  sing N N 227 
LYS NZ  HZ3  sing N N 228 
LYS OXT HXT  sing N N 229 
MET N   CA   sing N N 230 
MET N   H    sing N N 231 
MET N   H2   sing N N 232 
MET CA  C    sing N N 233 
MET CA  CB   sing N N 234 
MET CA  HA   sing N N 235 
MET C   O    doub N N 236 
MET C   OXT  sing N N 237 
MET CB  CG   sing N N 238 
MET CB  HB2  sing N N 239 
MET CB  HB3  sing N N 240 
MET CG  SD   sing N N 241 
MET CG  HG2  sing N N 242 
MET CG  HG3  sing N N 243 
MET SD  CE   sing N N 244 
MET CE  HE1  sing N N 245 
MET CE  HE2  sing N N 246 
MET CE  HE3  sing N N 247 
MET OXT HXT  sing N N 248 
PHE N   CA   sing N N 249 
PHE N   H    sing N N 250 
PHE N   H2   sing N N 251 
PHE CA  C    sing N N 252 
PHE CA  CB   sing N N 253 
PHE CA  HA   sing N N 254 
PHE C   O    doub N N 255 
PHE C   OXT  sing N N 256 
PHE CB  CG   sing N N 257 
PHE CB  HB2  sing N N 258 
PHE CB  HB3  sing N N 259 
PHE CG  CD1  doub Y N 260 
PHE CG  CD2  sing Y N 261 
PHE CD1 CE1  sing Y N 262 
PHE CD1 HD1  sing N N 263 
PHE CD2 CE2  doub Y N 264 
PHE CD2 HD2  sing N N 265 
PHE CE1 CZ   doub Y N 266 
PHE CE1 HE1  sing N N 267 
PHE CE2 CZ   sing Y N 268 
PHE CE2 HE2  sing N N 269 
PHE CZ  HZ   sing N N 270 
PHE OXT HXT  sing N N 271 
PRO N   CA   sing N N 272 
PRO N   CD   sing N N 273 
PRO N   H    sing N N 274 
PRO CA  C    sing N N 275 
PRO CA  CB   sing N N 276 
PRO CA  HA   sing N N 277 
PRO C   O    doub N N 278 
PRO C   OXT  sing N N 279 
PRO CB  CG   sing N N 280 
PRO CB  HB2  sing N N 281 
PRO CB  HB3  sing N N 282 
PRO CG  CD   sing N N 283 
PRO CG  HG2  sing N N 284 
PRO CG  HG3  sing N N 285 
PRO CD  HD2  sing N N 286 
PRO CD  HD3  sing N N 287 
PRO OXT HXT  sing N N 288 
SER N   CA   sing N N 289 
SER N   H    sing N N 290 
SER N   H2   sing N N 291 
SER CA  C    sing N N 292 
SER CA  CB   sing N N 293 
SER CA  HA   sing N N 294 
SER C   O    doub N N 295 
SER C   OXT  sing N N 296 
SER CB  OG   sing N N 297 
SER CB  HB2  sing N N 298 
SER CB  HB3  sing N N 299 
SER OG  HG   sing N N 300 
SER OXT HXT  sing N N 301 
SO4 S   O1   doub N N 302 
SO4 S   O2   doub N N 303 
SO4 S   O3   sing N N 304 
SO4 S   O4   sing N N 305 
THR N   CA   sing N N 306 
THR N   H    sing N N 307 
THR N   H2   sing N N 308 
THR CA  C    sing N N 309 
THR CA  CB   sing N N 310 
THR CA  HA   sing N N 311 
THR C   O    doub N N 312 
THR C   OXT  sing N N 313 
THR CB  OG1  sing N N 314 
THR CB  CG2  sing N N 315 
THR CB  HB   sing N N 316 
THR OG1 HG1  sing N N 317 
THR CG2 HG21 sing N N 318 
THR CG2 HG22 sing N N 319 
THR CG2 HG23 sing N N 320 
THR OXT HXT  sing N N 321 
TRP N   CA   sing N N 322 
TRP N   H    sing N N 323 
TRP N   H2   sing N N 324 
TRP CA  C    sing N N 325 
TRP CA  CB   sing N N 326 
TRP CA  HA   sing N N 327 
TRP C   O    doub N N 328 
TRP C   OXT  sing N N 329 
TRP CB  CG   sing N N 330 
TRP CB  HB2  sing N N 331 
TRP CB  HB3  sing N N 332 
TRP CG  CD1  doub Y N 333 
TRP CG  CD2  sing Y N 334 
TRP CD1 NE1  sing Y N 335 
TRP CD1 HD1  sing N N 336 
TRP CD2 CE2  doub Y N 337 
TRP CD2 CE3  sing Y N 338 
TRP NE1 CE2  sing Y N 339 
TRP NE1 HE1  sing N N 340 
TRP CE2 CZ2  sing Y N 341 
TRP CE3 CZ3  doub Y N 342 
TRP CE3 HE3  sing N N 343 
TRP CZ2 CH2  doub Y N 344 
TRP CZ2 HZ2  sing N N 345 
TRP CZ3 CH2  sing Y N 346 
TRP CZ3 HZ3  sing N N 347 
TRP CH2 HH2  sing N N 348 
TRP OXT HXT  sing N N 349 
TYR N   CA   sing N N 350 
TYR N   H    sing N N 351 
TYR N   H2   sing N N 352 
TYR CA  C    sing N N 353 
TYR CA  CB   sing N N 354 
TYR CA  HA   sing N N 355 
TYR C   O    doub N N 356 
TYR C   OXT  sing N N 357 
TYR CB  CG   sing N N 358 
TYR CB  HB2  sing N N 359 
TYR CB  HB3  sing N N 360 
TYR CG  CD1  doub Y N 361 
TYR CG  CD2  sing Y N 362 
TYR CD1 CE1  sing Y N 363 
TYR CD1 HD1  sing N N 364 
TYR CD2 CE2  doub Y N 365 
TYR CD2 HD2  sing N N 366 
TYR CE1 CZ   doub Y N 367 
TYR CE1 HE1  sing N N 368 
TYR CE2 CZ   sing Y N 369 
TYR CE2 HE2  sing N N 370 
TYR CZ  OH   sing N N 371 
TYR OH  HH   sing N N 372 
TYR OXT HXT  sing N N 373 
VAL N   CA   sing N N 374 
VAL N   H    sing N N 375 
VAL N   H2   sing N N 376 
VAL CA  C    sing N N 377 
VAL CA  CB   sing N N 378 
VAL CA  HA   sing N N 379 
VAL C   O    doub N N 380 
VAL C   OXT  sing N N 381 
VAL CB  CG1  sing N N 382 
VAL CB  CG2  sing N N 383 
VAL CB  HB   sing N N 384 
VAL CG1 HG11 sing N N 385 
VAL CG1 HG12 sing N N 386 
VAL CG1 HG13 sing N N 387 
VAL CG2 HG21 sing N N 388 
VAL CG2 HG22 sing N N 389 
VAL CG2 HG23 sing N N 390 
VAL OXT HXT  sing N N 391 
# 
_atom_sites.entry_id                    4G4X 
_atom_sites.fract_transf_matrix[1][1]   0.00777476 
_atom_sites.fract_transf_matrix[1][2]   0.00884599 
_atom_sites.fract_transf_matrix[1][3]   0.03315654 
_atom_sites.fract_transf_matrix[2][1]   0.01771521 
_atom_sites.fract_transf_matrix[2][2]   -0.00478369 
_atom_sites.fract_transf_matrix[2][3]   -0.00287772 
_atom_sites.fract_transf_matrix[3][1]   0.00144575 
_atom_sites.fract_transf_matrix[3][2]   0.00662047 
_atom_sites.fract_transf_matrix[3][3]   -0.00210532 
_atom_sites.fract_transf_vector[1]      -0.245446 
_atom_sites.fract_transf_vector[2]      0.122537 
_atom_sites.fract_transf_vector[3]      0.111174 
# 
loop_
_atom_type.symbol 
C 
N 
O 
S 
# 
loop_
_atom_site.group_PDB 
_atom_site.id 
_atom_site.type_symbol 
_atom_site.label_atom_id 
_atom_site.label_alt_id 
_atom_site.label_comp_id 
_atom_site.label_asym_id 
_atom_site.label_entity_id 
_atom_site.label_seq_id 
_atom_site.pdbx_PDB_ins_code 
_atom_site.Cartn_x 
_atom_site.Cartn_y 
_atom_site.Cartn_z 
_atom_site.occupancy 
_atom_site.B_iso_or_equiv 
_atom_site.pdbx_formal_charge 
_atom_site.auth_seq_id 
_atom_site.auth_comp_id 
_atom_site.auth_asym_id 
_atom_site.auth_atom_id 
_atom_site.pdbx_PDB_model_num 
ATOM   1   N N   . ALA A 1 7   ? 5.737   10.410  9.688   1.00 29.28 ? 77  ALA A N   1 
ATOM   2   C CA  . ALA A 1 7   ? 4.744   9.429   10.211  1.00 28.43 ? 77  ALA A CA  1 
ATOM   3   C C   . ALA A 1 7   ? 4.888   8.092   9.488   1.00 27.05 ? 77  ALA A C   1 
ATOM   4   O O   . ALA A 1 7   ? 5.734   7.943   8.607   1.00 28.38 ? 77  ALA A O   1 
ATOM   5   C CB  . ALA A 1 7   ? 3.332   9.975   10.028  1.00 28.65 ? 77  ALA A CB  1 
ATOM   6   N N   . LYS A 1 8   ? 4.064   7.123   9.872   1.00 26.38 ? 78  LYS A N   1 
ATOM   7   C CA  . LYS A 1 8   ? 4.095   5.804   9.251   1.00 23.42 ? 78  LYS A CA  1 
ATOM   8   C C   . LYS A 1 8   ? 3.702   5.924   7.783   1.00 21.66 ? 78  LYS A C   1 
ATOM   9   O O   . LYS A 1 8   ? 2.585   6.333   7.463   1.00 21.00 ? 78  LYS A O   1 
ATOM   10  C CB  . LYS A 1 8   ? 3.132   4.858   9.977   1.00 26.06 ? 78  LYS A CB  1 
ATOM   11  C CG  . LYS A 1 8   ? 2.952   3.501   9.304   1.00 29.19 ? 78  LYS A CG  1 
ATOM   12  C CD  . LYS A 1 8   ? 4.264   2.732   9.191   1.00 31.88 ? 78  LYS A CD  1 
ATOM   13  C CE  . LYS A 1 8   ? 4.818   2.360   10.557  1.00 34.04 ? 78  LYS A CE  1 
ATOM   14  N NZ  . LYS A 1 8   ? 6.086   1.585   10.443  1.00 35.53 ? 78  LYS A NZ  1 
ATOM   15  N N   . ARG A 1 9   ? 4.626   5.565   6.896   1.00 18.38 ? 79  ARG A N   1 
ATOM   16  C CA  . ARG A 1 9   ? 4.390   5.648   5.460   1.00 17.75 ? 79  ARG A CA  1 
ATOM   17  C C   . ARG A 1 9   ? 4.226   4.273   4.823   1.00 15.40 ? 79  ARG A C   1 
ATOM   18  O O   . ARG A 1 9   ? 4.371   4.127   3.610   1.00 14.46 ? 79  ARG A O   1 
ATOM   19  C CB  . ARG A 1 9   ? 5.549   6.380   4.776   1.00 20.01 ? 79  ARG A CB  1 
ATOM   20  C CG  . ARG A 1 9   ? 5.808   7.789   5.290   1.00 23.99 ? 79  ARG A CG  1 
ATOM   21  C CD  . ARG A 1 9   ? 4.626   8.707   5.033   1.00 26.71 ? 79  ARG A CD  1 
ATOM   22  N NE  . ARG A 1 9   ? 4.887   10.076  5.473   1.00 28.60 ? 79  ARG A NE  1 
ATOM   23  C CZ  . ARG A 1 9   ? 5.811   10.872  4.942   1.00 30.12 ? 79  ARG A CZ  1 
ATOM   24  N NH1 . ARG A 1 9   ? 6.569   10.439  3.945   1.00 31.64 ? 79  ARG A NH1 1 
ATOM   25  N NH2 . ARG A 1 9   ? 5.978   12.102  5.408   1.00 30.05 ? 79  ARG A NH2 1 
ATOM   26  N N   . VAL A 1 10  ? 3.932   3.263   5.634   1.00 13.38 ? 80  VAL A N   1 
ATOM   27  C CA  . VAL A 1 10  ? 3.761   1.918   5.104   1.00 13.47 ? 80  VAL A CA  1 
ATOM   28  C C   . VAL A 1 10  ? 2.700   1.124   5.847   1.00 12.57 ? 80  VAL A C   1 
ATOM   29  O O   . VAL A 1 10  ? 2.573   1.215   7.068   1.00 14.41 ? 80  VAL A O   1 
ATOM   30  C CB  . VAL A 1 10  ? 5.091   1.121   5.147   1.00 13.71 ? 80  VAL A CB  1 
ATOM   31  C CG1 . VAL A 1 10  ? 5.546   0.942   6.582   1.00 16.69 ? 80  VAL A CG1 1 
ATOM   32  C CG2 . VAL A 1 10  ? 4.914   -0.234  4.470   1.00 13.67 ? 80  VAL A CG2 1 
ATOM   33  N N   . VAL A 1 11  ? 1.925   0.359   5.086   1.00 10.74 ? 81  VAL A N   1 
ATOM   34  C CA  . VAL A 1 11  ? 0.888   -0.497  5.644   1.00 10.37 ? 81  VAL A CA  1 
ATOM   35  C C   . VAL A 1 11  ? 1.261   -1.916  5.232   1.00 8.78  ? 81  VAL A C   1 
ATOM   36  O O   . VAL A 1 11  ? 1.650   -2.148  4.087   1.00 8.61  ? 81  VAL A O   1 
ATOM   37  C CB  . VAL A 1 11  ? -0.506  -0.141  5.077   1.00 12.16 ? 81  VAL A CB  1 
ATOM   38  C CG1 . VAL A 1 11  ? -1.515  -1.222  5.448   1.00 15.94 ? 81  VAL A CG1 1 
ATOM   39  C CG2 . VAL A 1 11  ? -0.957  1.211   5.627   1.00 15.54 ? 81  VAL A CG2 1 
ATOM   40  N N   . HIS A 1 12  ? 1.165   -2.858  6.165   1.00 7.23  ? 82  HIS A N   1 
ATOM   41  C CA  . HIS A 1 12  ? 1.510   -4.244  5.869   1.00 7.33  ? 82  HIS A CA  1 
ATOM   42  C C   . HIS A 1 12  ? 0.291   -5.139  5.746   1.00 7.87  ? 82  HIS A C   1 
ATOM   43  O O   . HIS A 1 12  ? -0.778  -4.826  6.268   1.00 7.57  ? 82  HIS A O   1 
ATOM   44  C CB  . HIS A 1 12  ? 2.467   -4.798  6.927   1.00 9.32  ? 82  HIS A CB  1 
ATOM   45  C CG  . HIS A 1 12  ? 3.808   -4.134  6.924   1.00 8.29  ? 82  HIS A CG  1 
ATOM   46  N ND1 . HIS A 1 12  ? 4.145   -3.126  7.804   1.00 9.92  ? 82  HIS A ND1 1 
ATOM   47  C CD2 . HIS A 1 12  ? 4.880   -4.300  6.114   1.00 8.22  ? 82  HIS A CD2 1 
ATOM   48  C CE1 . HIS A 1 12  ? 5.368   -2.701  7.533   1.00 10.91 ? 82  HIS A CE1 1 
ATOM   49  N NE2 . HIS A 1 12  ? 5.835   -3.396  6.512   1.00 9.30  ? 82  HIS A NE2 1 
ATOM   50  N N   . PHE A 1 13  ? 0.464   -6.259  5.051   1.00 5.49  ? 83  PHE A N   1 
ATOM   51  C CA  . PHE A 1 13  ? -0.630  -7.200  4.833   1.00 5.73  ? 83  PHE A CA  1 
ATOM   52  C C   . PHE A 1 13  ? -0.273  -8.648  5.128   1.00 5.01  ? 83  PHE A C   1 
ATOM   53  O O   . PHE A 1 13  ? 0.903   -9.033  5.133   1.00 5.86  ? 83  PHE A O   1 
ATOM   54  C CB  . PHE A 1 13  ? -1.120  -7.135  3.381   1.00 5.65  ? 83  PHE A CB  1 
ATOM   55  C CG  . PHE A 1 13  ? -1.636  -5.790  2.964   1.00 6.36  ? 83  PHE A CG  1 
ATOM   56  C CD1 . PHE A 1 13  ? -0.763  -4.788  2.546   1.00 5.81  ? 83  PHE A CD1 1 
ATOM   57  C CD2 . PHE A 1 13  ? -3.001  -5.525  2.987   1.00 6.94  ? 83  PHE A CD2 1 
ATOM   58  C CE1 . PHE A 1 13  ? -1.245  -3.538  2.157   1.00 5.06  ? 83  PHE A CE1 1 
ATOM   59  C CE2 . PHE A 1 13  ? -3.493  -4.283  2.599   1.00 6.60  ? 83  PHE A CE2 1 
ATOM   60  C CZ  . PHE A 1 13  ? -2.620  -3.287  2.184   1.00 7.28  ? 83  PHE A CZ  1 
ATOM   61  N N   . ASP A 1 14  ? -1.307  -9.450  5.353   1.00 5.02  ? 84  ASP A N   1 
ATOM   62  C CA  . ASP A 1 14  ? -1.130  -10.867 5.599   1.00 4.33  ? 84  ASP A CA  1 
ATOM   63  C C   . ASP A 1 14  ? -1.052  -11.558 4.243   1.00 5.80  ? 84  ASP A C   1 
ATOM   64  O O   . ASP A 1 14  ? -1.425  -10.991 3.210   1.00 5.92  ? 84  ASP A O   1 
ATOM   65  C CB  . ASP A 1 14  ? -2.307  -11.455 6.378   1.00 7.65  ? 84  ASP A CB  1 
ATOM   66  C CG  . ASP A 1 14  ? -2.412  -10.916 7.787   1.00 11.38 ? 84  ASP A CG  1 
ATOM   67  O OD1 . ASP A 1 14  ? -1.374  -10.541 8.370   1.00 11.33 ? 84  ASP A OD1 1 
ATOM   68  O OD2 . ASP A 1 14  ? -3.544  -10.888 8.316   1.00 15.52 ? 84  ASP A OD2 1 
ATOM   69  N N   . TYR A 1 15  ? -0.584  -12.796 4.263   1.00 5.44  ? 85  TYR A N   1 
ATOM   70  C CA  . TYR A 1 15  ? -0.455  -13.589 3.054   1.00 5.27  ? 85  TYR A CA  1 
ATOM   71  C C   . TYR A 1 15  ? -1.743  -13.658 2.231   1.00 5.35  ? 85  TYR A C   1 
ATOM   72  O O   . TYR A 1 15  ? -2.823  -13.938 2.759   1.00 5.38  ? 85  TYR A O   1 
ATOM   73  C CB  . TYR A 1 15  ? -0.002  -14.999 3.433   1.00 4.39  ? 85  TYR A CB  1 
ATOM   74  C CG  . TYR A 1 15  ? -0.033  -16.002 2.304   1.00 4.61  ? 85  TYR A CG  1 
ATOM   75  C CD1 . TYR A 1 15  ? -1.119  -16.859 2.137   1.00 5.61  ? 85  TYR A CD1 1 
ATOM   76  C CD2 . TYR A 1 15  ? 1.043   -16.129 1.433   1.00 5.39  ? 85  TYR A CD2 1 
ATOM   77  C CE1 . TYR A 1 15  ? -1.126  -17.826 1.134   1.00 5.74  ? 85  TYR A CE1 1 
ATOM   78  C CE2 . TYR A 1 15  ? 1.045   -17.093 0.425   1.00 7.01  ? 85  TYR A CE2 1 
ATOM   79  C CZ  . TYR A 1 15  ? -0.042  -17.938 0.286   1.00 7.44  ? 85  TYR A CZ  1 
ATOM   80  O OH  . TYR A 1 15  ? -0.031  -18.920 -0.680  1.00 9.47  ? 85  TYR A OH  1 
ATOM   81  N N   . ASP A 1 16  ? -1.607  -13.387 0.934   1.00 4.80  ? 86  ASP A N   1 
ATOM   82  C CA  . ASP A 1 16  ? -2.713  -13.453 -0.022  1.00 4.65  ? 86  ASP A CA  1 
ATOM   83  C C   . ASP A 1 16  ? -3.915  -12.602 0.368   1.00 6.17  ? 86  ASP A C   1 
ATOM   84  O O   . ASP A 1 16  ? -5.049  -12.893 -0.018  1.00 7.84  ? 86  ASP A O   1 
ATOM   85  C CB  . ASP A 1 16  ? -3.136  -14.922 -0.197  1.00 4.89  ? 86  ASP A CB  1 
ATOM   86  C CG  . ASP A 1 16  ? -3.729  -15.205 -1.565  1.00 5.59  ? 86  ASP A CG  1 
ATOM   87  O OD1 . ASP A 1 16  ? -3.455  -14.434 -2.510  1.00 6.43  ? 86  ASP A OD1 1 
ATOM   88  O OD2 . ASP A 1 16  ? -4.453  -16.211 -1.695  1.00 6.77  ? 86  ASP A OD2 1 
ATOM   89  N N   . SER A 1 17  ? -3.659  -11.531 1.111   1.00 5.66  ? 87  SER A N   1 
ATOM   90  C CA  . SER A 1 17  ? -4.724  -10.648 1.570   1.00 6.29  ? 87  SER A CA  1 
ATOM   91  C C   . SER A 1 17  ? -4.490  -9.173  1.264   1.00 5.81  ? 87  SER A C   1 
ATOM   92  O O   . SER A 1 17  ? -3.356  -8.705  1.238   1.00 5.77  ? 87  SER A O   1 
ATOM   93  C CB  . SER A 1 17  ? -4.898  -10.815 3.080   1.00 7.46  ? 87  SER A CB  1 
ATOM   94  O OG  . SER A 1 17  ? -5.899  -9.944  3.577   1.00 10.61 ? 87  SER A OG  1 
ATOM   95  N N   . SER A 1 18  ? -5.582  -8.449  1.034   1.00 6.88  ? 88  SER A N   1 
ATOM   96  C CA  . SER A 1 18  ? -5.524  -7.016  0.782   1.00 7.24  ? 88  SER A CA  1 
ATOM   97  C C   . SER A 1 18  ? -6.371  -6.316  1.845   1.00 8.33  ? 88  SER A C   1 
ATOM   98  O O   . SER A 1 18  ? -6.720  -5.145  1.700   1.00 8.83  ? 88  SER A O   1 
ATOM   99  C CB  . SER A 1 18  ? -6.073  -6.681  -0.607  1.00 10.61 ? 88  SER A CB  1 
ATOM   100 O OG  . SER A 1 18  ? -5.275  -7.254  -1.625  1.00 15.21 ? 88  SER A OG  1 
ATOM   101 N N   . ASP A 1 19  ? -6.700  -7.039  2.911   1.00 8.60  ? 89  ASP A N   1 
ATOM   102 C CA  . ASP A 1 19  ? -7.516  -6.474  3.981   1.00 9.12  ? 89  ASP A CA  1 
ATOM   103 C C   . ASP A 1 19  ? -6.765  -5.463  4.835   1.00 9.36  ? 89  ASP A C   1 
ATOM   104 O O   . ASP A 1 19  ? -5.572  -5.613  5.092   1.00 9.19  ? 89  ASP A O   1 
ATOM   105 C CB  . ASP A 1 19  ? -8.049  -7.579  4.899   1.00 13.25 ? 89  ASP A CB  1 
ATOM   106 C CG  . ASP A 1 19  ? -8.907  -8.589  4.171   1.00 15.37 ? 89  ASP A CG  1 
ATOM   107 O OD1 . ASP A 1 19  ? -9.675  -8.192  3.273   1.00 19.26 ? 89  ASP A OD1 1 
ATOM   108 O OD2 . ASP A 1 19  ? -8.820  -9.786  4.512   1.00 22.81 ? 89  ASP A OD2 1 
ATOM   109 N N   . LEU A 1 20  ? -7.487  -4.438  5.278   1.00 9.03  ? 90  LEU A N   1 
ATOM   110 C CA  . LEU A 1 20  ? -6.927  -3.400  6.134   1.00 9.57  ? 90  LEU A CA  1 
ATOM   111 C C   . LEU A 1 20  ? -7.399  -3.649  7.559   1.00 9.54  ? 90  LEU A C   1 
ATOM   112 O O   . LEU A 1 20  ? -8.511  -4.133  7.776   1.00 11.07 ? 90  LEU A O   1 
ATOM   113 C CB  . LEU A 1 20  ? -7.403  -2.020  5.681   1.00 9.00  ? 90  LEU A CB  1 
ATOM   114 C CG  . LEU A 1 20  ? -6.984  -1.582  4.278   1.00 9.97  ? 90  LEU A CG  1 
ATOM   115 C CD1 . LEU A 1 20  ? -7.671  -0.275  3.922   1.00 10.97 ? 90  LEU A CD1 1 
ATOM   116 C CD2 . LEU A 1 20  ? -5.470  -1.436  4.224   1.00 10.29 ? 90  LEU A CD2 1 
ATOM   117 N N   . SER A 1 21  ? -6.551  -3.313  8.523   1.00 8.68  ? 91  SER A N   1 
ATOM   118 C CA  . SER A 1 21  ? -6.867  -3.492  9.934   1.00 8.93  ? 91  SER A CA  1 
ATOM   119 C C   . SER A 1 21  ? -7.202  -2.139  10.549  1.00 8.01  ? 91  SER A C   1 
ATOM   120 O O   . SER A 1 21  ? -7.049  -1.103  9.906   1.00 8.05  ? 91  SER A O   1 
ATOM   121 C CB  . SER A 1 21  ? -5.663  -4.076  10.664  1.00 8.89  ? 91  SER A CB  1 
ATOM   122 O OG  . SER A 1 21  ? -4.600  -3.138  10.676  1.00 11.14 ? 91  SER A OG  1 
ATOM   123 N N   . THR A 1 22  ? -7.651  -2.153  11.800  1.00 8.19  ? 92  THR A N   1 
ATOM   124 C CA  . THR A 1 22  ? -7.975  -0.910  12.481  1.00 8.05  ? 92  THR A CA  1 
ATOM   125 C C   . THR A 1 22  ? -6.702  -0.097  12.684  1.00 7.83  ? 92  THR A C   1 
ATOM   126 O O   . THR A 1 22  ? -6.744  1.130   12.730  1.00 7.07  ? 92  THR A O   1 
ATOM   127 C CB  . THR A 1 22  ? -8.650  -1.176  13.832  1.00 8.73  ? 92  THR A CB  1 
ATOM   128 O OG1 . THR A 1 22  ? -7.921  -2.184  14.539  1.00 9.15  ? 92  THR A OG1 1 
ATOM   129 C CG2 . THR A 1 22  ? -10.089 -1.637  13.623  1.00 9.22  ? 92  THR A CG2 1 
ATOM   130 N N   . GLU A 1 23  ? -5.566  -0.782  12.805  1.00 9.06  ? 93  GLU A N   1 
ATOM   131 C CA  . GLU A 1 23  ? -4.295  -0.085  12.949  1.00 9.44  ? 93  GLU A CA  1 
ATOM   132 C C   . GLU A 1 23  ? -4.051  0.677   11.644  1.00 9.30  ? 93  GLU A C   1 
ATOM   133 O O   . GLU A 1 23  ? -3.642  1.839   11.657  1.00 9.99  ? 93  GLU A O   1 
ATOM   134 C CB  . GLU A 1 23  ? -3.151  -1.074  13.206  1.00 10.65 ? 93  GLU A CB  1 
ATOM   135 C CG  . GLU A 1 23  ? -3.167  -1.697  14.597  1.00 13.16 ? 93  GLU A CG  1 
ATOM   136 C CD  . GLU A 1 23  ? -3.931  -3.013  14.673  1.00 14.21 ? 93  GLU A CD  1 
ATOM   137 O OE1 . GLU A 1 23  ? -4.704  -3.333  13.743  1.00 14.44 ? 93  GLU A OE1 1 
ATOM   138 O OE2 . GLU A 1 23  ? -3.759  -3.729  15.682  1.00 16.50 ? 93  GLU A OE2 1 
ATOM   139 N N   . ASP A 1 24  ? -4.332  0.028   10.516  1.00 8.51  ? 94  ASP A N   1 
ATOM   140 C CA  . ASP A 1 24  ? -4.148  0.671   9.220   1.00 9.20  ? 94  ASP A CA  1 
ATOM   141 C C   . ASP A 1 24  ? -5.081  1.859   9.083   1.00 8.88  ? 94  ASP A C   1 
ATOM   142 O O   . ASP A 1 24  ? -4.712  2.872   8.497   1.00 10.38 ? 94  ASP A O   1 
ATOM   143 C CB  . ASP A 1 24  ? -4.419  -0.305  8.074   1.00 9.26  ? 94  ASP A CB  1 
ATOM   144 C CG  . ASP A 1 24  ? -3.495  -1.504  8.096   1.00 10.62 ? 94  ASP A CG  1 
ATOM   145 O OD1 . ASP A 1 24  ? -2.326  -1.354  8.518   1.00 12.11 ? 94  ASP A OD1 1 
ATOM   146 O OD2 . ASP A 1 24  ? -3.936  -2.591  7.679   1.00 10.17 ? 94  ASP A OD2 1 
ATOM   147 N N   . TYR A 1 25  ? -6.293  1.736   9.618   1.00 8.36  ? 95  TYR A N   1 
ATOM   148 C CA  . TYR A 1 25  ? -7.247  2.835   9.541   1.00 8.73  ? 95  TYR A CA  1 
ATOM   149 C C   . TYR A 1 25  ? -6.664  4.081   10.195  1.00 9.16  ? 95  TYR A C   1 
ATOM   150 O O   . TYR A 1 25  ? -6.772  5.182   9.659   1.00 10.46 ? 95  TYR A O   1 
ATOM   151 C CB  . TYR A 1 25  ? -8.563  2.489   10.243  1.00 9.33  ? 95  TYR A CB  1 
ATOM   152 C CG  . TYR A 1 25  ? -9.378  1.387   9.606   1.00 10.16 ? 95  TYR A CG  1 
ATOM   153 C CD1 . TYR A 1 25  ? -9.228  1.054   8.259   1.00 9.86  ? 95  TYR A CD1 1 
ATOM   154 C CD2 . TYR A 1 25  ? -10.330 0.695   10.351  1.00 8.95  ? 95  TYR A CD2 1 
ATOM   155 C CE1 . TYR A 1 25  ? -10.003 0.058   7.674   1.00 10.56 ? 95  TYR A CE1 1 
ATOM   156 C CE2 . TYR A 1 25  ? -11.111 -0.298  9.779   1.00 9.05  ? 95  TYR A CE2 1 
ATOM   157 C CZ  . TYR A 1 25  ? -10.942 -0.614  8.444   1.00 9.63  ? 95  TYR A CZ  1 
ATOM   158 O OH  . TYR A 1 25  ? -11.706 -1.609  7.889   1.00 11.79 ? 95  TYR A OH  1 
ATOM   159 N N   . GLN A 1 26  ? -6.052  3.911   11.363  1.00 9.87  ? 96  GLN A N   1 
ATOM   160 C CA  . GLN A 1 26  ? -5.470  5.052   12.056  1.00 11.74 ? 96  GLN A CA  1 
ATOM   161 C C   . GLN A 1 26  ? -4.317  5.645   11.263  1.00 13.18 ? 96  GLN A C   1 
ATOM   162 O O   . GLN A 1 26  ? -4.185  6.863   11.165  1.00 15.14 ? 96  GLN A O   1 
ATOM   163 C CB  . GLN A 1 26  ? -5.005  4.653   13.456  1.00 11.36 ? 96  GLN A CB  1 
ATOM   164 C CG  . GLN A 1 26  ? -6.161  4.347   14.389  1.00 12.51 ? 96  GLN A CG  1 
ATOM   165 C CD  . GLN A 1 26  ? -5.799  4.488   15.854  1.00 13.54 ? 96  GLN A CD  1 
ATOM   166 O OE1 . GLN A 1 26  ? -6.635  4.890   16.670  1.00 13.66 ? 96  GLN A OE1 1 
ATOM   167 N NE2 . GLN A 1 26  ? -4.559  4.153   16.201  1.00 12.89 ? 96  GLN A NE2 1 
ATOM   168 N N   . THR A 1 27  ? -3.492  4.780   10.685  1.00 13.92 ? 97  THR A N   1 
ATOM   169 C CA  . THR A 1 27  ? -2.358  5.231   9.891   1.00 14.80 ? 97  THR A CA  1 
ATOM   170 C C   . THR A 1 27  ? -2.842  6.039   8.690   1.00 14.66 ? 97  THR A C   1 
ATOM   171 O O   . THR A 1 27  ? -2.360  7.144   8.430   1.00 16.38 ? 97  THR A O   1 
ATOM   172 C CB  . THR A 1 27  ? -1.529  4.033   9.388   1.00 14.19 ? 97  THR A CB  1 
ATOM   173 O OG1 . THR A 1 27  ? -0.999  3.316   10.509  1.00 15.96 ? 97  THR A OG1 1 
ATOM   174 C CG2 . THR A 1 27  ? -0.386  4.505   8.496   1.00 16.73 ? 97  THR A CG2 1 
ATOM   175 N N   . LEU A 1 28  ? -3.809  5.488   7.965   1.00 13.09 ? 98  LEU A N   1 
ATOM   176 C CA  . LEU A 1 28  ? -4.346  6.149   6.786   1.00 13.21 ? 98  LEU A CA  1 
ATOM   177 C C   . LEU A 1 28  ? -5.191  7.380   7.101   1.00 15.16 ? 98  LEU A C   1 
ATOM   178 O O   . LEU A 1 28  ? -5.247  8.315   6.304   1.00 14.29 ? 98  LEU A O   1 
ATOM   179 C CB  . LEU A 1 28  ? -5.155  5.150   5.957   1.00 11.76 ? 98  LEU A CB  1 
ATOM   180 C CG  . LEU A 1 28  ? -4.342  3.961   5.436   1.00 11.33 ? 98  LEU A CG  1 
ATOM   181 C CD1 . LEU A 1 28  ? -5.251  3.017   4.668   1.00 9.62  ? 98  LEU A CD1 1 
ATOM   182 C CD2 . LEU A 1 28  ? -3.206  4.455   4.546   1.00 11.93 ? 98  LEU A CD2 1 
ATOM   183 N N   . GLN A 1 29  ? -5.847  7.386   8.258   1.00 15.42 ? 99  GLN A N   1 
ATOM   184 C CA  . GLN A 1 29  ? -6.671  8.529   8.641   1.00 17.39 ? 99  GLN A CA  1 
ATOM   185 C C   . GLN A 1 29  ? -5.801  9.777   8.762   1.00 16.69 ? 99  GLN A C   1 
ATOM   186 O O   . GLN A 1 29  ? -6.222  10.876  8.397   1.00 17.26 ? 99  GLN A O   1 
ATOM   187 C CB  . GLN A 1 29  ? -7.378  8.262   9.973   1.00 18.58 ? 99  GLN A CB  1 
ATOM   188 C CG  . GLN A 1 29  ? -8.297  9.392   10.424  1.00 22.72 ? 99  GLN A CG  1 
ATOM   189 C CD  . GLN A 1 29  ? -9.509  9.564   9.523   1.00 24.24 ? 99  GLN A CD  1 
ATOM   190 O OE1 . GLN A 1 29  ? -10.253 10.539  9.644   1.00 27.68 ? 99  GLN A OE1 1 
ATOM   191 N NE2 . GLN A 1 29  ? -9.721  8.612   8.621   1.00 25.40 ? 99  GLN A NE2 1 
ATOM   192 N N   . ALA A 1 30  ? -4.586  9.597   9.271   1.00 16.34 ? 100 ALA A N   1 
ATOM   193 C CA  . ALA A 1 30  ? -3.649  10.703  9.443   1.00 16.87 ? 100 ALA A CA  1 
ATOM   194 C C   . ALA A 1 30  ? -3.260  11.294  8.094   1.00 16.00 ? 100 ALA A C   1 
ATOM   195 O O   . ALA A 1 30  ? -3.147  12.511  7.946   1.00 17.05 ? 100 ALA A O   1 
ATOM   196 C CB  . ALA A 1 30  ? -2.405  10.222  10.176  1.00 17.26 ? 100 ALA A CB  1 
ATOM   197 N N   . HIS A 1 31  ? -3.046  10.425  7.113   1.00 14.35 ? 101 HIS A N   1 
ATOM   198 C CA  . HIS A 1 31  ? -2.674  10.868  5.777   1.00 12.69 ? 101 HIS A CA  1 
ATOM   199 C C   . HIS A 1 31  ? -3.860  11.517  5.076   1.00 12.35 ? 101 HIS A C   1 
ATOM   200 O O   . HIS A 1 31  ? -3.698  12.478  4.323   1.00 12.63 ? 101 HIS A O   1 
ATOM   201 C CB  . HIS A 1 31  ? -2.156  9.678   4.966   1.00 12.49 ? 101 HIS A CB  1 
ATOM   202 C CG  . HIS A 1 31  ? -0.798  9.214   5.391   1.00 11.92 ? 101 HIS A CG  1 
ATOM   203 N ND1 . HIS A 1 31  ? 0.351   9.922   5.104   1.00 12.93 ? 101 HIS A ND1 1 
ATOM   204 C CD2 . HIS A 1 31  ? -0.405  8.139   6.115   1.00 13.42 ? 101 HIS A CD2 1 
ATOM   205 C CE1 . HIS A 1 31  ? 1.390   9.302   5.633   1.00 12.68 ? 101 HIS A CE1 1 
ATOM   206 N NE2 . HIS A 1 31  ? 0.959   8.218   6.252   1.00 13.73 ? 101 HIS A NE2 1 
ATOM   207 N N   . ALA A 1 32  ? -5.056  10.997  5.332   1.00 13.12 ? 102 ALA A N   1 
ATOM   208 C CA  . ALA A 1 32  ? -6.258  11.545  4.722   1.00 12.88 ? 102 ALA A CA  1 
ATOM   209 C C   . ALA A 1 32  ? -6.454  12.979  5.193   1.00 13.47 ? 102 ALA A C   1 
ATOM   210 O O   . ALA A 1 32  ? -6.755  13.865  4.397   1.00 14.73 ? 102 ALA A O   1 
ATOM   211 C CB  . ALA A 1 32  ? -7.475  10.694  5.092   1.00 12.53 ? 102 ALA A CB  1 
ATOM   212 N N   . GLN A 1 33  ? -6.278  13.202  6.491   1.00 15.13 ? 103 GLN A N   1 
ATOM   213 C CA  . GLN A 1 33  ? -6.439  14.536  7.049   1.00 16.59 ? 103 GLN A CA  1 
ATOM   214 C C   . GLN A 1 33  ? -5.368  15.476  6.509   1.00 15.58 ? 103 GLN A C   1 
ATOM   215 O O   . GLN A 1 33  ? -5.655  16.625  6.174   1.00 15.27 ? 103 GLN A O   1 
ATOM   216 C CB  . GLN A 1 33  ? -6.374  14.482  8.577   1.00 19.09 ? 103 GLN A CB  1 
ATOM   217 C CG  . GLN A 1 33  ? -7.507  13.676  9.200   1.00 24.34 ? 103 GLN A CG  1 
ATOM   218 C CD  . GLN A 1 33  ? -8.880  14.263  8.906   1.00 27.23 ? 103 GLN A CD  1 
ATOM   219 O OE1 . GLN A 1 33  ? -9.902  13.612  9.119   1.00 30.92 ? 103 GLN A OE1 1 
ATOM   220 N NE2 . GLN A 1 33  ? -8.907  15.501  8.421   1.00 29.66 ? 103 GLN A NE2 1 
ATOM   221 N N   . PHE A 1 34  ? -4.133  14.991  6.417   1.00 14.58 ? 104 PHE A N   1 
ATOM   222 C CA  . PHE A 1 34  ? -3.052  15.819  5.899   1.00 14.45 ? 104 PHE A CA  1 
ATOM   223 C C   . PHE A 1 34  ? -3.311  16.205  4.446   1.00 14.82 ? 104 PHE A C   1 
ATOM   224 O O   . PHE A 1 34  ? -3.197  17.375  4.077   1.00 13.91 ? 104 PHE A O   1 
ATOM   225 C CB  . PHE A 1 34  ? -1.710  15.088  6.011   1.00 14.64 ? 104 PHE A CB  1 
ATOM   226 C CG  . PHE A 1 34  ? -0.546  15.882  5.486   1.00 14.30 ? 104 PHE A CG  1 
ATOM   227 C CD1 . PHE A 1 34  ? -0.236  15.877  4.128   1.00 14.57 ? 104 PHE A CD1 1 
ATOM   228 C CD2 . PHE A 1 34  ? 0.220   16.664  6.343   1.00 14.85 ? 104 PHE A CD2 1 
ATOM   229 C CE1 . PHE A 1 34  ? 0.821   16.642  3.632   1.00 14.85 ? 104 PHE A CE1 1 
ATOM   230 C CE2 . PHE A 1 34  ? 1.279   17.433  5.856   1.00 14.80 ? 104 PHE A CE2 1 
ATOM   231 C CZ  . PHE A 1 34  ? 1.578   17.422  4.500   1.00 14.90 ? 104 PHE A CZ  1 
ATOM   232 N N   . LEU A 1 35  ? -3.664  15.223  3.623   1.00 13.56 ? 105 LEU A N   1 
ATOM   233 C CA  . LEU A 1 35  ? -3.927  15.476  2.212   1.00 13.44 ? 105 LEU A CA  1 
ATOM   234 C C   . LEU A 1 35  ? -5.107  16.419  1.991   1.00 14.19 ? 105 LEU A C   1 
ATOM   235 O O   . LEU A 1 35  ? -5.096  17.222  1.059   1.00 14.66 ? 105 LEU A O   1 
ATOM   236 C CB  . LEU A 1 35  ? -4.166  14.154  1.475   1.00 13.05 ? 105 LEU A CB  1 
ATOM   237 C CG  . LEU A 1 35  ? -2.926  13.267  1.315   1.00 12.71 ? 105 LEU A CG  1 
ATOM   238 C CD1 . LEU A 1 35  ? -3.342  11.869  0.884   1.00 13.40 ? 105 LEU A CD1 1 
ATOM   239 C CD2 . LEU A 1 35  ? -1.976  13.891  0.298   1.00 13.85 ? 105 LEU A CD2 1 
ATOM   240 N N   . MET A 1 36  ? -6.121  16.329  2.846   1.00 15.47 ? 106 MET A N   1 
ATOM   241 C CA  . MET A 1 36  ? -7.288  17.190  2.708   1.00 16.19 ? 106 MET A CA  1 
ATOM   242 C C   . MET A 1 36  ? -6.977  18.627  3.115   1.00 16.23 ? 106 MET A C   1 
ATOM   243 O O   . MET A 1 36  ? -7.660  19.560  2.691   1.00 18.64 ? 106 MET A O   1 
ATOM   244 C CB  . MET A 1 36  ? -8.458  16.650  3.540   1.00 17.92 ? 106 MET A CB  1 
ATOM   245 C CG  . MET A 1 36  ? -9.070  15.371  2.979   1.00 18.90 ? 106 MET A CG  1 
ATOM   246 S SD  . MET A 1 36  ? -10.543 14.820  3.873   1.00 24.14 ? 106 MET A SD  1 
ATOM   247 C CE  . MET A 1 36  ? -9.812  13.800  5.128   1.00 24.31 ? 106 MET A CE  1 
ATOM   248 N N   . ALA A 1 37  ? -5.940  18.803  3.926   1.00 14.88 ? 107 ALA A N   1 
ATOM   249 C CA  . ALA A 1 37  ? -5.543  20.133  4.383   1.00 14.67 ? 107 ALA A CA  1 
ATOM   250 C C   . ALA A 1 37  ? -4.390  20.696  3.560   1.00 15.23 ? 107 ALA A C   1 
ATOM   251 O O   . ALA A 1 37  ? -4.002  21.853  3.732   1.00 15.13 ? 107 ALA A O   1 
ATOM   252 C CB  . ALA A 1 37  ? -5.153  20.084  5.855   1.00 14.26 ? 107 ALA A CB  1 
ATOM   253 N N   . ASN A 1 38  ? -3.846  19.875  2.669   1.00 13.88 ? 108 ASN A N   1 
ATOM   254 C CA  . ASN A 1 38  ? -2.731  20.281  1.816   1.00 14.30 ? 108 ASN A CA  1 
ATOM   255 C C   . ASN A 1 38  ? -3.017  19.839  0.383   1.00 14.62 ? 108 ASN A C   1 
ATOM   256 O O   . ASN A 1 38  ? -2.498  18.826  -0.095  1.00 13.47 ? 108 ASN A O   1 
ATOM   257 C CB  . ASN A 1 38  ? -1.436  19.654  2.339   1.00 14.27 ? 108 ASN A CB  1 
ATOM   258 C CG  . ASN A 1 38  ? -1.056  20.174  3.715   1.00 14.61 ? 108 ASN A CG  1 
ATOM   259 O OD1 . ASN A 1 38  ? -0.427  21.226  3.841   1.00 14.30 ? 108 ASN A OD1 1 
ATOM   260 N ND2 . ASN A 1 38  ? -1.455  19.451  4.755   1.00 12.98 ? 108 ASN A ND2 1 
ATOM   261 N N   . ALA A 1 39  ? -3.849  20.630  -0.288  1.00 14.95 ? 109 ALA A N   1 
ATOM   262 C CA  . ALA A 1 39  ? -4.297  20.379  -1.655  1.00 15.86 ? 109 ALA A CA  1 
ATOM   263 C C   . ALA A 1 39  ? -3.232  20.114  -2.711  1.00 17.00 ? 109 ALA A C   1 
ATOM   264 O O   . ALA A 1 39  ? -3.506  19.450  -3.710  1.00 18.13 ? 109 ALA A O   1 
ATOM   265 C CB  . ALA A 1 39  ? -5.185  21.531  -2.113  1.00 17.13 ? 109 ALA A CB  1 
ATOM   266 N N   . ASN A 1 40  ? -2.027  20.633  -2.506  1.00 16.69 ? 110 ASN A N   1 
ATOM   267 C CA  . ASN A 1 40  ? -0.963  20.445  -3.482  1.00 17.99 ? 110 ASN A CA  1 
ATOM   268 C C   . ASN A 1 40  ? -0.068  19.243  -3.222  1.00 18.18 ? 110 ASN A C   1 
ATOM   269 O O   . ASN A 1 40  ? 0.857   18.973  -3.990  1.00 18.99 ? 110 ASN A O   1 
ATOM   270 C CB  . ASN A 1 40  ? -0.128  21.724  -3.583  1.00 19.02 ? 110 ASN A CB  1 
ATOM   271 C CG  . ASN A 1 40  ? -0.839  22.813  -4.364  1.00 20.54 ? 110 ASN A CG  1 
ATOM   272 O OD1 . ASN A 1 40  ? -0.639  22.955  -5.572  1.00 24.43 ? 110 ASN A OD1 1 
ATOM   273 N ND2 . ASN A 1 40  ? -1.690  23.573  -3.684  1.00 17.93 ? 110 ASN A ND2 1 
ATOM   274 N N   . SER A 1 41  ? -0.340  18.520  -2.142  1.00 17.69 ? 111 SER A N   1 
ATOM   275 C CA  . SER A 1 41  ? 0.438   17.331  -1.819  1.00 17.52 ? 111 SER A CA  1 
ATOM   276 C C   . SER A 1 41  ? -0.121  16.163  -2.620  1.00 17.17 ? 111 SER A C   1 
ATOM   277 O O   . SER A 1 41  ? -1.334  15.992  -2.717  1.00 17.80 ? 111 SER A O   1 
ATOM   278 C CB  . SER A 1 41  ? 0.358   17.019  -0.323  1.00 17.85 ? 111 SER A CB  1 
ATOM   279 O OG  . SER A 1 41  ? 1.184   17.893  0.427   1.00 19.94 ? 111 SER A OG  1 
ATOM   280 N N   . LYS A 1 42  ? 0.770   15.372  -3.205  1.00 17.33 ? 112 LYS A N   1 
ATOM   281 C CA  . LYS A 1 42  ? 0.366   14.223  -4.001  1.00 17.57 ? 112 LYS A CA  1 
ATOM   282 C C   . LYS A 1 42  ? 1.116   12.991  -3.525  1.00 16.61 ? 112 LYS A C   1 
ATOM   283 O O   . LYS A 1 42  ? 2.292   13.068  -3.171  1.00 16.04 ? 112 LYS A O   1 
ATOM   284 C CB  . LYS A 1 42  ? 0.676   14.463  -5.479  1.00 19.78 ? 112 LYS A CB  1 
ATOM   285 C CG  . LYS A 1 42  ? -0.030  15.665  -6.082  1.00 22.88 ? 112 LYS A CG  1 
ATOM   286 C CD  . LYS A 1 42  ? 0.295   15.802  -7.559  1.00 24.85 ? 112 LYS A CD  1 
ATOM   287 C CE  . LYS A 1 42  ? -0.430  16.984  -8.178  1.00 27.11 ? 112 LYS A CE  1 
ATOM   288 N NZ  . LYS A 1 42  ? -0.123  17.116  -9.631  1.00 29.23 ? 112 LYS A NZ  1 
ATOM   289 N N   . VAL A 1 43  ? 0.433   11.854  -3.511  1.00 16.75 ? 113 VAL A N   1 
ATOM   290 C CA  . VAL A 1 43  ? 1.066   10.621  -3.076  1.00 15.82 ? 113 VAL A CA  1 
ATOM   291 C C   . VAL A 1 43  ? 0.869   9.490   -4.065  1.00 14.91 ? 113 VAL A C   1 
ATOM   292 O O   . VAL A 1 43  ? -0.154  9.403   -4.742  1.00 15.19 ? 113 VAL A O   1 
ATOM   293 C CB  . VAL A 1 43  ? 0.526   10.140  -1.709  1.00 16.72 ? 113 VAL A CB  1 
ATOM   294 C CG1 . VAL A 1 43  ? 0.775   11.189  -0.653  1.00 16.40 ? 113 VAL A CG1 1 
ATOM   295 C CG2 . VAL A 1 43  ? -0.954  9.817   -1.813  1.00 17.22 ? 113 VAL A CG2 1 
ATOM   296 N N   . ALA A 1 44  ? 1.876   8.633   -4.149  1.00 15.58 ? 114 ALA A N   1 
ATOM   297 C CA  . ALA A 1 44  ? 1.817   7.467   -5.003  1.00 14.55 ? 114 ALA A CA  1 
ATOM   298 C C   . ALA A 1 44  ? 1.681   6.310   -4.021  1.00 13.77 ? 114 ALA A C   1 
ATOM   299 O O   . ALA A 1 44  ? 2.487   6.175   -3.101  1.00 14.79 ? 114 ALA A O   1 
ATOM   300 C CB  . ALA A 1 44  ? 3.099   7.331   -5.814  1.00 16.37 ? 114 ALA A CB  1 
ATOM   301 N N   . LEU A 1 45  ? 0.640   5.506   -4.193  1.00 12.57 ? 115 LEU A N   1 
ATOM   302 C CA  . LEU A 1 45  ? 0.410   4.361   -3.325  1.00 11.40 ? 115 LEU A CA  1 
ATOM   303 C C   . LEU A 1 45  ? 0.906   3.142   -4.085  1.00 11.16 ? 115 LEU A C   1 
ATOM   304 O O   . LEU A 1 45  ? 0.243   2.665   -5.003  1.00 12.16 ? 115 LEU A O   1 
ATOM   305 C CB  . LEU A 1 45  ? -1.083  4.231   -3.029  1.00 11.59 ? 115 LEU A CB  1 
ATOM   306 C CG  . LEU A 1 45  ? -1.720  5.502   -2.457  1.00 12.64 ? 115 LEU A CG  1 
ATOM   307 C CD1 . LEU A 1 45  ? -3.231  5.387   -2.516  1.00 13.79 ? 115 LEU A CD1 1 
ATOM   308 C CD2 . LEU A 1 45  ? -1.247  5.723   -1.030  1.00 12.28 ? 115 LEU A CD2 1 
ATOM   309 N N   . THR A 1 46  ? 2.077   2.641   -3.706  1.00 9.75  ? 116 THR A N   1 
ATOM   310 C CA  . THR A 1 46  ? 2.656   1.497   -4.394  1.00 9.43  ? 116 THR A CA  1 
ATOM   311 C C   . THR A 1 46  ? 2.402   0.186   -3.655  1.00 8.85  ? 116 THR A C   1 
ATOM   312 O O   . THR A 1 46  ? 2.706   0.056   -2.466  1.00 7.66  ? 116 THR A O   1 
ATOM   313 C CB  . THR A 1 46  ? 4.177   1.710   -4.624  1.00 10.23 ? 116 THR A CB  1 
ATOM   314 O OG1 . THR A 1 46  ? 4.858   1.797   -3.367  1.00 11.76 ? 116 THR A OG1 1 
ATOM   315 C CG2 . THR A 1 46  ? 4.415   3.009   -5.400  1.00 12.09 ? 116 THR A CG2 1 
ATOM   316 N N   . GLY A 1 47  ? 1.833   -0.777  -4.376  1.00 7.73  ? 117 GLY A N   1 
ATOM   317 C CA  . GLY A 1 47  ? 1.508   -2.077  -3.803  1.00 7.20  ? 117 GLY A CA  1 
ATOM   318 C C   . GLY A 1 47  ? 2.570   -3.122  -4.078  1.00 7.13  ? 117 GLY A C   1 
ATOM   319 O O   . GLY A 1 47  ? 3.103   -3.197  -5.188  1.00 7.12  ? 117 GLY A O   1 
ATOM   320 N N   . HIS A 1 48  ? 2.847   -3.953  -3.076  1.00 6.32  ? 118 HIS A N   1 
ATOM   321 C CA  . HIS A 1 48  ? 3.881   -4.977  -3.177  1.00 5.88  ? 118 HIS A CA  1 
ATOM   322 C C   . HIS A 1 48  ? 3.485   -6.295  -2.532  1.00 5.87  ? 118 HIS A C   1 
ATOM   323 O O   . HIS A 1 48  ? 2.580   -6.342  -1.700  1.00 5.37  ? 118 HIS A O   1 
ATOM   324 C CB  . HIS A 1 48  ? 5.157   -4.490  -2.503  1.00 5.69  ? 118 HIS A CB  1 
ATOM   325 C CG  . HIS A 1 48  ? 5.645   -3.174  -3.009  1.00 5.79  ? 118 HIS A CG  1 
ATOM   326 N ND1 . HIS A 1 48  ? 5.188   -1.967  -2.527  1.00 9.13  ? 118 HIS A ND1 1 
ATOM   327 C CD2 . HIS A 1 48  ? 6.546   -2.877  -3.973  1.00 4.55  ? 118 HIS A CD2 1 
ATOM   328 C CE1 . HIS A 1 48  ? 5.788   -0.983  -3.173  1.00 3.74  ? 118 HIS A CE1 1 
ATOM   329 N NE2 . HIS A 1 48  ? 6.617   -1.509  -4.056  1.00 8.84  ? 118 HIS A NE2 1 
ATOM   330 N N   . THR A 1 49  ? 4.213   -7.353  -2.887  1.00 5.05  ? 119 THR A N   1 
ATOM   331 C CA  . THR A 1 49  ? 3.949   -8.692  -2.368  1.00 4.46  ? 119 THR A CA  1 
ATOM   332 C C   . THR A 1 49  ? 5.246   -9.410  -2.018  1.00 5.01  ? 119 THR A C   1 
ATOM   333 O O   . THR A 1 49  ? 6.331   -8.926  -2.350  1.00 5.17  ? 119 THR A O   1 
ATOM   334 C CB  . THR A 1 49  ? 3.266   -9.573  -3.433  1.00 4.10  ? 119 THR A CB  1 
ATOM   335 O OG1 . THR A 1 49  ? 4.236   -9.934  -4.430  1.00 4.52  ? 119 THR A OG1 1 
ATOM   336 C CG2 . THR A 1 49  ? 2.133   -8.827  -4.115  1.00 7.00  ? 119 THR A CG2 1 
ATOM   337 N N   . ASP A 1 50  ? 5.138   -10.550 -1.334  1.00 4.97  ? 120 ASP A N   1 
ATOM   338 C CA  . ASP A 1 50  ? 6.338   -11.334 -1.085  1.00 4.45  ? 120 ASP A CA  1 
ATOM   339 C C   . ASP A 1 50  ? 6.465   -12.239 -2.319  1.00 5.73  ? 120 ASP A C   1 
ATOM   340 O O   . ASP A 1 50  ? 5.579   -12.248 -3.180  1.00 4.94  ? 120 ASP A O   1 
ATOM   341 C CB  . ASP A 1 50  ? 6.310   -12.115 0.256   1.00 4.97  ? 120 ASP A CB  1 
ATOM   342 C CG  . ASP A 1 50  ? 5.217   -13.167 0.348   1.00 4.50  ? 120 ASP A CG  1 
ATOM   343 O OD1 . ASP A 1 50  ? 4.975   -13.916 -0.623  1.00 4.73  ? 120 ASP A OD1 1 
ATOM   344 O OD2 . ASP A 1 50  ? 4.625   -13.262 1.444   1.00 5.24  ? 120 ASP A OD2 1 
ATOM   345 N N   . GLU A 1 51  ? 7.557   -12.984 -2.416  1.00 5.28  ? 121 GLU A N   1 
ATOM   346 C CA  . GLU A 1 51  ? 7.828   -13.806 -3.597  1.00 4.98  ? 121 GLU A CA  1 
ATOM   347 C C   . GLU A 1 51  ? 6.967   -15.030 -3.893  1.00 6.58  ? 121 GLU A C   1 
ATOM   348 O O   . GLU A 1 51  ? 7.088   -15.612 -4.973  1.00 6.21  ? 121 GLU A O   1 
ATOM   349 C CB  . GLU A 1 51  ? 9.290   -14.246 -3.576  1.00 5.95  ? 121 GLU A CB  1 
ATOM   350 C CG  . GLU A 1 51  ? 9.598   -15.262 -2.499  1.00 7.93  ? 121 GLU A CG  1 
ATOM   351 C CD  . GLU A 1 51  ? 11.061  -15.627 -2.458  1.00 9.95  ? 121 GLU A CD  1 
ATOM   352 O OE1 . GLU A 1 51  ? 11.599  -16.027 -3.513  1.00 12.35 ? 121 GLU A OE1 1 
ATOM   353 O OE2 . GLU A 1 51  ? 11.668  -15.520 -1.373  1.00 8.95  ? 121 GLU A OE2 1 
ATOM   354 N N   . ARG A 1 52  ? 6.111   -15.428 -2.960  1.00 5.17  ? 122 ARG A N   1 
ATOM   355 C CA  . ARG A 1 52  ? 5.279   -16.609 -3.175  1.00 5.32  ? 122 ARG A CA  1 
ATOM   356 C C   . ARG A 1 52  ? 4.212   -16.388 -4.242  1.00 5.04  ? 122 ARG A C   1 
ATOM   357 O O   . ARG A 1 52  ? 3.458   -15.417 -4.192  1.00 5.74  ? 122 ARG A O   1 
ATOM   358 C CB  . ARG A 1 52  ? 4.646   -17.039 -1.853  1.00 5.64  ? 122 ARG A CB  1 
ATOM   359 C CG  . ARG A 1 52  ? 5.672   -17.602 -0.878  1.00 6.39  ? 122 ARG A CG  1 
ATOM   360 C CD  . ARG A 1 52  ? 5.054   -17.932 0.471   1.00 6.79  ? 122 ARG A CD  1 
ATOM   361 N NE  . ARG A 1 52  ? 4.696   -16.724 1.204   1.00 6.15  ? 122 ARG A NE  1 
ATOM   362 C CZ  . ARG A 1 52  ? 4.257   -16.722 2.457   1.00 6.56  ? 122 ARG A CZ  1 
ATOM   363 N NH1 . ARG A 1 52  ? 4.119   -17.868 3.115   1.00 6.55  ? 122 ARG A NH1 1 
ATOM   364 N NH2 . ARG A 1 52  ? 3.976   -15.575 3.058   1.00 5.73  ? 122 ARG A NH2 1 
ATOM   365 N N   . GLY A 1 53  ? 4.155   -17.295 -5.212  1.00 4.71  ? 123 GLY A N   1 
ATOM   366 C CA  . GLY A 1 53  ? 3.182   -17.169 -6.283  1.00 4.72  ? 123 GLY A CA  1 
ATOM   367 C C   . GLY A 1 53  ? 3.814   -16.568 -7.529  1.00 5.48  ? 123 GLY A C   1 
ATOM   368 O O   . GLY A 1 53  ? 4.938   -16.072 -7.480  1.00 7.07  ? 123 GLY A O   1 
ATOM   369 N N   . THR A 1 54  ? 3.094   -16.593 -8.645  1.00 5.58  ? 124 THR A N   1 
ATOM   370 C CA  . THR A 1 54  ? 3.630   -16.064 -9.902  1.00 5.88  ? 124 THR A CA  1 
ATOM   371 C C   . THR A 1 54  ? 3.743   -14.544 -9.949  1.00 6.32  ? 124 THR A C   1 
ATOM   372 O O   . THR A 1 54  ? 3.119   -13.831 -9.165  1.00 6.23  ? 124 THR A O   1 
ATOM   373 C CB  . THR A 1 54  ? 2.773   -16.492 -11.106 1.00 5.00  ? 124 THR A CB  1 
ATOM   374 O OG1 . THR A 1 54  ? 1.458   -15.930 -10.972 1.00 7.06  ? 124 THR A OG1 1 
ATOM   375 C CG2 . THR A 1 54  ? 2.663   -18.005 -11.177 1.00 6.55  ? 124 THR A CG2 1 
ATOM   376 N N   . ARG A 1 55  ? 4.542   -14.049 -10.885 1.00 5.77  ? 125 ARG A N   1 
ATOM   377 C CA  . ARG A 1 55  ? 4.714   -12.612 -11.030 1.00 6.46  ? 125 ARG A CA  1 
ATOM   378 C C   . ARG A 1 55  ? 3.399   -11.924 -11.376 1.00 6.30  ? 125 ARG A C   1 
ATOM   379 O O   . ARG A 1 55  ? 3.064   -10.890 -10.799 1.00 7.52  ? 125 ARG A O   1 
ATOM   380 C CB  . ARG A 1 55  ? 5.755   -12.312 -12.104 1.00 10.38 ? 125 ARG A CB  1 
ATOM   381 C CG  . ARG A 1 55  ? 7.180   -12.464 -11.616 1.00 13.98 ? 125 ARG A CG  1 
ATOM   382 C CD  . ARG A 1 55  ? 8.161   -12.345 -12.762 1.00 15.67 ? 125 ARG A CD  1 
ATOM   383 N NE  . ARG A 1 55  ? 8.077   -13.500 -13.649 1.00 19.36 ? 125 ARG A NE  1 
ATOM   384 C CZ  . ARG A 1 55  ? 8.782   -13.637 -14.767 1.00 21.31 ? 125 ARG A CZ  1 
ATOM   385 N NH1 . ARG A 1 55  ? 9.626   -12.686 -15.141 1.00 22.35 ? 125 ARG A NH1 1 
ATOM   386 N NH2 . ARG A 1 55  ? 8.649   -14.731 -15.505 1.00 21.99 ? 125 ARG A NH2 1 
ATOM   387 N N   . GLU A 1 56  ? 2.645   -12.503 -12.305 1.00 7.05  ? 126 GLU A N   1 
ATOM   388 C CA  . GLU A 1 56  ? 1.379   -11.904 -12.706 1.00 7.16  ? 126 GLU A CA  1 
ATOM   389 C C   . GLU A 1 56  ? 0.357   -11.937 -11.576 1.00 6.60  ? 126 GLU A C   1 
ATOM   390 O O   . GLU A 1 56  ? -0.371  -10.966 -11.361 1.00 7.63  ? 126 GLU A O   1 
ATOM   391 C CB  . GLU A 1 56  ? 0.824   -12.611 -13.945 1.00 9.29  ? 126 GLU A CB  1 
ATOM   392 C CG  . GLU A 1 56  ? -0.302  -11.852 -14.636 1.00 15.00 ? 126 GLU A CG  1 
ATOM   393 C CD  . GLU A 1 56  ? 0.096   -10.442 -15.042 1.00 17.91 ? 126 GLU A CD  1 
ATOM   394 O OE1 . GLU A 1 56  ? 1.153   -10.276 -15.687 1.00 22.32 ? 126 GLU A OE1 1 
ATOM   395 O OE2 . GLU A 1 56  ? -0.654  -9.496  -14.724 1.00 22.68 ? 126 GLU A OE2 1 
ATOM   396 N N   . TYR A 1 57  ? 0.299   -13.050 -10.851 1.00 6.49  ? 127 TYR A N   1 
ATOM   397 C CA  . TYR A 1 57  ? -0.637  -13.152 -9.738  1.00 5.10  ? 127 TYR A CA  1 
ATOM   398 C C   . TYR A 1 57  ? -0.323  -12.054 -8.731  1.00 4.94  ? 127 TYR A C   1 
ATOM   399 O O   . TYR A 1 57  ? -1.217  -11.364 -8.242  1.00 5.17  ? 127 TYR A O   1 
ATOM   400 C CB  . TYR A 1 57  ? -0.527  -14.521 -9.063  1.00 5.00  ? 127 TYR A CB  1 
ATOM   401 C CG  . TYR A 1 57  ? -1.496  -14.712 -7.918  1.00 5.36  ? 127 TYR A CG  1 
ATOM   402 C CD1 . TYR A 1 57  ? -1.182  -14.287 -6.620  1.00 4.56  ? 127 TYR A CD1 1 
ATOM   403 C CD2 . TYR A 1 57  ? -2.744  -15.290 -8.135  1.00 5.90  ? 127 TYR A CD2 1 
ATOM   404 C CE1 . TYR A 1 57  ? -2.097  -14.434 -5.572  1.00 5.20  ? 127 TYR A CE1 1 
ATOM   405 C CE2 . TYR A 1 57  ? -3.660  -15.442 -7.101  1.00 5.38  ? 127 TYR A CE2 1 
ATOM   406 C CZ  . TYR A 1 57  ? -3.332  -15.014 -5.823  1.00 6.71  ? 127 TYR A CZ  1 
ATOM   407 O OH  . TYR A 1 57  ? -4.248  -15.176 -4.809  1.00 7.12  ? 127 TYR A OH  1 
ATOM   408 N N   . ASN A 1 58  ? 0.957   -11.887 -8.432  1.00 4.66  ? 128 ASN A N   1 
ATOM   409 C CA  . ASN A 1 58  ? 1.365   -10.873 -7.479  1.00 4.96  ? 128 ASN A CA  1 
ATOM   410 C C   . ASN A 1 58  ? 1.204   -9.445  -7.988  1.00 5.05  ? 128 ASN A C   1 
ATOM   411 O O   . ASN A 1 58  ? 0.999   -8.527  -7.194  1.00 5.38  ? 128 ASN A O   1 
ATOM   412 C CB  . ASN A 1 58  ? 2.787   -11.157 -7.000  1.00 6.30  ? 128 ASN A CB  1 
ATOM   413 C CG  . ASN A 1 58  ? 2.816   -12.268 -5.973  1.00 6.03  ? 128 ASN A CG  1 
ATOM   414 O OD1 . ASN A 1 58  ? 2.174   -12.160 -4.930  1.00 6.38  ? 128 ASN A OD1 1 
ATOM   415 N ND2 . ASN A 1 58  ? 3.543   -13.345 -6.260  1.00 6.89  ? 128 ASN A ND2 1 
ATOM   416 N N   . MET A 1 59  ? 1.286   -9.247  -9.299  1.00 6.87  ? 129 MET A N   1 
ATOM   417 C CA  . MET A 1 59  ? 1.060   -7.909  -9.834  1.00 7.33  ? 129 MET A CA  1 
ATOM   418 C C   . MET A 1 59  ? -0.379  -7.536  -9.474  1.00 7.00  ? 129 MET A C   1 
ATOM   419 O O   . MET A 1 59  ? -0.653  -6.427  -9.006  1.00 6.93  ? 129 MET A O   1 
ATOM   420 C CB  . MET A 1 59  ? 1.227   -7.893  -11.359 1.00 8.65  ? 129 MET A CB  1 
ATOM   421 C CG  . MET A 1 59  ? 2.657   -7.700  -11.836 1.00 13.38 ? 129 MET A CG  1 
ATOM   422 S SD  . MET A 1 59  ? 3.348   -6.129  -11.265 1.00 16.26 ? 129 MET A SD  1 
ATOM   423 C CE  . MET A 1 59  ? 2.104   -5.008  -11.801 1.00 17.19 ? 129 MET A CE  1 
ATOM   424 N N   . ALA A 1 60  ? -1.298  -8.478  -9.674  1.00 6.57  ? 130 ALA A N   1 
ATOM   425 C CA  . ALA A 1 60  ? -2.702  -8.237  -9.369  1.00 6.82  ? 130 ALA A CA  1 
ATOM   426 C C   . ALA A 1 60  ? -2.939  -8.047  -7.870  1.00 7.22  ? 130 ALA A C   1 
ATOM   427 O O   . ALA A 1 60  ? -3.722  -7.185  -7.469  1.00 6.62  ? 130 ALA A O   1 
ATOM   428 C CB  . ALA A 1 60  ? -3.561  -9.385  -9.898  1.00 8.45  ? 130 ALA A CB  1 
ATOM   429 N N   . LEU A 1 61  ? -2.270  -8.852  -7.045  1.00 5.76  ? 131 LEU A N   1 
ATOM   430 C CA  . LEU A 1 61  ? -2.427  -8.736  -5.594  1.00 5.21  ? 131 LEU A CA  1 
ATOM   431 C C   . LEU A 1 61  ? -1.883  -7.388  -5.120  1.00 5.53  ? 131 LEU A C   1 
ATOM   432 O O   . LEU A 1 61  ? -2.470  -6.746  -4.242  1.00 5.92  ? 131 LEU A O   1 
ATOM   433 C CB  . LEU A 1 61  ? -1.701  -9.884  -4.882  1.00 5.74  ? 131 LEU A CB  1 
ATOM   434 C CG  . LEU A 1 61  ? -1.614  -9.841  -3.352  1.00 4.43  ? 131 LEU A CG  1 
ATOM   435 C CD1 . LEU A 1 61  ? -3.002  -9.726  -2.736  1.00 5.30  ? 131 LEU A CD1 1 
ATOM   436 C CD2 . LEU A 1 61  ? -0.919  -11.101 -2.863  1.00 5.98  ? 131 LEU A CD2 1 
ATOM   437 N N   . GLY A 1 62  ? -0.759  -6.964  -5.695  1.00 5.81  ? 132 GLY A N   1 
ATOM   438 C CA  . GLY A 1 62  ? -0.187  -5.678  -5.333  1.00 5.91  ? 132 GLY A CA  1 
ATOM   439 C C   . GLY A 1 62  ? -1.155  -4.558  -5.683  1.00 6.53  ? 132 GLY A C   1 
ATOM   440 O O   . GLY A 1 62  ? -1.274  -3.567  -4.962  1.00 7.46  ? 132 GLY A O   1 
ATOM   441 N N   . GLU A 1 63  ? -1.859  -4.722  -6.799  1.00 7.13  ? 133 GLU A N   1 
ATOM   442 C CA  . GLU A 1 63  ? -2.830  -3.729  -7.234  1.00 8.47  ? 133 GLU A CA  1 
ATOM   443 C C   . GLU A 1 63  ? -4.007  -3.700  -6.261  1.00 8.21  ? 133 GLU A C   1 
ATOM   444 O O   . GLU A 1 63  ? -4.486  -2.627  -5.895  1.00 8.63  ? 133 GLU A O   1 
ATOM   445 C CB  . GLU A 1 63  ? -3.321  -4.057  -8.645  1.00 13.05 ? 133 GLU A CB  1 
ATOM   446 C CG  . GLU A 1 63  ? -4.310  -3.059  -9.212  1.00 17.73 ? 133 GLU A CG  1 
ATOM   447 C CD  . GLU A 1 63  ? -4.684  -3.378  -10.643 1.00 22.75 ? 133 GLU A CD  1 
ATOM   448 O OE1 . GLU A 1 63  ? -5.127  -4.519  -10.899 1.00 25.87 ? 133 GLU A OE1 1 
ATOM   449 O OE2 . GLU A 1 63  ? -4.537  -2.491  -11.509 1.00 27.68 ? 133 GLU A OE2 1 
ATOM   450 N N   . ARG A 1 64  ? -4.468  -4.873  -5.832  1.00 7.04  ? 134 ARG A N   1 
ATOM   451 C CA  . ARG A 1 64  ? -5.581  -4.933  -4.889  1.00 7.38  ? 134 ARG A CA  1 
ATOM   452 C C   . ARG A 1 64  ? -5.212  -4.246  -3.574  1.00 6.92  ? 134 ARG A C   1 
ATOM   453 O O   . ARG A 1 64  ? -6.049  -3.593  -2.954  1.00 8.50  ? 134 ARG A O   1 
ATOM   454 C CB  . ARG A 1 64  ? -6.004  -6.387  -4.625  1.00 8.08  ? 134 ARG A CB  1 
ATOM   455 C CG  . ARG A 1 64  ? -6.689  -7.053  -5.817  1.00 8.40  ? 134 ARG A CG  1 
ATOM   456 C CD  . ARG A 1 64  ? -7.429  -8.333  -5.425  1.00 10.41 ? 134 ARG A CD  1 
ATOM   457 N NE  . ARG A 1 64  ? -6.550  -9.426  -5.011  1.00 8.31  ? 134 ARG A NE  1 
ATOM   458 C CZ  . ARG A 1 64  ? -5.814  -10.160 -5.841  1.00 6.72  ? 134 ARG A CZ  1 
ATOM   459 N NH1 . ARG A 1 64  ? -5.839  -9.921  -7.145  1.00 9.04  ? 134 ARG A NH1 1 
ATOM   460 N NH2 . ARG A 1 64  ? -5.062  -11.147 -5.368  1.00 8.94  ? 134 ARG A NH2 1 
ATOM   461 N N   . ARG A 1 65  ? -3.956  -4.393  -3.155  1.00 6.19  ? 135 ARG A N   1 
ATOM   462 C CA  . ARG A 1 65  ? -3.495  -3.763  -1.924  1.00 5.78  ? 135 ARG A CA  1 
ATOM   463 C C   . ARG A 1 65  ? -3.436  -2.247  -2.088  1.00 5.79  ? 135 ARG A C   1 
ATOM   464 O O   . ARG A 1 65  ? -3.914  -1.505  -1.229  1.00 5.70  ? 135 ARG A O   1 
ATOM   465 C CB  . ARG A 1 65  ? -2.120  -4.318  -1.534  1.00 4.88  ? 135 ARG A CB  1 
ATOM   466 C CG  . ARG A 1 65  ? -2.200  -5.734  -0.984  1.00 4.59  ? 135 ARG A CG  1 
ATOM   467 C CD  . ARG A 1 65  ? -0.845  -6.413  -0.816  1.00 4.85  ? 135 ARG A CD  1 
ATOM   468 N NE  . ARG A 1 65  ? -1.043  -7.662  -0.084  1.00 5.04  ? 135 ARG A NE  1 
ATOM   469 C CZ  . ARG A 1 65  ? -0.187  -8.678  -0.044  1.00 2.74  ? 135 ARG A CZ  1 
ATOM   470 N NH1 . ARG A 1 65  ? 0.972   -8.625  -0.700  1.00 4.09  ? 135 ARG A NH1 1 
ATOM   471 N NH2 . ARG A 1 65  ? -0.503  -9.765  0.647   1.00 4.88  ? 135 ARG A NH2 1 
ATOM   472 N N   . ALA A 1 66  ? -2.872  -1.788  -3.199  1.00 6.49  ? 136 ALA A N   1 
ATOM   473 C CA  . ALA A 1 66  ? -2.769  -0.358  -3.447  1.00 7.20  ? 136 ALA A CA  1 
ATOM   474 C C   . ALA A 1 66  ? -4.155  0.267   -3.569  1.00 8.26  ? 136 ALA A C   1 
ATOM   475 O O   . ALA A 1 66  ? -4.399  1.351   -3.040  1.00 8.28  ? 136 ALA A O   1 
ATOM   476 C CB  . ALA A 1 66  ? -1.962  -0.104  -4.714  1.00 7.24  ? 136 ALA A CB  1 
ATOM   477 N N   . LYS A 1 67  ? -5.064  -0.417  -4.256  1.00 8.91  ? 137 LYS A N   1 
ATOM   478 C CA  . LYS A 1 67  ? -6.411  0.110   -4.420  1.00 8.92  ? 137 LYS A CA  1 
ATOM   479 C C   . LYS A 1 67  ? -7.184  0.145   -3.105  1.00 9.39  ? 137 LYS A C   1 
ATOM   480 O O   . LYS A 1 67  ? -8.004  1.036   -2.892  1.00 9.64  ? 137 LYS A O   1 
ATOM   481 C CB  . LYS A 1 67  ? -7.172  -0.686  -5.485  1.00 11.29 ? 137 LYS A CB  1 
ATOM   482 C CG  . LYS A 1 67  ? -6.627  -0.440  -6.889  1.00 15.03 ? 137 LYS A CG  1 
ATOM   483 C CD  . LYS A 1 67  ? -7.503  -1.037  -7.978  1.00 20.25 ? 137 LYS A CD  1 
ATOM   484 C CE  . LYS A 1 67  ? -6.960  -0.674  -9.356  1.00 22.69 ? 137 LYS A CE  1 
ATOM   485 N NZ  . LYS A 1 67  ? -7.816  -1.178  -10.466 1.00 26.05 ? 137 LYS A NZ  1 
ATOM   486 N N   . ALA A 1 68  ? -6.923  -0.809  -2.215  1.00 7.62  ? 138 ALA A N   1 
ATOM   487 C CA  . ALA A 1 68  ? -7.599  -0.815  -0.922  1.00 8.98  ? 138 ALA A CA  1 
ATOM   488 C C   . ALA A 1 68  ? -7.217  0.460   -0.166  1.00 8.37  ? 138 ALA A C   1 
ATOM   489 O O   . ALA A 1 68  ? -8.059  1.105   0.461   1.00 8.84  ? 138 ALA A O   1 
ATOM   490 C CB  . ALA A 1 68  ? -7.193  -2.044  -0.119  1.00 8.75  ? 138 ALA A CB  1 
ATOM   491 N N   . VAL A 1 69  ? -5.941  0.828   -0.231  1.00 8.34  ? 139 VAL A N   1 
ATOM   492 C CA  . VAL A 1 69  ? -5.472  2.032   0.444   1.00 8.17  ? 139 VAL A CA  1 
ATOM   493 C C   . VAL A 1 69  ? -6.022  3.269   -0.256  1.00 9.34  ? 139 VAL A C   1 
ATOM   494 O O   . VAL A 1 69  ? -6.500  4.198   0.399   1.00 8.76  ? 139 VAL A O   1 
ATOM   495 C CB  . VAL A 1 69  ? -3.920  2.079   0.484   1.00 6.87  ? 139 VAL A CB  1 
ATOM   496 C CG1 . VAL A 1 69  ? -3.443  3.387   1.084   1.00 8.76  ? 139 VAL A CG1 1 
ATOM   497 C CG2 . VAL A 1 69  ? -3.394  0.910   1.316   1.00 7.80  ? 139 VAL A CG2 1 
ATOM   498 N N   . GLN A 1 70  ? -5.972  3.274   -1.585  1.00 8.51  ? 140 GLN A N   1 
ATOM   499 C CA  . GLN A 1 70  ? -6.477  4.398   -2.363  1.00 9.57  ? 140 GLN A CA  1 
ATOM   500 C C   . GLN A 1 70  ? -7.961  4.615   -2.103  1.00 10.95 ? 140 GLN A C   1 
ATOM   501 O O   . GLN A 1 70  ? -8.405  5.749   -1.907  1.00 11.23 ? 140 GLN A O   1 
ATOM   502 C CB  . GLN A 1 70  ? -6.250  4.152   -3.855  1.00 10.60 ? 140 GLN A CB  1 
ATOM   503 C CG  . GLN A 1 70  ? -6.834  5.225   -4.760  1.00 14.05 ? 140 GLN A CG  1 
ATOM   504 C CD  . GLN A 1 70  ? -6.537  4.967   -6.221  1.00 17.58 ? 140 GLN A CD  1 
ATOM   505 O OE1 . GLN A 1 70  ? -6.899  3.923   -6.765  1.00 20.19 ? 140 GLN A OE1 1 
ATOM   506 N NE2 . GLN A 1 70  ? -5.868  5.914   -6.866  1.00 19.26 ? 140 GLN A NE2 1 
ATOM   507 N N   . ASN A 1 71  ? -8.728  3.530   -2.099  1.00 11.19 ? 141 ASN A N   1 
ATOM   508 C CA  . ASN A 1 71  ? -10.162 3.625   -1.858  1.00 13.17 ? 141 ASN A CA  1 
ATOM   509 C C   . ASN A 1 71  ? -10.469 4.119   -0.449  1.00 13.00 ? 141 ASN A C   1 
ATOM   510 O O   . ASN A 1 71  ? -11.435 4.855   -0.246  1.00 13.98 ? 141 ASN A O   1 
ATOM   511 C CB  . ASN A 1 71  ? -10.843 2.275   -2.103  1.00 14.83 ? 141 ASN A CB  1 
ATOM   512 C CG  . ASN A 1 71  ? -10.863 1.893   -3.571  1.00 20.60 ? 141 ASN A CG  1 
ATOM   513 O OD1 . ASN A 1 71  ? -11.169 2.718   -4.432  1.00 24.00 ? 141 ASN A OD1 1 
ATOM   514 N ND2 . ASN A 1 71  ? -10.546 0.636   -3.863  1.00 24.41 ? 141 ASN A ND2 1 
ATOM   515 N N   . TYR A 1 72  ? -9.655  3.721   0.525   1.00 12.02 ? 142 TYR A N   1 
ATOM   516 C CA  . TYR A 1 72  ? -9.876  4.169   1.894   1.00 11.39 ? 142 TYR A CA  1 
ATOM   517 C C   . TYR A 1 72  ? -9.717  5.684   1.952   1.00 12.27 ? 142 TYR A C   1 
ATOM   518 O O   . TYR A 1 72  ? -10.549 6.383   2.530   1.00 12.87 ? 142 TYR A O   1 
ATOM   519 C CB  . TYR A 1 72  ? -8.882  3.511   2.866   1.00 11.00 ? 142 TYR A CB  1 
ATOM   520 C CG  . TYR A 1 72  ? -8.975  4.078   4.267   1.00 9.69  ? 142 TYR A CG  1 
ATOM   521 C CD1 . TYR A 1 72  ? -8.429  5.325   4.574   1.00 11.70 ? 142 TYR A CD1 1 
ATOM   522 C CD2 . TYR A 1 72  ? -9.687  3.412   5.263   1.00 11.38 ? 142 TYR A CD2 1 
ATOM   523 C CE1 . TYR A 1 72  ? -8.597  5.900   5.828   1.00 12.80 ? 142 TYR A CE1 1 
ATOM   524 C CE2 . TYR A 1 72  ? -9.861  3.982   6.527   1.00 11.29 ? 142 TYR A CE2 1 
ATOM   525 C CZ  . TYR A 1 72  ? -9.316  5.227   6.799   1.00 12.65 ? 142 TYR A CZ  1 
ATOM   526 O OH  . TYR A 1 72  ? -9.497  5.816   8.031   1.00 13.25 ? 142 TYR A OH  1 
ATOM   527 N N   . LEU A 1 73  ? -8.644  6.187   1.353   1.00 12.44 ? 143 LEU A N   1 
ATOM   528 C CA  . LEU A 1 73  ? -8.380  7.620   1.348   1.00 12.77 ? 143 LEU A CA  1 
ATOM   529 C C   . LEU A 1 73  ? -9.475  8.398   0.625   1.00 13.40 ? 143 LEU A C   1 
ATOM   530 O O   . LEU A 1 73  ? -9.901  9.456   1.092   1.00 13.36 ? 143 LEU A O   1 
ATOM   531 C CB  . LEU A 1 73  ? -7.015  7.896   0.711   1.00 12.11 ? 143 LEU A CB  1 
ATOM   532 C CG  . LEU A 1 73  ? -5.817  7.331   1.482   1.00 11.59 ? 143 LEU A CG  1 
ATOM   533 C CD1 . LEU A 1 73  ? -4.553  7.480   0.654   1.00 11.98 ? 143 LEU A CD1 1 
ATOM   534 C CD2 . LEU A 1 73  ? -5.676  8.056   2.816   1.00 12.46 ? 143 LEU A CD2 1 
ATOM   535 N N   . ILE A 1 74  ? -9.935  7.874   -0.507  1.00 13.73 ? 144 ILE A N   1 
ATOM   536 C CA  . ILE A 1 74  ? -10.986 8.542   -1.271  1.00 16.53 ? 144 ILE A CA  1 
ATOM   537 C C   . ILE A 1 74  ? -12.298 8.582   -0.490  1.00 17.61 ? 144 ILE A C   1 
ATOM   538 O O   . ILE A 1 74  ? -12.977 9.609   -0.459  1.00 18.49 ? 144 ILE A O   1 
ATOM   539 C CB  . ILE A 1 74  ? -11.217 7.849   -2.634  1.00 15.56 ? 144 ILE A CB  1 
ATOM   540 C CG1 . ILE A 1 74  ? -9.990  8.057   -3.527  1.00 15.92 ? 144 ILE A CG1 1 
ATOM   541 C CG2 . ILE A 1 74  ? -12.467 8.409   -3.306  1.00 17.33 ? 144 ILE A CG2 1 
ATOM   542 C CD1 . ILE A 1 74  ? -10.079 7.386   -4.882  1.00 17.09 ? 144 ILE A CD1 1 
ATOM   543 N N   . THR A 1 75  ? -12.657 7.472   0.147   1.00 19.54 ? 145 THR A N   1 
ATOM   544 C CA  . THR A 1 75  ? -13.894 7.429   0.920   1.00 20.97 ? 145 THR A CA  1 
ATOM   545 C C   . THR A 1 75  ? -13.799 8.368   2.120   1.00 21.87 ? 145 THR A C   1 
ATOM   546 O O   . THR A 1 75  ? -14.816 8.829   2.645   1.00 22.02 ? 145 THR A O   1 
ATOM   547 C CB  . THR A 1 75  ? -14.204 6.000   1.420   1.00 22.89 ? 145 THR A CB  1 
ATOM   548 O OG1 . THR A 1 75  ? -13.146 5.546   2.271   1.00 24.77 ? 145 THR A OG1 1 
ATOM   549 C CG2 . THR A 1 75  ? -14.350 5.049   0.245   1.00 22.37 ? 145 THR A CG2 1 
ATOM   550 N N   . SER A 1 76  ? -12.572 8.657   2.545   1.00 20.75 ? 146 SER A N   1 
ATOM   551 C CA  . SER A 1 76  ? -12.340 9.543   3.679   1.00 21.44 ? 146 SER A CA  1 
ATOM   552 C C   . SER A 1 76  ? -12.474 11.009  3.280   1.00 19.38 ? 146 SER A C   1 
ATOM   553 O O   . SER A 1 76  ? -12.560 11.883  4.141   1.00 20.84 ? 146 SER A O   1 
ATOM   554 C CB  . SER A 1 76  ? -10.950 9.301   4.272   1.00 20.91 ? 146 SER A CB  1 
ATOM   555 O OG  . SER A 1 76  ? -10.852 7.997   4.817   1.00 25.84 ? 146 SER A OG  1 
ATOM   556 N N   . GLY A 1 77  ? -12.481 11.272  1.977   1.00 19.33 ? 147 GLY A N   1 
ATOM   557 C CA  . GLY A 1 77  ? -12.621 12.636  1.500   1.00 19.17 ? 147 GLY A CA  1 
ATOM   558 C C   . GLY A 1 77  ? -11.473 13.175  0.666   1.00 19.79 ? 147 GLY A C   1 
ATOM   559 O O   . GLY A 1 77  ? -11.554 14.287  0.145   1.00 19.67 ? 147 GLY A O   1 
ATOM   560 N N   . VAL A 1 78  ? -10.403 12.400  0.526   1.00 17.80 ? 148 VAL A N   1 
ATOM   561 C CA  . VAL A 1 78  ? -9.255  12.849  -0.253  1.00 17.71 ? 148 VAL A CA  1 
ATOM   562 C C   . VAL A 1 78  ? -9.577  12.973  -1.742  1.00 18.43 ? 148 VAL A C   1 
ATOM   563 O O   . VAL A 1 78  ? -10.203 12.094  -2.330  1.00 18.32 ? 148 VAL A O   1 
ATOM   564 C CB  . VAL A 1 78  ? -8.056  11.891  -0.084  1.00 16.90 ? 148 VAL A CB  1 
ATOM   565 C CG1 . VAL A 1 78  ? -6.898  12.349  -0.954  1.00 16.99 ? 148 VAL A CG1 1 
ATOM   566 C CG2 . VAL A 1 78  ? -7.632  11.849  1.373   1.00 16.89 ? 148 VAL A CG2 1 
ATOM   567 N N   . ASN A 1 79  ? -9.143  14.076  -2.347  1.00 19.54 ? 149 ASN A N   1 
ATOM   568 C CA  . ASN A 1 79  ? -9.379  14.305  -3.766  1.00 19.98 ? 149 ASN A CA  1 
ATOM   569 C C   . ASN A 1 79  ? -8.618  13.250  -4.566  1.00 20.25 ? 149 ASN A C   1 
ATOM   570 O O   . ASN A 1 79  ? -7.406  13.099  -4.410  1.00 19.62 ? 149 ASN A O   1 
ATOM   571 C CB  . ASN A 1 79  ? -8.893  15.702  -4.161  1.00 21.00 ? 149 ASN A CB  1 
ATOM   572 C CG  . ASN A 1 79  ? -9.327  16.098  -5.559  1.00 22.30 ? 149 ASN A CG  1 
ATOM   573 O OD1 . ASN A 1 79  ? -9.121  15.358  -6.519  1.00 22.25 ? 149 ASN A OD1 1 
ATOM   574 N ND2 . ASN A 1 79  ? -9.930  17.276  -5.680  1.00 24.62 ? 149 ASN A ND2 1 
ATOM   575 N N   . PRO A 1 80  ? -9.323  12.502  -5.430  1.00 20.81 ? 150 PRO A N   1 
ATOM   576 C CA  . PRO A 1 80  ? -8.694  11.459  -6.249  1.00 20.72 ? 150 PRO A CA  1 
ATOM   577 C C   . PRO A 1 80  ? -7.492  11.944  -7.059  1.00 21.14 ? 150 PRO A C   1 
ATOM   578 O O   . PRO A 1 80  ? -6.589  11.167  -7.365  1.00 20.86 ? 150 PRO A O   1 
ATOM   579 C CB  . PRO A 1 80  ? -9.840  10.991  -7.141  1.00 21.27 ? 150 PRO A CB  1 
ATOM   580 C CG  . PRO A 1 80  ? -11.030 11.152  -6.250  1.00 21.22 ? 150 PRO A CG  1 
ATOM   581 C CD  . PRO A 1 80  ? -10.783 12.514  -5.634  1.00 20.90 ? 150 PRO A CD  1 
ATOM   582 N N   . GLN A 1 81  ? -7.485  13.229  -7.401  1.00 21.00 ? 151 GLN A N   1 
ATOM   583 C CA  . GLN A 1 81  ? -6.398  13.810  -8.180  1.00 21.44 ? 151 GLN A CA  1 
ATOM   584 C C   . GLN A 1 81  ? -5.079  13.839  -7.415  1.00 19.69 ? 151 GLN A C   1 
ATOM   585 O O   . GLN A 1 81  ? -4.015  13.989  -8.013  1.00 21.53 ? 151 GLN A O   1 
ATOM   586 C CB  . GLN A 1 81  ? -6.762  15.230  -8.621  1.00 23.75 ? 151 GLN A CB  1 
ATOM   587 C CG  . GLN A 1 81  ? -7.992  15.311  -9.508  1.00 27.20 ? 151 GLN A CG  1 
ATOM   588 C CD  . GLN A 1 81  ? -8.302  16.731  -9.942  1.00 29.41 ? 151 GLN A CD  1 
ATOM   589 O OE1 . GLN A 1 81  ? -8.523  17.613  -9.110  1.00 30.81 ? 151 GLN A OE1 1 
ATOM   590 N NE2 . GLN A 1 81  ? -8.322  16.958  -11.250 1.00 30.73 ? 151 GLN A NE2 1 
ATOM   591 N N   . GLN A 1 82  ? -5.149  13.702  -6.094  1.00 18.33 ? 152 GLN A N   1 
ATOM   592 C CA  . GLN A 1 82  ? -3.949  13.712  -5.263  1.00 17.12 ? 152 GLN A CA  1 
ATOM   593 C C   . GLN A 1 82  ? -3.425  12.300  -5.031  1.00 16.95 ? 152 GLN A C   1 
ATOM   594 O O   . GLN A 1 82  ? -2.430  12.112  -4.330  1.00 17.78 ? 152 GLN A O   1 
ATOM   595 C CB  . GLN A 1 82  ? -4.236  14.351  -3.900  1.00 16.08 ? 152 GLN A CB  1 
ATOM   596 C CG  . GLN A 1 82  ? -4.594  15.826  -3.945  1.00 15.08 ? 152 GLN A CG  1 
ATOM   597 C CD  . GLN A 1 82  ? -4.886  16.393  -2.565  1.00 15.17 ? 152 GLN A CD  1 
ATOM   598 O OE1 . GLN A 1 82  ? -3.989  16.527  -1.730  1.00 16.80 ? 152 GLN A OE1 1 
ATOM   599 N NE2 . GLN A 1 82  ? -6.147  16.722  -2.319  1.00 16.99 ? 152 GLN A NE2 1 
ATOM   600 N N   . LEU A 1 83  ? -4.093  11.315  -5.623  1.00 17.00 ? 153 LEU A N   1 
ATOM   601 C CA  . LEU A 1 83  ? -3.700  9.921   -5.447  1.00 16.80 ? 153 LEU A CA  1 
ATOM   602 C C   . LEU A 1 83  ? -3.357  9.200   -6.746  1.00 17.77 ? 153 LEU A C   1 
ATOM   603 O O   . LEU A 1 83  ? -3.935  9.467   -7.799  1.00 18.40 ? 153 LEU A O   1 
ATOM   604 C CB  . LEU A 1 83  ? -4.818  9.155   -4.738  1.00 15.82 ? 153 LEU A CB  1 
ATOM   605 C CG  . LEU A 1 83  ? -5.348  9.743   -3.428  1.00 16.48 ? 153 LEU A CG  1 
ATOM   606 C CD1 . LEU A 1 83  ? -6.497  8.892   -2.923  1.00 17.16 ? 153 LEU A CD1 1 
ATOM   607 C CD2 . LEU A 1 83  ? -4.238  9.806   -2.395  1.00 17.70 ? 153 LEU A CD2 1 
ATOM   608 N N   . GLU A 1 84  ? -2.411  8.273   -6.645  1.00 18.65 ? 154 GLU A N   1 
ATOM   609 C CA  . GLU A 1 84  ? -1.963  7.468   -7.773  1.00 20.31 ? 154 GLU A CA  1 
ATOM   610 C C   . GLU A 1 84  ? -1.656  6.082   -7.212  1.00 18.92 ? 154 GLU A C   1 
ATOM   611 O O   . GLU A 1 84  ? -0.877  5.951   -6.270  1.00 19.30 ? 154 GLU A O   1 
ATOM   612 C CB  . GLU A 1 84  ? -0.698  8.078   -8.385  1.00 23.65 ? 154 GLU A CB  1 
ATOM   613 C CG  . GLU A 1 84  ? -0.196  7.378   -9.636  1.00 29.07 ? 154 GLU A CG  1 
ATOM   614 C CD  . GLU A 1 84  ? 1.085   7.996   -10.170 1.00 31.46 ? 154 GLU A CD  1 
ATOM   615 O OE1 . GLU A 1 84  ? 1.094   9.219   -10.429 1.00 33.45 ? 154 GLU A OE1 1 
ATOM   616 O OE2 . GLU A 1 84  ? 2.081   7.261   -10.333 1.00 33.71 ? 154 GLU A OE2 1 
ATOM   617 N N   . ALA A 1 85  ? -2.280  5.054   -7.772  1.00 16.77 ? 155 ALA A N   1 
ATOM   618 C CA  . ALA A 1 85  ? -2.055  3.692   -7.300  1.00 15.93 ? 155 ALA A CA  1 
ATOM   619 C C   . ALA A 1 85  ? -1.348  2.862   -8.360  1.00 16.15 ? 155 ALA A C   1 
ATOM   620 O O   . ALA A 1 85  ? -1.790  2.798   -9.506  1.00 17.70 ? 155 ALA A O   1 
ATOM   621 C CB  . ALA A 1 85  ? -3.379  3.043   -6.927  1.00 14.49 ? 155 ALA A CB  1 
ATOM   622 N N   . VAL A 1 86  ? -0.244  2.230   -7.970  1.00 15.27 ? 156 VAL A N   1 
ATOM   623 C CA  . VAL A 1 86  ? 0.530   1.398   -8.884  1.00 15.65 ? 156 VAL A CA  1 
ATOM   624 C C   . VAL A 1 86  ? 1.041   0.149   -8.169  1.00 12.46 ? 156 VAL A C   1 
ATOM   625 O O   . VAL A 1 86  ? 1.315   0.173   -6.969  1.00 13.26 ? 156 VAL A O   1 
ATOM   626 C CB  . VAL A 1 86  ? 1.736   2.178   -9.465  1.00 18.27 ? 156 VAL A CB  1 
ATOM   627 C CG1 . VAL A 1 86  ? 2.672   2.597   -8.351  1.00 18.50 ? 156 VAL A CG1 1 
ATOM   628 C CG2 . VAL A 1 86  ? 2.474   1.323   -10.483 1.00 20.36 ? 156 VAL A CG2 1 
ATOM   629 N N   . SER A 1 87  ? 1.164   -0.943  -8.913  1.00 10.08 ? 157 SER A N   1 
ATOM   630 C CA  . SER A 1 87  ? 1.641   -2.189  -8.333  1.00 9.40  ? 157 SER A CA  1 
ATOM   631 C C   . SER A 1 87  ? 3.001   -2.582  -8.875  1.00 8.41  ? 157 SER A C   1 
ATOM   632 O O   . SER A 1 87  ? 3.283   -2.402  -10.057 1.00 9.56  ? 157 SER A O   1 
ATOM   633 C CB  . SER A 1 87  ? 0.655   -3.320  -8.624  1.00 8.63  ? 157 SER A CB  1 
ATOM   634 O OG  . SER A 1 87  ? 1.162   -4.568  -8.178  1.00 7.58  ? 157 SER A OG  1 
ATOM   635 N N   . TYR A 1 88  ? 3.841   -3.117  -7.995  1.00 8.35  ? 158 TYR A N   1 
ATOM   636 C CA  . TYR A 1 88  ? 5.159   -3.600  -8.375  1.00 7.59  ? 158 TYR A CA  1 
ATOM   637 C C   . TYR A 1 88  ? 5.209   -5.111  -8.174  1.00 6.61  ? 158 TYR A C   1 
ATOM   638 O O   . TYR A 1 88  ? 6.253   -5.736  -8.356  1.00 6.88  ? 158 TYR A O   1 
ATOM   639 C CB  . TYR A 1 88  ? 6.260   -2.946  -7.534  1.00 10.19 ? 158 TYR A CB  1 
ATOM   640 C CG  . TYR A 1 88  ? 6.602   -1.536  -7.956  1.00 12.74 ? 158 TYR A CG  1 
ATOM   641 C CD1 . TYR A 1 88  ? 5.825   -0.457  -7.541  1.00 14.11 ? 158 TYR A CD1 1 
ATOM   642 C CD2 . TYR A 1 88  ? 7.692   -1.286  -8.788  1.00 15.59 ? 158 TYR A CD2 1 
ATOM   643 C CE1 . TYR A 1 88  ? 6.125   0.842   -7.943  1.00 16.54 ? 158 TYR A CE1 1 
ATOM   644 C CE2 . TYR A 1 88  ? 8.001   0.008   -9.198  1.00 17.23 ? 158 TYR A CE2 1 
ATOM   645 C CZ  . TYR A 1 88  ? 7.213   1.066   -8.771  1.00 18.43 ? 158 TYR A CZ  1 
ATOM   646 O OH  . TYR A 1 88  ? 7.506   2.347   -9.182  1.00 21.46 ? 158 TYR A OH  1 
ATOM   647 N N   . GLY A 1 89  ? 4.076   -5.697  -7.798  1.00 5.35  ? 159 GLY A N   1 
ATOM   648 C CA  . GLY A 1 89  ? 4.040   -7.131  -7.581  1.00 4.92  ? 159 GLY A CA  1 
ATOM   649 C C   . GLY A 1 89  ? 5.104   -7.578  -6.594  1.00 5.54  ? 159 GLY A C   1 
ATOM   650 O O   . GLY A 1 89  ? 5.271   -6.972  -5.538  1.00 5.69  ? 159 GLY A O   1 
ATOM   651 N N   . LYS A 1 90  ? 5.834   -8.632  -6.944  1.00 5.94  ? 160 LYS A N   1 
ATOM   652 C CA  . LYS A 1 90  ? 6.884   -9.169  -6.076  1.00 6.40  ? 160 LYS A CA  1 
ATOM   653 C C   . LYS A 1 90  ? 8.253   -8.635  -6.471  1.00 6.81  ? 160 LYS A C   1 
ATOM   654 O O   . LYS A 1 90  ? 9.260   -8.998  -5.866  1.00 6.51  ? 160 LYS A O   1 
ATOM   655 C CB  . LYS A 1 90  ? 6.937   -10.701 -6.189  1.00 6.79  ? 160 LYS A CB  1 
ATOM   656 C CG  . LYS A 1 90  ? 7.470   -11.181 -7.543  1.00 9.47  ? 160 LYS A CG  1 
ATOM   657 C CD  . LYS A 1 90  ? 7.992   -12.615 -7.514  1.00 12.11 ? 160 LYS A CD  1 
ATOM   658 C CE  . LYS A 1 90  ? 6.876   -13.636 -7.512  1.00 13.34 ? 160 LYS A CE  1 
ATOM   659 N NZ  . LYS A 1 90  ? 7.433   -15.010 -7.728  1.00 12.92 ? 160 LYS A NZ  1 
ATOM   660 N N   . GLU A 1 91  ? 8.287   -7.748  -7.458  1.00 7.38  ? 161 GLU A N   1 
ATOM   661 C CA  . GLU A 1 91  ? 9.555   -7.273  -7.990  1.00 7.93  ? 161 GLU A CA  1 
ATOM   662 C C   . GLU A 1 91  ? 10.352  -6.141  -7.352  1.00 7.98  ? 161 GLU A C   1 
ATOM   663 O O   . GLU A 1 91  ? 11.446  -5.825  -7.818  1.00 8.53  ? 161 GLU A O   1 
ATOM   664 C CB  . GLU A 1 91  ? 9.356   -7.036  -9.488  1.00 10.34 ? 161 GLU A CB  1 
ATOM   665 C CG  . GLU A 1 91  ? 8.958   -8.351  -10.173 1.00 12.56 ? 161 GLU A CG  1 
ATOM   666 C CD  . GLU A 1 91  ? 8.401   -8.180  -11.568 1.00 16.54 ? 161 GLU A CD  1 
ATOM   667 O OE1 . GLU A 1 91  ? 9.144   -7.710  -12.454 1.00 19.33 ? 161 GLU A OE1 1 
ATOM   668 O OE2 . GLU A 1 91  ? 7.216   -8.525  -11.774 1.00 16.57 ? 161 GLU A OE2 1 
ATOM   669 N N   . ALA A 1 92  ? 9.837   -5.541  -6.284  1.00 7.36  ? 162 ALA A N   1 
ATOM   670 C CA  . ALA A 1 92  ? 10.574  -4.479  -5.601  1.00 7.72  ? 162 ALA A CA  1 
ATOM   671 C C   . ALA A 1 92  ? 10.548  -4.740  -4.097  1.00 8.22  ? 162 ALA A C   1 
ATOM   672 O O   . ALA A 1 92  ? 10.027  -3.935  -3.324  1.00 8.28  ? 162 ALA A O   1 
ATOM   673 C CB  . ALA A 1 92  ? 9.963   -3.114  -5.913  1.00 7.60  ? 162 ALA A CB  1 
ATOM   674 N N   . PRO A 1 93  ? 11.124  -5.872  -3.657  1.00 7.56  ? 163 PRO A N   1 
ATOM   675 C CA  . PRO A 1 93  ? 11.149  -6.224  -2.235  1.00 7.98  ? 163 PRO A CA  1 
ATOM   676 C C   . PRO A 1 93  ? 12.042  -5.342  -1.368  1.00 8.12  ? 163 PRO A C   1 
ATOM   677 O O   . PRO A 1 93  ? 13.046  -4.803  -1.834  1.00 9.06  ? 163 PRO A O   1 
ATOM   678 C CB  . PRO A 1 93  ? 11.635  -7.669  -2.255  1.00 7.09  ? 163 PRO A CB  1 
ATOM   679 C CG  . PRO A 1 93  ? 12.616  -7.653  -3.396  1.00 8.14  ? 163 PRO A CG  1 
ATOM   680 C CD  . PRO A 1 93  ? 11.841  -6.884  -4.457  1.00 7.96  ? 163 PRO A CD  1 
ATOM   681 N N   . VAL A 1 94  ? 11.653  -5.204  -0.104  1.00 8.73  ? 164 VAL A N   1 
ATOM   682 C CA  . VAL A 1 94  ? 12.421  -4.442  0.875   1.00 10.65 ? 164 VAL A CA  1 
ATOM   683 C C   . VAL A 1 94  ? 13.483  -5.382  1.445   1.00 9.09  ? 164 VAL A C   1 
ATOM   684 O O   . VAL A 1 94  ? 14.613  -4.977  1.712   1.00 9.83  ? 164 VAL A O   1 
ATOM   685 C CB  . VAL A 1 94  ? 11.522  -3.960  2.046   1.00 12.89 ? 164 VAL A CB  1 
ATOM   686 C CG1 . VAL A 1 94  ? 12.380  -3.371  3.160   1.00 15.34 ? 164 VAL A CG1 1 
ATOM   687 C CG2 . VAL A 1 94  ? 10.521  -2.932  1.551   1.00 16.72 ? 164 VAL A CG2 1 
ATOM   688 N N   . ASN A 1 95  ? 13.102  -6.645  1.623   1.00 8.07  ? 165 ASN A N   1 
ATOM   689 C CA  . ASN A 1 95  ? 13.985  -7.669  2.173   1.00 7.14  ? 165 ASN A CA  1 
ATOM   690 C C   . ASN A 1 95  ? 14.063  -8.827  1.175   1.00 7.27  ? 165 ASN A C   1 
ATOM   691 O O   . ASN A 1 95  ? 13.048  -9.435  0.846   1.00 7.15  ? 165 ASN A O   1 
ATOM   692 C CB  . ASN A 1 95  ? 13.420  -8.168  3.503   1.00 7.74  ? 165 ASN A CB  1 
ATOM   693 C CG  . ASN A 1 95  ? 14.401  -9.027  4.268   1.00 7.01  ? 165 ASN A CG  1 
ATOM   694 O OD1 . ASN A 1 95  ? 15.125  -9.830  3.685   1.00 8.48  ? 165 ASN A OD1 1 
ATOM   695 N ND2 . ASN A 1 95  ? 14.416  -8.875  5.587   1.00 9.95  ? 165 ASN A ND2 1 
ATOM   696 N N   . PRO A 1 96  ? 15.271  -9.148  0.685   1.00 7.90  ? 166 PRO A N   1 
ATOM   697 C CA  . PRO A 1 96  ? 15.454  -10.236 -0.282  1.00 8.57  ? 166 PRO A CA  1 
ATOM   698 C C   . PRO A 1 96  ? 15.433  -11.649 0.308   1.00 7.27  ? 166 PRO A C   1 
ATOM   699 O O   . PRO A 1 96  ? 15.580  -12.626 -0.425  1.00 8.14  ? 166 PRO A O   1 
ATOM   700 C CB  . PRO A 1 96  ? 16.799  -9.896  -0.909  1.00 9.57  ? 166 PRO A CB  1 
ATOM   701 C CG  . PRO A 1 96  ? 17.565  -9.375  0.268   1.00 10.35 ? 166 PRO A CG  1 
ATOM   702 C CD  . PRO A 1 96  ? 16.553  -8.471  0.958   1.00 8.52  ? 166 PRO A CD  1 
ATOM   703 N N   . GLY A 1 97  ? 15.236  -11.743 1.623   1.00 7.56  ? 167 GLY A N   1 
ATOM   704 C CA  . GLY A 1 97  ? 15.211  -13.030 2.303   1.00 8.17  ? 167 GLY A CA  1 
ATOM   705 C C   . GLY A 1 97  ? 14.161  -14.020 1.837   1.00 7.83  ? 167 GLY A C   1 
ATOM   706 O O   . GLY A 1 97  ? 13.200  -13.652 1.161   1.00 8.58  ? 167 GLY A O   1 
ATOM   707 N N   . HIS A 1 98  ? 14.329  -15.279 2.232   1.00 8.22  ? 168 HIS A N   1 
ATOM   708 C CA  . HIS A 1 98  ? 13.416  -16.335 1.814   1.00 8.01  ? 168 HIS A CA  1 
ATOM   709 C C   . HIS A 1 98  ? 12.694  -17.059 2.943   1.00 7.44  ? 168 HIS A C   1 
ATOM   710 O O   . HIS A 1 98  ? 12.570  -18.285 2.943   1.00 10.44 ? 168 HIS A O   1 
ATOM   711 C CB  . HIS A 1 98  ? 14.184  -17.320 0.933   1.00 7.77  ? 168 HIS A CB  1 
ATOM   712 C CG  . HIS A 1 98  ? 14.935  -16.649 -0.174  1.00 9.53  ? 168 HIS A CG  1 
ATOM   713 N ND1 . HIS A 1 98  ? 14.302  -15.994 -1.206  1.00 8.40  ? 168 HIS A ND1 1 
ATOM   714 C CD2 . HIS A 1 98  ? 16.263  -16.460 -0.366  1.00 10.95 ? 168 HIS A CD2 1 
ATOM   715 C CE1 . HIS A 1 98  ? 15.206  -15.427 -1.986  1.00 8.94  ? 168 HIS A CE1 1 
ATOM   716 N NE2 . HIS A 1 98  ? 16.403  -15.693 -1.498  1.00 10.36 ? 168 HIS A NE2 1 
ATOM   717 N N   . ASP A 1 99  ? 12.233  -16.284 3.916   1.00 6.85  ? 169 ASP A N   1 
ATOM   718 C CA  . ASP A 1 99  ? 11.470  -16.816 5.036   1.00 6.70  ? 169 ASP A CA  1 
ATOM   719 C C   . ASP A 1 99  ? 10.440  -15.768 5.442   1.00 5.94  ? 169 ASP A C   1 
ATOM   720 O O   . ASP A 1 99  ? 10.427  -14.665 4.897   1.00 7.09  ? 169 ASP A O   1 
ATOM   721 C CB  . ASP A 1 99  ? 12.369  -17.197 6.225   1.00 8.91  ? 169 ASP A CB  1 
ATOM   722 C CG  . ASP A 1 99  ? 13.330  -16.097 6.632   1.00 10.25 ? 169 ASP A CG  1 
ATOM   723 O OD1 . ASP A 1 99  ? 13.009  -14.904 6.465   1.00 9.74  ? 169 ASP A OD1 1 
ATOM   724 O OD2 . ASP A 1 99  ? 14.417  -16.442 7.147   1.00 15.96 ? 169 ASP A OD2 1 
ATOM   725 N N   . GLU A 1 100 ? 9.578   -16.112 6.389   1.00 6.77  ? 170 GLU A N   1 
ATOM   726 C CA  . GLU A 1 100 ? 8.531   -15.198 6.831   1.00 5.68  ? 170 GLU A CA  1 
ATOM   727 C C   . GLU A 1 100 ? 9.076   -13.889 7.404   1.00 6.20  ? 170 GLU A C   1 
ATOM   728 O O   . GLU A 1 100 ? 8.450   -12.837 7.250   1.00 6.72  ? 170 GLU A O   1 
ATOM   729 C CB  . GLU A 1 100 ? 7.629   -15.906 7.843   1.00 5.92  ? 170 GLU A CB  1 
ATOM   730 C CG  . GLU A 1 100 ? 6.551   -15.041 8.486   1.00 6.20  ? 170 GLU A CG  1 
ATOM   731 C CD  . GLU A 1 100 ? 5.546   -14.454 7.507   1.00 6.03  ? 170 GLU A CD  1 
ATOM   732 O OE1 . GLU A 1 100 ? 5.478   -14.909 6.342   1.00 8.43  ? 170 GLU A OE1 1 
ATOM   733 O OE2 . GLU A 1 100 ? 4.812   -13.532 7.922   1.00 7.10  ? 170 GLU A OE2 1 
ATOM   734 N N   . SER A 1 101 ? 10.241  -13.947 8.051   1.00 6.62  ? 171 SER A N   1 
ATOM   735 C CA  . SER A 1 101 ? 10.848  -12.739 8.604   1.00 6.42  ? 171 SER A CA  1 
ATOM   736 C C   . SER A 1 101 ? 11.065  -11.709 7.501   1.00 6.86  ? 171 SER A C   1 
ATOM   737 O O   . SER A 1 101 ? 10.890  -10.511 7.715   1.00 8.43  ? 171 SER A O   1 
ATOM   738 C CB  . SER A 1 101 ? 12.194  -13.058 9.259   1.00 7.21  ? 171 SER A CB  1 
ATOM   739 O OG  . SER A 1 101 ? 12.025  -13.851 10.417  1.00 9.06  ? 171 SER A OG  1 
ATOM   740 N N   . ALA A 1 102 ? 11.451  -12.177 6.318   1.00 6.28  ? 172 ALA A N   1 
ATOM   741 C CA  . ALA A 1 102 ? 11.677  -11.274 5.201   1.00 6.54  ? 172 ALA A CA  1 
ATOM   742 C C   . ALA A 1 102 ? 10.367  -10.946 4.492   1.00 4.97  ? 172 ALA A C   1 
ATOM   743 O O   . ALA A 1 102 ? 10.064  -9.786  4.217   1.00 6.11  ? 172 ALA A O   1 
ATOM   744 C CB  . ALA A 1 102 ? 12.650  -11.897 4.218   1.00 8.43  ? 172 ALA A CB  1 
ATOM   745 N N   . TRP A 1 103 ? 9.582   -11.982 4.220   1.00 5.74  ? 173 TRP A N   1 
ATOM   746 C CA  . TRP A 1 103 ? 8.330   -11.808 3.500   1.00 4.63  ? 173 TRP A CA  1 
ATOM   747 C C   . TRP A 1 103 ? 7.333   -10.843 4.122   1.00 6.18  ? 173 TRP A C   1 
ATOM   748 O O   . TRP A 1 103 ? 6.634   -10.129 3.404   1.00 6.81  ? 173 TRP A O   1 
ATOM   749 C CB  . TRP A 1 103 ? 7.668   -13.168 3.274   1.00 4.38  ? 173 TRP A CB  1 
ATOM   750 C CG  . TRP A 1 103 ? 8.508   -14.100 2.455   1.00 4.14  ? 173 TRP A CG  1 
ATOM   751 C CD1 . TRP A 1 103 ? 9.475   -13.754 1.554   1.00 5.81  ? 173 TRP A CD1 1 
ATOM   752 C CD2 . TRP A 1 103 ? 8.433   -15.527 2.439   1.00 4.92  ? 173 TRP A CD2 1 
ATOM   753 N NE1 . TRP A 1 103 ? 10.007  -14.883 0.974   1.00 7.07  ? 173 TRP A NE1 1 
ATOM   754 C CE2 . TRP A 1 103 ? 9.385   -15.985 1.499   1.00 5.86  ? 173 TRP A CE2 1 
ATOM   755 C CE3 . TRP A 1 103 ? 7.653   -16.469 3.125   1.00 6.13  ? 173 TRP A CE3 1 
ATOM   756 C CZ2 . TRP A 1 103 ? 9.579   -17.346 1.229   1.00 8.64  ? 173 TRP A CZ2 1 
ATOM   757 C CZ3 . TRP A 1 103 ? 7.846   -17.824 2.855   1.00 8.52  ? 173 TRP A CZ3 1 
ATOM   758 C CH2 . TRP A 1 103 ? 8.801   -18.245 1.914   1.00 8.01  ? 173 TRP A CH2 1 
ATOM   759 N N   . LYS A 1 104 ? 7.261   -10.804 5.447   1.00 6.89  ? 174 LYS A N   1 
ATOM   760 C CA  . LYS A 1 104 ? 6.306   -9.903  6.082   1.00 7.76  ? 174 LYS A CA  1 
ATOM   761 C C   . LYS A 1 104 ? 6.642   -8.446  5.791   1.00 7.04  ? 174 LYS A C   1 
ATOM   762 O O   . LYS A 1 104 ? 5.762   -7.588  5.808   1.00 9.78  ? 174 LYS A O   1 
ATOM   763 C CB  . LYS A 1 104 ? 6.266   -10.128 7.592   1.00 7.92  ? 174 LYS A CB  1 
ATOM   764 C CG  . LYS A 1 104 ? 7.540   -9.751  8.311   1.00 11.38 ? 174 LYS A CG  1 
ATOM   765 C CD  . LYS A 1 104 ? 7.365   -9.974  9.795   1.00 15.29 ? 174 LYS A CD  1 
ATOM   766 C CE  . LYS A 1 104 ? 8.620   -9.629  10.548  1.00 17.57 ? 174 LYS A CE  1 
ATOM   767 N NZ  . LYS A 1 104 ? 8.463   -9.960  11.984  1.00 17.59 ? 174 LYS A NZ  1 
ATOM   768 N N   . GLU A 1 105 ? 7.915   -8.164  5.529   1.00 6.37  ? 175 GLU A N   1 
ATOM   769 C CA  . GLU A 1 105 ? 8.338   -6.804  5.228   1.00 6.94  ? 175 GLU A CA  1 
ATOM   770 C C   . GLU A 1 105 ? 7.933   -6.407  3.817   1.00 7.51  ? 175 GLU A C   1 
ATOM   771 O O   . GLU A 1 105 ? 7.761   -5.227  3.519   1.00 8.67  ? 175 GLU A O   1 
ATOM   772 C CB  . GLU A 1 105 ? 9.861   -6.668  5.334   1.00 7.52  ? 175 GLU A CB  1 
ATOM   773 C CG  . GLU A 1 105 ? 10.453  -6.857  6.716   1.00 11.33 ? 175 GLU A CG  1 
ATOM   774 C CD  . GLU A 1 105 ? 11.907  -6.408  6.759   1.00 12.41 ? 175 GLU A CD  1 
ATOM   775 O OE1 . GLU A 1 105 ? 12.165  -5.230  6.434   1.00 19.35 ? 175 GLU A OE1 1 
ATOM   776 O OE2 . GLU A 1 105 ? 12.787  -7.220  7.105   1.00 17.44 ? 175 GLU A OE2 1 
ATOM   777 N N   . ASN A 1 106 ? 7.769   -7.400  2.949   1.00 6.82  ? 176 ASN A N   1 
ATOM   778 C CA  . ASN A 1 106 ? 7.442   -7.140  1.555   1.00 6.61  ? 176 ASN A CA  1 
ATOM   779 C C   . ASN A 1 106 ? 5.965   -7.006  1.203   1.00 6.19  ? 176 ASN A C   1 
ATOM   780 O O   . ASN A 1 106 ? 5.624   -6.320  0.237   1.00 6.50  ? 176 ASN A O   1 
ATOM   781 C CB  . ASN A 1 106 ? 8.106   -8.203  0.680   1.00 5.42  ? 176 ASN A CB  1 
ATOM   782 C CG  . ASN A 1 106 ? 9.608   -8.237  0.871   1.00 5.17  ? 176 ASN A CG  1 
ATOM   783 O OD1 . ASN A 1 106 ? 10.231  -7.206  1.118   1.00 6.64  ? 176 ASN A OD1 1 
ATOM   784 N ND2 . ASN A 1 106 ? 10.198  -9.421  0.756   1.00 5.76  ? 176 ASN A ND2 1 
ATOM   785 N N   . ARG A 1 107 ? 5.095   -7.657  1.973   1.00 6.16  ? 177 ARG A N   1 
ATOM   786 C CA  . ARG A 1 107 ? 3.650   -7.578  1.734   1.00 5.36  ? 177 ARG A CA  1 
ATOM   787 C C   . ARG A 1 107 ? 3.251   -6.208  2.269   1.00 6.29  ? 177 ARG A C   1 
ATOM   788 O O   . ARG A 1 107 ? 3.005   -6.045  3.467   1.00 5.98  ? 177 ARG A O   1 
ATOM   789 C CB  . ARG A 1 107 ? 2.922   -8.685  2.502   1.00 5.20  ? 177 ARG A CB  1 
ATOM   790 C CG  . ARG A 1 107 ? 3.387   -10.101 2.167   1.00 5.12  ? 177 ARG A CG  1 
ATOM   791 C CD  . ARG A 1 107 ? 2.476   -11.146 2.799   1.00 4.86  ? 177 ARG A CD  1 
ATOM   792 N NE  . ARG A 1 107 ? 2.538   -11.160 4.261   1.00 4.03  ? 177 ARG A NE  1 
ATOM   793 C CZ  . ARG A 1 107 ? 3.418   -11.866 4.966   1.00 4.71  ? 177 ARG A CZ  1 
ATOM   794 N NH1 . ARG A 1 107 ? 4.321   -12.625 4.353   1.00 5.02  ? 177 ARG A NH1 1 
ATOM   795 N NH2 . ARG A 1 107 ? 3.387   -11.822 6.294   1.00 5.57  ? 177 ARG A NH2 1 
ATOM   796 N N   . ARG A 1 108 ? 3.157   -5.228  1.378   1.00 5.95  ? 178 ARG A N   1 
ATOM   797 C CA  . ARG A 1 108 ? 2.893   -3.869  1.834   1.00 6.39  ? 178 ARG A CA  1 
ATOM   798 C C   . ARG A 1 108 ? 2.410   -2.906  0.765   1.00 7.35  ? 178 ARG A C   1 
ATOM   799 O O   . ARG A 1 108 ? 2.376   -3.219  -0.421  1.00 7.26  ? 178 ARG A O   1 
ATOM   800 C CB  . ARG A 1 108 ? 4.208   -3.292  2.365   1.00 6.68  ? 178 ARG A CB  1 
ATOM   801 C CG  . ARG A 1 108 ? 5.175   -2.957  1.201   1.00 6.83  ? 178 ARG A CG  1 
ATOM   802 C CD  . ARG A 1 108 ? 6.616   -2.710  1.634   1.00 5.64  ? 178 ARG A CD  1 
ATOM   803 N NE  . ARG A 1 108 ? 7.454   -2.211  0.536   1.00 6.34  ? 178 ARG A NE  1 
ATOM   804 C CZ  . ARG A 1 108 ? 7.944   -2.951  -0.458  1.00 5.81  ? 178 ARG A CZ  1 
ATOM   805 N NH1 . ARG A 1 108 ? 7.694   -4.255  -0.525  1.00 5.70  ? 178 ARG A NH1 1 
ATOM   806 N NH2 . ARG A 1 108 ? 8.691   -2.383  -1.396  1.00 7.61  ? 178 ARG A NH2 1 
ATOM   807 N N   . VAL A 1 109 ? 2.046   -1.716  1.231   1.00 6.60  ? 179 VAL A N   1 
ATOM   808 C CA  . VAL A 1 109 ? 1.685   -0.605  0.368   1.00 7.27  ? 179 VAL A CA  1 
ATOM   809 C C   . VAL A 1 109 ? 2.480   0.550   0.956   1.00 7.95  ? 179 VAL A C   1 
ATOM   810 O O   . VAL A 1 109 ? 2.432   0.800   2.165   1.00 7.45  ? 179 VAL A O   1 
ATOM   811 C CB  . VAL A 1 109 ? 0.183   -0.241  0.396   1.00 6.89  ? 179 VAL A CB  1 
ATOM   812 C CG1 . VAL A 1 109 ? -0.016  1.169   -0.181  1.00 9.12  ? 179 VAL A CG1 1 
ATOM   813 C CG2 . VAL A 1 109 ? -0.603  -1.236  -0.442  1.00 7.90  ? 179 VAL A CG2 1 
ATOM   814 N N   . GLU A 1 110 ? 3.244   1.222   0.105   1.00 8.89  ? 180 GLU A N   1 
ATOM   815 C CA  . GLU A 1 110 ? 4.036   2.362   0.533   1.00 8.98  ? 180 GLU A CA  1 
ATOM   816 C C   . GLU A 1 110 ? 3.295   3.629   0.146   1.00 9.27  ? 180 GLU A C   1 
ATOM   817 O O   . GLU A 1 110 ? 2.675   3.698   -0.917  1.00 8.38  ? 180 GLU A O   1 
ATOM   818 C CB  . GLU A 1 110 ? 5.412   2.344   -0.139  1.00 9.64  ? 180 GLU A CB  1 
ATOM   819 C CG  . GLU A 1 110 ? 6.342   1.262   0.389   1.00 12.99 ? 180 GLU A CG  1 
ATOM   820 C CD  . GLU A 1 110 ? 7.708   1.292   -0.267  1.00 16.06 ? 180 GLU A CD  1 
ATOM   821 O OE1 . GLU A 1 110 ? 8.051   2.321   -0.887  1.00 18.01 ? 180 GLU A OE1 1 
ATOM   822 O OE2 . GLU A 1 110 ? 8.445   0.290   -0.149  1.00 15.71 ? 180 GLU A OE2 1 
ATOM   823 N N   . ILE A 1 111 ? 3.343   4.616   1.031   1.00 10.77 ? 181 ILE A N   1 
ATOM   824 C CA  . ILE A 1 111 ? 2.703   5.902   0.794   1.00 10.79 ? 181 ILE A CA  1 
ATOM   825 C C   . ILE A 1 111 ? 3.853   6.852   0.479   1.00 11.98 ? 181 ILE A C   1 
ATOM   826 O O   . ILE A 1 111 ? 4.529   7.340   1.384   1.00 11.98 ? 181 ILE A O   1 
ATOM   827 C CB  . ILE A 1 111 ? 1.951   6.380   2.051   1.00 11.15 ? 181 ILE A CB  1 
ATOM   828 C CG1 . ILE A 1 111 ? 0.907   5.335   2.452   1.00 13.16 ? 181 ILE A CG1 1 
ATOM   829 C CG2 . ILE A 1 111 ? 1.276   7.719   1.780   1.00 12.56 ? 181 ILE A CG2 1 
ATOM   830 C CD1 . ILE A 1 111 ? 0.226   5.620   3.774   1.00 15.81 ? 181 ILE A CD1 1 
ATOM   831 N N   . ASN A 1 112 ? 4.081   7.094   -0.807  1.00 14.35 ? 182 ASN A N   1 
ATOM   832 C CA  . ASN A 1 112 ? 5.181   7.952   -1.234  1.00 16.47 ? 182 ASN A CA  1 
ATOM   833 C C   . ASN A 1 112 ? 4.743   9.347   -1.659  1.00 16.68 ? 182 ASN A C   1 
ATOM   834 O O   . ASN A 1 112 ? 4.076   9.513   -2.680  1.00 17.06 ? 182 ASN A O   1 
ATOM   835 C CB  . ASN A 1 112 ? 5.942   7.297   -2.392  1.00 20.73 ? 182 ASN A CB  1 
ATOM   836 C CG  . ASN A 1 112 ? 6.231   5.829   -2.144  1.00 23.91 ? 182 ASN A CG  1 
ATOM   837 O OD1 . ASN A 1 112 ? 5.351   4.979   -2.286  1.00 27.75 ? 182 ASN A OD1 1 
ATOM   838 N ND2 . ASN A 1 112 ? 7.464   5.524   -1.763  1.00 26.94 ? 182 ASN A ND2 1 
ATOM   839 N N   . TYR A 1 113 ? 5.130   10.347  -0.876  1.00 17.39 ? 183 TYR A N   1 
ATOM   840 C CA  . TYR A 1 113 ? 4.790   11.730  -1.188  1.00 19.18 ? 183 TYR A CA  1 
ATOM   841 C C   . TYR A 1 113 ? 5.721   12.276  -2.263  1.00 21.05 ? 183 TYR A C   1 
ATOM   842 O O   . TYR A 1 113 ? 6.922   11.999  -2.257  1.00 21.23 ? 183 TYR A O   1 
ATOM   843 C CB  . TYR A 1 113 ? 4.886   12.611  0.061   1.00 18.43 ? 183 TYR A CB  1 
ATOM   844 C CG  . TYR A 1 113 ? 3.700   12.487  0.988   1.00 18.19 ? 183 TYR A CG  1 
ATOM   845 C CD1 . TYR A 1 113 ? 3.546   11.376  1.816   1.00 16.44 ? 183 TYR A CD1 1 
ATOM   846 C CD2 . TYR A 1 113 ? 2.712   13.469  1.012   1.00 17.12 ? 183 TYR A CD2 1 
ATOM   847 C CE1 . TYR A 1 113 ? 2.433   11.247  2.644   1.00 16.19 ? 183 TYR A CE1 1 
ATOM   848 C CE2 . TYR A 1 113 ? 1.597   13.349  1.834   1.00 16.02 ? 183 TYR A CE2 1 
ATOM   849 C CZ  . TYR A 1 113 ? 1.463   12.237  2.644   1.00 16.03 ? 183 TYR A CZ  1 
ATOM   850 O OH  . TYR A 1 113 ? 0.351   12.113  3.446   1.00 14.59 ? 183 TYR A OH  1 
ATOM   851 N N   . GLU A 1 114 ? 5.161   13.049  -3.188  1.00 22.82 ? 184 GLU A N   1 
ATOM   852 C CA  . GLU A 1 114 ? 5.963   13.622  -4.254  1.00 26.17 ? 184 GLU A CA  1 
ATOM   853 C C   . GLU A 1 114 ? 6.783   14.800  -3.769  1.00 27.58 ? 184 GLU A C   1 
ATOM   854 O O   . GLU A 1 114 ? 6.634   15.185  -2.590  1.00 28.96 ? 184 GLU A O   1 
ATOM   855 O OXT . GLU A 1 114 ? 7.574   15.345  -4.567  1.00 30.47 ? 184 GLU A OXT 1 
HETATM 856 N N   . DAL B 2 .   ? 2.863   -13.352 -2.513  1.00 5.47  ? 201 DAL A N   1 
HETATM 857 C CA  . DAL B 2 .   ? 1.942   -13.616 -1.405  1.00 5.18  ? 201 DAL A CA  1 
HETATM 858 C CB  . DAL B 2 .   ? 0.653   -14.263 -1.927  1.00 6.10  ? 201 DAL A CB  1 
HETATM 859 C C   . DAL B 2 .   ? 1.723   -12.243 -0.740  1.00 6.02  ? 201 DAL A C   1 
HETATM 860 O O   . DAL B 2 .   ? 2.426   -11.281 -0.979  1.00 4.47  ? 201 DAL A O   1 
HETATM 861 O OXT . DAL B 2 .   ? 0.731   -12.230 0.092   1.00 4.49  ? 201 DAL A OXT 1 
HETATM 862 C C1  . GOL C 3 .   ? -8.230  -9.235  0.137   1.00 18.42 ? 202 GOL A C1  1 
HETATM 863 O O1  . GOL C 3 .   ? -8.072  -10.094 1.249   1.00 19.71 ? 202 GOL A O1  1 
HETATM 864 C C2  . GOL C 3 .   ? -8.113  -10.006 -1.154  1.00 16.53 ? 202 GOL A C2  1 
HETATM 865 O O2  . GOL C 3 .   ? -9.400  -10.203 -1.750  1.00 21.69 ? 202 GOL A O2  1 
HETATM 866 C C3  . GOL C 3 .   ? -7.191  -9.300  -2.106  1.00 16.80 ? 202 GOL A C3  1 
HETATM 867 O O3  . GOL C 3 .   ? -6.165  -10.169 -2.530  1.00 21.66 ? 202 GOL A O3  1 
HETATM 868 C C1  . GOL D 3 .   ? 4.743   -14.989 -14.459 1.00 23.69 ? 203 GOL A C1  1 
HETATM 869 O O1  . GOL D 3 .   ? 3.425   -14.534 -14.191 1.00 15.97 ? 203 GOL A O1  1 
HETATM 870 C C2  . GOL D 3 .   ? 5.018   -16.292 -13.755 1.00 24.86 ? 203 GOL A C2  1 
HETATM 871 O O2  . GOL D 3 .   ? 4.850   -17.377 -14.670 1.00 25.63 ? 203 GOL A O2  1 
HETATM 872 C C3  . GOL D 3 .   ? 6.417   -16.314 -13.196 1.00 25.13 ? 203 GOL A C3  1 
HETATM 873 O O3  . GOL D 3 .   ? 6.450   -16.920 -11.916 1.00 27.32 ? 203 GOL A O3  1 
HETATM 874 S S   . SO4 E 4 .   ? -1.337  -16.125 -13.254 1.00 20.27 ? 204 SO4 A S   1 
HETATM 875 O O1  . SO4 E 4 .   ? -2.024  -16.685 -12.079 1.00 20.28 ? 204 SO4 A O1  1 
HETATM 876 O O2  . SO4 E 4 .   ? 0.117   -16.290 -13.115 1.00 20.29 ? 204 SO4 A O2  1 
HETATM 877 O O3  . SO4 E 4 .   ? -1.773  -16.834 -14.471 1.00 25.90 ? 204 SO4 A O3  1 
HETATM 878 O O4  . SO4 E 4 .   ? -1.665  -14.693 -13.382 1.00 24.00 ? 204 SO4 A O4  1 
HETATM 879 O O   . HOH F 5 .   ? 7.434   -5.384  -4.883  1.00 5.76  ? 301 HOH A O   1 
HETATM 880 O O   . HOH F 5 .   ? 9.602   -11.562 -1.131  1.00 6.61  ? 302 HOH A O   1 
HETATM 881 O O   . HOH F 5 .   ? 3.206   -8.213  6.621   1.00 9.18  ? 303 HOH A O   1 
HETATM 882 O O   . HOH F 5 .   ? -3.958  -8.289  5.571   1.00 10.47 ? 304 HOH A O   1 
HETATM 883 O O   . HOH F 5 .   ? 2.752   -15.247 5.714   1.00 7.36  ? 305 HOH A O   1 
HETATM 884 O O   . HOH F 5 .   ? 4.484   -17.665 6.119   1.00 7.68  ? 306 HOH A O   1 
HETATM 885 O O   . HOH F 5 .   ? 7.951   -6.551  -2.454  1.00 6.29  ? 307 HOH A O   1 
HETATM 886 O O   . HOH F 5 .   ? 8.197   -3.039  5.098   1.00 9.57  ? 308 HOH A O   1 
HETATM 887 O O   . HOH F 5 .   ? 5.237   -9.500  -9.795  1.00 8.55  ? 309 HOH A O   1 
HETATM 888 O O   . HOH F 5 .   ? 8.935   -9.954  -3.205  1.00 7.01  ? 310 HOH A O   1 
HETATM 889 O O   . HOH F 5 .   ? -3.972  -12.029 -7.900  1.00 9.15  ? 311 HOH A O   1 
HETATM 890 O O   . HOH F 5 .   ? -5.747  -12.596 -2.957  1.00 12.41 ? 312 HOH A O   1 
HETATM 891 O O   . HOH F 5 .   ? 0.399   -14.001 6.724   1.00 9.87  ? 313 HOH A O   1 
HETATM 892 O O   . HOH F 5 .   ? 12.257  -11.779 -0.479  1.00 9.85  ? 314 HOH A O   1 
HETATM 893 O O   . HOH F 5 .   ? 13.863  -15.368 -5.088  1.00 11.22 ? 315 HOH A O   1 
HETATM 894 O O   . HOH F 5 .   ? 2.045   -19.354 -2.165  1.00 9.78  ? 316 HOH A O   1 
HETATM 895 O O   . HOH F 5 .   ? -3.387  -5.103  6.928   1.00 14.80 ? 317 HOH A O   1 
HETATM 896 O O   . HOH F 5 .   ? 2.037   21.412  2.738   1.00 16.81 ? 318 HOH A O   1 
HETATM 897 O O   . HOH F 5 .   ? 6.012   -6.280  8.620   1.00 17.81 ? 319 HOH A O   1 
HETATM 898 O O   . HOH F 5 .   ? -10.217 -4.178  4.144   1.00 16.59 ? 320 HOH A O   1 
HETATM 899 O O   . HOH F 5 .   ? -7.316  -8.314  -8.987  1.00 16.33 ? 321 HOH A O   1 
HETATM 900 O O   . HOH F 5 .   ? -8.710  -3.725  -3.245  1.00 17.45 ? 322 HOH A O   1 
HETATM 901 O O   . HOH F 5 .   ? 17.840  -10.440 4.132   1.00 17.44 ? 323 HOH A O   1 
HETATM 902 O O   . HOH F 5 .   ? 0.008   -2.635  8.728   1.00 17.94 ? 324 HOH A O   1 
HETATM 903 O O   . HOH F 5 .   ? 12.292  -8.862  9.393   1.00 20.85 ? 325 HOH A O   1 
HETATM 904 O O   . HOH F 5 .   ? -11.202 -2.005  5.393   1.00 20.51 ? 326 HOH A O   1 
HETATM 905 O O   . HOH F 5 .   ? -9.684  -4.604  -5.602  1.00 20.95 ? 327 HOH A O   1 
HETATM 906 O O   . HOH F 5 .   ? 11.328  -20.396 4.267   1.00 21.45 ? 328 HOH A O   1 
HETATM 907 O O   . HOH F 5 .   ? 13.456  -12.808 12.465  1.00 23.37 ? 329 HOH A O   1 
HETATM 908 O O   . HOH F 5 .   ? 10.157  -15.351 -6.807  1.00 25.89 ? 330 HOH A O   1 
HETATM 909 O O   . HOH F 5 .   ? -8.152  16.175  -0.595  1.00 21.16 ? 331 HOH A O   1 
HETATM 910 O O   . HOH F 5 .   ? -4.383  -6.091  13.252  1.00 21.03 ? 332 HOH A O   1 
HETATM 911 O O   . HOH F 5 .   ? -12.924 11.930  -1.948  1.00 23.30 ? 333 HOH A O   1 
HETATM 912 O O   . HOH F 5 .   ? -10.610 0.311   1.307   1.00 18.68 ? 334 HOH A O   1 
HETATM 913 O O   . HOH F 5 .   ? -9.371  -4.360  1.531   1.00 16.96 ? 335 HOH A O   1 
HETATM 914 O O   . HOH F 5 .   ? 15.317  -13.535 6.046   1.00 20.32 ? 336 HOH A O   1 
HETATM 915 O O   . HOH F 5 .   ? -0.753  0.273   10.136  1.00 20.65 ? 337 HOH A O   1 
HETATM 916 O O   . HOH F 5 .   ? 10.320  -5.889  10.400  1.00 22.43 ? 338 HOH A O   1 
HETATM 917 O O   . HOH F 5 .   ? -3.405  -14.812 5.423   1.00 17.02 ? 339 HOH A O   1 
HETATM 918 O O   . HOH F 5 .   ? 13.036  -18.494 -2.961  1.00 23.62 ? 340 HOH A O   1 
HETATM 919 O O   . HOH F 5 .   ? 2.453   -2.105  9.860   1.00 26.83 ? 341 HOH A O   1 
HETATM 920 O O   . HOH F 5 .   ? -7.905  17.865  7.146   1.00 24.15 ? 342 HOH A O   1 
HETATM 921 O O   . HOH F 5 .   ? -7.027  8.391   -7.432  1.00 25.53 ? 343 HOH A O   1 
HETATM 922 O O   . HOH F 5 .   ? -5.695  24.034  4.316   1.00 28.35 ? 344 HOH A O   1 
HETATM 923 O O   . HOH F 5 .   ? 16.621  -6.256  4.078   1.00 23.36 ? 345 HOH A O   1 
HETATM 924 O O   . HOH F 5 .   ? 1.940   -12.114 -17.643 1.00 21.46 ? 346 HOH A O   1 
HETATM 925 O O   . HOH F 5 .   ? 7.456   -17.882 -6.742  1.00 26.91 ? 347 HOH A O   1 
HETATM 926 O O   . HOH F 5 .   ? 5.798   -18.991 -8.616  1.00 23.82 ? 348 HOH A O   1 
HETATM 927 O O   . HOH F 5 .   ? -3.410  -2.379  18.128  1.00 21.53 ? 349 HOH A O   1 
HETATM 928 O O   . HOH F 5 .   ? -2.148  -14.125 -16.371 1.00 23.31 ? 350 HOH A O   1 
HETATM 929 O O   . HOH F 5 .   ? 10.180  -3.458  7.107   1.00 23.09 ? 351 HOH A O   1 
HETATM 930 O O   . HOH F 5 .   ? 10.915  -10.211 -13.746 1.00 21.02 ? 352 HOH A O   1 
HETATM 931 O O   . HOH F 5 .   ? -2.797  2.216   15.314  1.00 23.67 ? 353 HOH A O   1 
HETATM 932 O O   . HOH F 5 .   ? -4.557  8.722   12.931  1.00 24.62 ? 354 HOH A O   1 
HETATM 933 O O   . HOH F 5 .   ? 8.281   -15.562 -10.286 1.00 25.56 ? 355 HOH A O   1 
HETATM 934 O O   . HOH F 5 .   ? 9.531   -21.842 2.963   1.00 30.63 ? 356 HOH A O   1 
HETATM 935 O O   . HOH F 5 .   ? -0.706  -7.644  8.206   1.00 24.17 ? 357 HOH A O   1 
HETATM 936 O O   . HOH F 5 .   ? 10.209  -17.535 -5.343  1.00 27.63 ? 358 HOH A O   1 
HETATM 937 O O   . HOH F 5 .   ? 0.320   7.876   9.850   1.00 23.41 ? 359 HOH A O   1 
HETATM 938 O O   . HOH F 5 .   ? 9.110   -0.622  3.937   1.00 29.49 ? 360 HOH A O   1 
HETATM 939 O O   . HOH F 5 .   ? -12.638 1.882   0.236   1.00 26.32 ? 361 HOH A O   1 
HETATM 940 O O   . HOH F 5 .   ? -5.669  -14.644 2.768   1.00 20.46 ? 362 HOH A O   1 
HETATM 941 O O   . HOH F 5 .   ? -0.432  -0.991  -11.449 1.00 27.26 ? 363 HOH A O   1 
HETATM 942 O O   . HOH F 5 .   ? -3.241  -12.757 -12.256 1.00 24.67 ? 364 HOH A O   1 
HETATM 943 O O   . HOH F 5 .   ? -7.041  -5.675  -9.496  1.00 28.35 ? 365 HOH A O   1 
HETATM 944 O O   . HOH F 5 .   ? 15.405  -20.173 3.255   1.00 35.58 ? 366 HOH A O   1 
HETATM 945 O O   . HOH F 5 .   ? 15.687  -11.059 7.217   1.00 23.96 ? 367 HOH A O   1 
HETATM 946 O O   . HOH F 5 .   ? 3.893   -10.290 -14.728 1.00 21.72 ? 368 HOH A O   1 
HETATM 947 O O   . HOH F 5 .   ? -2.249  -4.191  11.367  1.00 27.61 ? 369 HOH A O   1 
HETATM 948 O O   . HOH F 5 .   ? -6.835  18.882  -3.910  1.00 30.43 ? 370 HOH A O   1 
HETATM 949 O O   . HOH F 5 .   ? 16.693  -16.334 3.463   1.00 21.34 ? 371 HOH A O   1 
HETATM 950 O O   . HOH F 5 .   ? -12.401 5.659   4.822   1.00 23.28 ? 372 HOH A O   1 
HETATM 951 O O   . HOH F 5 .   ? -4.671  4.989   19.353  1.00 23.27 ? 373 HOH A O   1 
HETATM 952 O O   . HOH F 5 .   ? -1.222  2.636   13.258  1.00 24.86 ? 374 HOH A O   1 
HETATM 953 O O   . HOH F 5 .   ? -10.565 -1.898  -2.583  1.00 27.39 ? 375 HOH A O   1 
HETATM 954 O O   . HOH F 5 .   ? 3.425   15.799  -2.216  1.00 29.30 ? 376 HOH A O   1 
HETATM 955 O O   . HOH F 5 .   ? 6.994   4.311   7.556   1.00 25.67 ? 377 HOH A O   1 
HETATM 956 O O   . HOH F 5 .   ? -4.046  -7.202  8.751   1.00 29.95 ? 378 HOH A O   1 
HETATM 957 O O   . HOH F 5 .   ? 14.550  -19.130 8.291   1.00 26.24 ? 379 HOH A O   1 
HETATM 958 O O   . HOH F 5 .   ? 15.357  -2.354  1.990   1.00 24.71 ? 380 HOH A O   1 
HETATM 959 O O   . HOH F 5 .   ? -2.448  -7.121  -12.940 1.00 33.76 ? 381 HOH A O   1 
HETATM 960 O O   . HOH F 5 .   ? -4.503  5.436   -9.748  1.00 30.55 ? 382 HOH A O   1 
HETATM 961 O O   . HOH F 5 .   ? -2.700  18.285  -6.394  1.00 38.63 ? 383 HOH A O   1 
HETATM 962 O O   . HOH F 5 .   ? -7.891  -7.090  8.498   1.00 32.67 ? 384 HOH A O   1 
HETATM 963 O O   . HOH F 5 .   ? 4.303   19.908  3.831   1.00 35.07 ? 385 HOH A O   1 
HETATM 964 O O   . HOH F 5 .   ? 5.668   -8.509  -14.007 1.00 25.67 ? 386 HOH A O   1 
HETATM 965 O O   . HOH F 5 .   ? -2.522  14.147  10.074  1.00 30.17 ? 387 HOH A O   1 
HETATM 966 O O   . HOH F 5 .   ? -7.615  -13.410 0.600   1.00 34.79 ? 388 HOH A O   1 
HETATM 967 O O   . HOH F 5 .   ? -6.280  2.902   -9.812  1.00 37.15 ? 389 HOH A O   1 
HETATM 968 O O   . HOH F 5 .   ? 9.096   2.998   -11.178 1.00 27.95 ? 390 HOH A O   1 
HETATM 969 O O   . HOH F 5 .   ? 7.360   2.799   -3.360  1.00 32.68 ? 391 HOH A O   1 
HETATM 970 O O   . HOH F 5 .   ? 6.752   9.139   1.618   1.00 34.15 ? 392 HOH A O   1 
HETATM 971 O O   . HOH F 5 .   ? 3.871   17.165  0.909   1.00 29.20 ? 393 HOH A O   1 
HETATM 972 O O   . HOH F 5 .   ? 4.090   -6.603  -15.246 1.00 33.80 ? 394 HOH A O   1 
HETATM 973 O O   . HOH F 5 .   ? 18.832  -14.742 2.655   1.00 32.69 ? 395 HOH A O   1 
HETATM 974 O O   . HOH F 5 .   ? -10.658 0.539   -7.421  1.00 36.03 ? 396 HOH A O   1 
HETATM 975 O O   . HOH F 5 .   ? -8.010  -4.121  -7.580  1.00 25.25 ? 397 HOH A O   1 
HETATM 976 O O   . HOH F 5 .   ? 13.896  -3.810  -4.345  1.00 18.04 ? 398 HOH A O   1 
HETATM 977 O O   . HOH F 5 .   ? -10.839 -2.372  0.595   1.00 23.09 ? 399 HOH A O   1 
HETATM 978 O O   . HOH F 5 .   ? -10.428 -7.299  -2.273  1.00 26.77 ? 400 HOH A O   1 
HETATM 979 O O   . HOH F 5 .   ? 12.133  -1.445  -2.841  1.00 32.64 ? 401 HOH A O   1 
HETATM 980 O O   . HOH F 5 .   ? -2.390  -9.776  -12.836 1.00 44.36 ? 402 HOH A O   1 
HETATM 981 O O   . HOH F 5 .   ? 5.736   -19.720 -5.116  1.00 16.80 ? 403 HOH A O   1 
HETATM 982 O O   . HOH F 5 .   ? 4.602   -22.478 -4.708  1.00 11.46 ? 404 HOH A O   1 
HETATM 983 O O   . HOH F 5 .   ? 10.348  0.296   -2.195  1.00 30.38 ? 405 HOH A O   1 
HETATM 984 O O   . HOH F 5 .   ? 7.884   -0.631  7.965   1.00 30.20 ? 406 HOH A O   1 
HETATM 985 O O   . HOH F 5 .   ? -4.560  -15.965 -11.870 1.00 34.69 ? 407 HOH A O   1 
HETATM 986 O O   . HOH F 5 .   ? -1.235  13.122  -8.533  1.00 35.58 ? 408 HOH A O   1 
HETATM 987 O O   . HOH F 5 .   ? -2.333  -4.703  -11.961 1.00 36.75 ? 409 HOH A O   1 
HETATM 988 O O   . HOH F 5 .   ? -6.734  -10.747 -10.587 1.00 27.24 ? 410 HOH A O   1 
HETATM 989 O O   . HOH F 5 .   ? -3.199  -18.419 -15.773 1.00 25.23 ? 411 HOH A O   1 
# 
